data_7X97
# 
_entry.id   7X97 
# 
_audit_conform.dict_name       mmcif_pdbx.dic 
_audit_conform.dict_version    5.395 
_audit_conform.dict_location   http://mmcif.pdb.org/dictionaries/ascii/mmcif_pdbx.dic 
# 
loop_
_database_2.database_id 
_database_2.database_code 
_database_2.pdbx_database_accession 
_database_2.pdbx_DOI 
PDB   7X97         pdb_00007x97 10.2210/pdb7x97/pdb 
WWPDB D_1300028363 ?            ?                   
# 
loop_
_pdbx_audit_revision_history.ordinal 
_pdbx_audit_revision_history.data_content_type 
_pdbx_audit_revision_history.major_revision 
_pdbx_audit_revision_history.minor_revision 
_pdbx_audit_revision_history.revision_date 
1 'Structure model' 1 0 2022-12-14 
2 'Structure model' 2 0 2023-11-15 
3 'Structure model' 2 1 2023-11-29 
4 'Structure model' 3 0 2024-07-10 
# 
_pdbx_audit_revision_details.ordinal             1 
_pdbx_audit_revision_details.revision_ordinal    1 
_pdbx_audit_revision_details.data_content_type   'Structure model' 
_pdbx_audit_revision_details.provider            repository 
_pdbx_audit_revision_details.type                'Initial release' 
_pdbx_audit_revision_details.description         ? 
_pdbx_audit_revision_details.details             ? 
# 
loop_
_pdbx_audit_revision_group.ordinal 
_pdbx_audit_revision_group.revision_ordinal 
_pdbx_audit_revision_group.data_content_type 
_pdbx_audit_revision_group.group 
1 2 'Structure model' Advisory                  
2 2 'Structure model' 'Atomic model'            
3 2 'Structure model' 'Data collection'         
4 2 'Structure model' 'Derived calculations'    
5 3 'Structure model' 'Refinement description'  
6 4 'Structure model' 'Data collection'         
7 4 'Structure model' 'Derived calculations'    
8 4 'Structure model' 'Non-polymer description' 
9 4 'Structure model' 'Structure summary'       
# 
loop_
_pdbx_audit_revision_category.ordinal 
_pdbx_audit_revision_category.revision_ordinal 
_pdbx_audit_revision_category.data_content_type 
_pdbx_audit_revision_category.category 
1  2 'Structure model' atom_site                     
2  2 'Structure model' atom_site_anisotrop           
3  2 'Structure model' chem_comp_atom                
4  2 'Structure model' chem_comp_bond                
5  2 'Structure model' pdbx_validate_close_contact   
6  2 'Structure model' struct_conn                   
7  3 'Structure model' pdbx_initial_refinement_model 
8  4 'Structure model' chem_comp                     
9  4 'Structure model' chem_comp_atom                
10 4 'Structure model' chem_comp_bond                
11 4 'Structure model' entity                        
12 4 'Structure model' struct_conn                   
# 
loop_
_pdbx_audit_revision_item.ordinal 
_pdbx_audit_revision_item.revision_ordinal 
_pdbx_audit_revision_item.data_content_type 
_pdbx_audit_revision_item.item 
1  2 'Structure model' '_atom_site.auth_atom_id'                     
2  2 'Structure model' '_atom_site.label_atom_id'                    
3  2 'Structure model' '_atom_site_anisotrop.pdbx_auth_atom_id'      
4  2 'Structure model' '_atom_site_anisotrop.pdbx_label_atom_id'     
5  2 'Structure model' '_pdbx_validate_close_contact.auth_atom_id_2' 
6  2 'Structure model' '_struct_conn.pdbx_leaving_atom_flag'         
7  2 'Structure model' '_struct_conn.ptnr1_label_atom_id'            
8  2 'Structure model' '_struct_conn.ptnr2_label_atom_id'            
9  4 'Structure model' '_chem_comp.formula'                          
10 4 'Structure model' '_chem_comp.formula_weight'                   
11 4 'Structure model' '_entity.formula_weight'                      
12 4 'Structure model' '_struct_conn.pdbx_leaving_atom_flag'         
# 
_pdbx_database_status.status_code                     REL 
_pdbx_database_status.status_code_sf                  REL 
_pdbx_database_status.status_code_mr                  ? 
_pdbx_database_status.entry_id                        7X97 
_pdbx_database_status.recvd_initial_deposition_date   2022-03-15 
_pdbx_database_status.SG_entry                        N 
_pdbx_database_status.deposit_site                    PDBJ 
_pdbx_database_status.process_site                    PDBJ 
_pdbx_database_status.status_code_cs                  ? 
_pdbx_database_status.status_code_nmr_data            ? 
_pdbx_database_status.methods_development_category    ? 
_pdbx_database_status.pdb_format_compatible           Y 
# 
_pdbx_contact_author.id                 2 
_pdbx_contact_author.email              mhho@nchu.edu.tw 
_pdbx_contact_author.name_first         Ming-Hon 
_pdbx_contact_author.name_last          Hou 
_pdbx_contact_author.name_mi            ? 
_pdbx_contact_author.role               'principal investigator/group leader' 
_pdbx_contact_author.identifier_ORCID   0000-0003-4170-1527 
# 
loop_
_audit_author.name 
_audit_author.pdbx_ordinal 
_audit_author.identifier_ORCID 
'Kao, S.H.'     1 ? 
'Satange, R.B.' 2 ? 
'Hou, M.H.'     3 ? 
# 
_citation.abstract                  ? 
_citation.abstract_id_CAS           ? 
_citation.book_id_ISBN              ? 
_citation.book_publisher            ? 
_citation.book_publisher_city       ? 
_citation.book_title                ? 
_citation.coordinate_linkage        ? 
_citation.country                   UK 
_citation.database_id_Medline       ? 
_citation.details                   ? 
_citation.id                        primary 
_citation.journal_abbrev            'Nucleic Acids Res.' 
_citation.journal_id_ASTM           NARHAD 
_citation.journal_id_CSD            0389 
_citation.journal_id_ISSN           1362-4962 
_citation.journal_full              ? 
_citation.journal_issue             ? 
_citation.journal_volume            50 
_citation.language                  ? 
_citation.page_first                8867 
_citation.page_last                 8881 
_citation.title                     
;Staggered intercalation of DNA duplexes with base-pair modulation by two distinct drug molecules induces asymmetric backbone twisting and structure polymorphism.
;
_citation.year                      2022 
_citation.database_id_CSD           ? 
_citation.pdbx_database_id_DOI      10.1093/nar/gkac629 
_citation.pdbx_database_id_PubMed   35871296 
_citation.pdbx_database_id_patent   ? 
_citation.unpublished_flag          ? 
# 
loop_
_citation_author.citation_id 
_citation_author.name 
_citation_author.ordinal 
_citation_author.identifier_ORCID 
primary 'Satange, R.' 1 0000-0002-5150-9363 
primary 'Kao, S.H.'   2 ?                   
primary 'Chien, C.M.' 3 ?                   
primary 'Chou, S.H.'  4 ?                   
primary 'Lin, C.C.'   5 ?                   
primary 'Neidle, S.'  6 0000-0003-0622-6548 
primary 'Hou, M.H.'   7 0000-0003-4170-1527 
# 
loop_
_entity.id 
_entity.type 
_entity.src_method 
_entity.pdbx_description 
_entity.formula_weight 
_entity.pdbx_number_of_molecules 
_entity.pdbx_ec 
_entity.pdbx_mutation 
_entity.pdbx_fragment 
_entity.details 
1 polymer     syn 
;DNA (5'-D(P*AP*GP*CP*CP*CP*GP*T)-3')
;
2098.399 1  ? ? ? ? 
2 polymer     syn 
;DNA (5'-D(P*AP*CP*GP*GP*GP*CP*T)-3')
;
2138.423 1  ? ? ? ? 
3 polymer     nat DSN-ALA-N2C-MVA-DSN-ALA-NCY-MVA        809.008  1  ? ? ? ? 
4 polymer     nat 'Actinomycin D'                        1291.446 1  ? ? ? ? 
5 non-polymer syn 'ZINC ION'                             65.409   5  ? ? ? ? 
6 non-polymer syn 'POTASSIUM ION'                        39.098   1  ? ? ? ? 
7 non-polymer syn 'CHLORIDE ION'                         35.453   2  ? ? ? ? 
8 non-polymer syn 2-CARBOXYQUINOXALINE                   174.156  2  ? ? ? ? 
9 water       nat water                                  18.015   26 ? ? ? ? 
# 
loop_
_entity_poly.entity_id 
_entity_poly.type 
_entity_poly.nstd_linkage 
_entity_poly.nstd_monomer 
_entity_poly.pdbx_seq_one_letter_code 
_entity_poly.pdbx_seq_one_letter_code_can 
_entity_poly.pdbx_strand_id 
_entity_poly.pdbx_target_identifier 
1 polydeoxyribonucleotide no no  '(DA)(DG)(DC)(DC)(DC)(DG)(DT)'            AGCCCGT     A ? 
2 polydeoxyribonucleotide no no  '(DA)(DC)(DG)(DG)(DG)(DC)(DT)'            ACGGGCT     B ? 
3 'polypeptide(L)'        no yes '(DSN)A(N2C)(MVA)(DSN)A(NCY)(MVA)'        SAXVSAXV    G ? 
4 'polypeptide(L)'        no yes 'T(DVA)P(SAR)(MVA)(PXZ)T(DVA)P(SAR)(MVA)' TVPGVXTVPGV C ? 
# 
loop_
_pdbx_entity_nonpoly.entity_id 
_pdbx_entity_nonpoly.name 
_pdbx_entity_nonpoly.comp_id 
5 'ZINC ION'           ZN  
6 'POTASSIUM ION'      K   
7 'CHLORIDE ION'       CL  
8 2-CARBOXYQUINOXALINE QUI 
9 water                HOH 
# 
loop_
_entity_poly_seq.entity_id 
_entity_poly_seq.num 
_entity_poly_seq.mon_id 
_entity_poly_seq.hetero 
1 1  DA  n 
1 2  DG  n 
1 3  DC  n 
1 4  DC  n 
1 5  DC  n 
1 6  DG  n 
1 7  DT  n 
2 1  DA  n 
2 2  DC  n 
2 3  DG  n 
2 4  DG  n 
2 5  DG  n 
2 6  DC  n 
2 7  DT  n 
3 1  DSN n 
3 2  ALA n 
3 3  N2C n 
3 4  MVA n 
3 5  DSN n 
3 6  ALA n 
3 7  NCY n 
3 8  MVA n 
4 1  THR n 
4 2  DVA n 
4 3  PRO n 
4 4  SAR n 
4 5  MVA n 
4 6  PXZ n 
4 7  THR n 
4 8  DVA n 
4 9  PRO n 
4 10 SAR n 
4 11 MVA n 
# 
loop_
_entity_src_nat.entity_id 
_entity_src_nat.pdbx_src_id 
_entity_src_nat.pdbx_alt_source_flag 
_entity_src_nat.pdbx_beg_seq_num 
_entity_src_nat.pdbx_end_seq_num 
_entity_src_nat.common_name 
_entity_src_nat.pdbx_organism_scientific 
_entity_src_nat.pdbx_ncbi_taxonomy_id 
_entity_src_nat.genus 
_entity_src_nat.species 
_entity_src_nat.strain 
_entity_src_nat.tissue 
_entity_src_nat.tissue_fraction 
_entity_src_nat.pdbx_secretion 
_entity_src_nat.pdbx_fragment 
_entity_src_nat.pdbx_variant 
_entity_src_nat.pdbx_cell_line 
_entity_src_nat.pdbx_atcc 
_entity_src_nat.pdbx_cellular_location 
_entity_src_nat.pdbx_organ 
_entity_src_nat.pdbx_organelle 
_entity_src_nat.pdbx_cell 
_entity_src_nat.pdbx_plasmid_name 
_entity_src_nat.pdbx_plasmid_details 
_entity_src_nat.details 
3 1 sample 1 8  ? Streptomyces 1883 ? ? ? ? ? ? ? ? ? ? ? ? ? ? ? ? ? 
4 1 sample 1 11 ? Streptomyces 1883 ? ? ? ? ? ? ? ? ? ? ? ? ? ? ? ? ? 
# 
loop_
_pdbx_entity_src_syn.entity_id 
_pdbx_entity_src_syn.pdbx_src_id 
_pdbx_entity_src_syn.pdbx_alt_source_flag 
_pdbx_entity_src_syn.pdbx_beg_seq_num 
_pdbx_entity_src_syn.pdbx_end_seq_num 
_pdbx_entity_src_syn.organism_scientific 
_pdbx_entity_src_syn.organism_common_name 
_pdbx_entity_src_syn.ncbi_taxonomy_id 
_pdbx_entity_src_syn.details 
1 1 sample 1 7 'synthetic construct' ? 32630 ? 
2 1 sample 1 7 'synthetic construct' ? 32630 ? 
# 
loop_
_chem_comp.id 
_chem_comp.type 
_chem_comp.mon_nstd_flag 
_chem_comp.name 
_chem_comp.pdbx_synonyms 
_chem_comp.formula 
_chem_comp.formula_weight 
ALA 'L-peptide linking' y ALANINE                                                         ?           'C3 H7 N O2'      89.093  
CL  non-polymer         . 'CHLORIDE ION'                                                  ?           'Cl -1'           35.453  
DA  'DNA linking'       y "2'-DEOXYADENOSINE-5'-MONOPHOSPHATE"                            ?           'C10 H14 N5 O6 P' 331.222 
DC  'DNA linking'       y "2'-DEOXYCYTIDINE-5'-MONOPHOSPHATE"                             ?           'C9 H14 N3 O7 P'  307.197 
DG  'DNA linking'       y "2'-DEOXYGUANOSINE-5'-MONOPHOSPHATE"                            ?           'C10 H14 N5 O7 P' 347.221 
DSN 'D-peptide linking' . D-SERINE                                                        ?           'C3 H7 N O3'      105.093 
DT  'DNA linking'       y "THYMIDINE-5'-MONOPHOSPHATE"                                    ?           'C10 H15 N2 O8 P' 322.208 
DVA 'D-peptide linking' . D-VALINE                                                        ?           'C5 H11 N O2'     117.146 
HOH non-polymer         . WATER                                                           ?           'H2 O'            18.015  
K   non-polymer         . 'POTASSIUM ION'                                                 ?           'K 1'             39.098  
MVA 'L-peptide linking' n N-METHYLVALINE                                                  ?           'C6 H13 N O2'     131.173 
N2C 'L-peptide linking' . N,S-DIMETHYLCYSTEINE                                            ?           'C5 H11 N O2 S'   149.211 
NCY 'L-peptide linking' . N-METHYLCYSTEINE                                                ?           'C4 H9 N O2 S'    135.185 
PRO 'L-peptide linking' y PROLINE                                                         ?           'C5 H9 N O2'      115.130 
PXZ non-polymer         . 2-AMINO-1,9-DICARBONYL-4,6-DIMETHYL-10-DEHYDRO-PHENOXAZIN-3-ONE PHENOXAZINE 'C16 H12 N2 O6'   328.276 
QUI non-polymer         . 2-CARBOXYQUINOXALINE                                            ?           'C9 H6 N2 O2'     174.156 
SAR 'peptide linking'   n SARCOSINE                                                       ?           'C3 H7 N O2'      89.093  
THR 'L-peptide linking' y THREONINE                                                       ?           'C4 H9 N O3'      119.119 
ZN  non-polymer         . 'ZINC ION'                                                      ?           'Zn 2'            65.409  
# 
loop_
_pdbx_poly_seq_scheme.asym_id 
_pdbx_poly_seq_scheme.entity_id 
_pdbx_poly_seq_scheme.seq_id 
_pdbx_poly_seq_scheme.mon_id 
_pdbx_poly_seq_scheme.ndb_seq_num 
_pdbx_poly_seq_scheme.pdb_seq_num 
_pdbx_poly_seq_scheme.auth_seq_num 
_pdbx_poly_seq_scheme.pdb_mon_id 
_pdbx_poly_seq_scheme.auth_mon_id 
_pdbx_poly_seq_scheme.pdb_strand_id 
_pdbx_poly_seq_scheme.pdb_ins_code 
_pdbx_poly_seq_scheme.hetero 
A 1 1  DA  1  1  1  DA  DA  A . n 
A 1 2  DG  2  2  2  DG  DG  A . n 
A 1 3  DC  3  3  3  DC  DC  A . n 
A 1 4  DC  4  4  4  DC  DC  A . n 
A 1 5  DC  5  5  5  DC  DC  A . n 
A 1 6  DG  6  6  6  DG  DG  A . n 
A 1 7  DT  7  7  7  DT  DT  A . n 
B 2 1  DA  1  1  1  DA  DA  B . n 
B 2 2  DC  2  2  2  DC  DC  B . n 
B 2 3  DG  3  3  3  DG  DG  B . n 
B 2 4  DG  4  4  4  DG  DG  B . n 
B 2 5  DG  5  5  5  DG  DG  B . n 
B 2 6  DC  6  6  6  DC  DC  B . n 
B 2 7  DT  7  7  7  DT  DT  B . n 
C 3 1  DSN 1  1  1  DSN DSN G . n 
C 3 2  ALA 2  2  2  ALA ALA G . n 
C 3 3  N2C 3  3  3  N2C N2C G . n 
C 3 4  MVA 4  4  4  MVA MVA G . n 
C 3 5  DSN 5  5  5  DSN DSN G . n 
C 3 6  ALA 6  6  6  ALA ALA G . n 
C 3 7  NCY 7  7  7  NCY NCY G . n 
C 3 8  MVA 8  8  8  MVA MVA G . n 
D 4 1  THR 1  1  1  THR THR C . n 
D 4 2  DVA 2  2  2  DVA DVA C . n 
D 4 3  PRO 3  3  3  PRO PRO C . n 
D 4 4  SAR 4  4  4  SAR SAR C . n 
D 4 5  MVA 5  5  5  MVA MVA C . n 
D 4 6  PXZ 6  6  6  PXZ PXZ C . n 
D 4 7  THR 7  7  7  THR THR C . n 
D 4 8  DVA 8  8  8  DVA DVA C . n 
D 4 9  PRO 9  9  9  PRO PRO C . n 
D 4 10 SAR 10 10 10 SAR SAR C . n 
D 4 11 MVA 11 11 11 MVA MVA C . n 
# 
loop_
_pdbx_nonpoly_scheme.asym_id 
_pdbx_nonpoly_scheme.entity_id 
_pdbx_nonpoly_scheme.mon_id 
_pdbx_nonpoly_scheme.ndb_seq_num 
_pdbx_nonpoly_scheme.pdb_seq_num 
_pdbx_nonpoly_scheme.auth_seq_num 
_pdbx_nonpoly_scheme.pdb_mon_id 
_pdbx_nonpoly_scheme.auth_mon_id 
_pdbx_nonpoly_scheme.pdb_strand_id 
_pdbx_nonpoly_scheme.pdb_ins_code 
E 5 ZN  1  101 101 ZN  ZN  A . 
F 5 ZN  1  102 102 ZN  ZN  A . 
G 5 ZN  1  103 103 ZN  ZN  A . 
H 6 K   1  104 104 K   K   A . 
I 7 CL  1  105 105 CL  CL  A . 
J 5 ZN  1  101 101 ZN  ZN  B . 
K 5 ZN  1  102 102 ZN  ZN  B . 
L 7 CL  1  103 103 CL  CL  B . 
M 8 QUI 1  101 101 QUI QUI G . 
N 8 QUI 1  102 102 QUI QUI G . 
O 9 HOH 1  201 201 HOH HOH A . 
O 9 HOH 2  202 202 HOH HOH A . 
O 9 HOH 3  203 203 HOH HOH A . 
O 9 HOH 4  204 204 HOH HOH A . 
O 9 HOH 5  205 205 HOH HOH A . 
O 9 HOH 6  206 206 HOH HOH A . 
O 9 HOH 7  207 207 HOH HOH A . 
O 9 HOH 8  208 208 HOH HOH A . 
O 9 HOH 9  209 209 HOH HOH A . 
O 9 HOH 10 210 210 HOH HOH A . 
O 9 HOH 11 211 211 HOH HOH A . 
O 9 HOH 12 212 212 HOH HOH A . 
O 9 HOH 13 213 213 HOH HOH A . 
O 9 HOH 14 214 214 HOH HOH A . 
O 9 HOH 15 215 215 HOH HOH A . 
O 9 HOH 16 216 216 HOH HOH A . 
P 9 HOH 1  201 201 HOH HOH B . 
P 9 HOH 2  202 202 HOH HOH B . 
P 9 HOH 3  203 203 HOH HOH B . 
P 9 HOH 4  204 204 HOH HOH B . 
P 9 HOH 5  205 205 HOH HOH B . 
P 9 HOH 6  206 206 HOH HOH B . 
Q 9 HOH 1  201 201 HOH HOH G . 
R 9 HOH 1  101 101 HOH HOH C . 
R 9 HOH 2  102 102 HOH HOH C . 
R 9 HOH 3  103 103 HOH HOH C . 
# 
loop_
_software.citation_id 
_software.classification 
_software.compiler_name 
_software.compiler_version 
_software.contact_author 
_software.contact_author_email 
_software.date 
_software.description 
_software.dependencies 
_software.hardware 
_software.language 
_software.location 
_software.mods 
_software.name 
_software.os 
_software.os_version 
_software.type 
_software.version 
_software.pdbx_ordinal 
? refinement        ? ? ? ? ? ? ? ? ? ? ? PHENIX      ? ? ? 1.9_1692 1 
? 'data scaling'    ? ? ? ? ? ? ? ? ? ? ? HKL-2000    ? ? ? .        2 
? 'data extraction' ? ? ? ? ? ? ? ? ? ? ? PDB_EXTRACT ? ? ? 3.27     3 
? 'data reduction'  ? ? ? ? ? ? ? ? ? ? ? HKL-2000    ? ? ? .        4 
? phasing           ? ? ? ? ? ? ? ? ? ? ? PHENIX      ? ? ? 1.9_1692 5 
# 
_cell.angle_alpha                  90.000 
_cell.angle_alpha_esd              ? 
_cell.angle_beta                   90.000 
_cell.angle_beta_esd               ? 
_cell.angle_gamma                  120.000 
_cell.angle_gamma_esd              ? 
_cell.entry_id                     7X97 
_cell.details                      ? 
_cell.formula_units_Z              ? 
_cell.length_a                     43.452 
_cell.length_a_esd                 ? 
_cell.length_b                     43.452 
_cell.length_b_esd                 ? 
_cell.length_c                     139.365 
_cell.length_c_esd                 ? 
_cell.volume                       ? 
_cell.volume_esd                   ? 
_cell.Z_PDB                        12 
_cell.reciprocal_angle_alpha       ? 
_cell.reciprocal_angle_beta        ? 
_cell.reciprocal_angle_gamma       ? 
_cell.reciprocal_angle_alpha_esd   ? 
_cell.reciprocal_angle_beta_esd    ? 
_cell.reciprocal_angle_gamma_esd   ? 
_cell.reciprocal_length_a          ? 
_cell.reciprocal_length_b          ? 
_cell.reciprocal_length_c          ? 
_cell.reciprocal_length_a_esd      ? 
_cell.reciprocal_length_b_esd      ? 
_cell.reciprocal_length_c_esd      ? 
_cell.pdbx_unique_axis             ? 
# 
_symmetry.entry_id                         7X97 
_symmetry.cell_setting                     ? 
_symmetry.Int_Tables_number                182 
_symmetry.space_group_name_Hall            ? 
_symmetry.space_group_name_H-M             'P 63 2 2' 
_symmetry.pdbx_full_space_group_name_H-M   ? 
# 
_exptl.absorpt_coefficient_mu     ? 
_exptl.absorpt_correction_T_max   ? 
_exptl.absorpt_correction_T_min   ? 
_exptl.absorpt_correction_type    ? 
_exptl.absorpt_process_details    ? 
_exptl.entry_id                   7X97 
_exptl.crystals_number            1 
_exptl.details                    ? 
_exptl.method                     'X-RAY DIFFRACTION' 
_exptl.method_details             ? 
# 
_exptl_crystal.colour                      ? 
_exptl_crystal.density_diffrn              ? 
_exptl_crystal.density_Matthews            2.93 
_exptl_crystal.density_method              ? 
_exptl_crystal.density_percent_sol         58.03 
_exptl_crystal.description                 ? 
_exptl_crystal.F_000                       ? 
_exptl_crystal.id                          1 
_exptl_crystal.preparation                 ? 
_exptl_crystal.size_max                    ? 
_exptl_crystal.size_mid                    ? 
_exptl_crystal.size_min                    ? 
_exptl_crystal.size_rad                    ? 
_exptl_crystal.colour_lustre               ? 
_exptl_crystal.colour_modifier             ? 
_exptl_crystal.colour_primary              ? 
_exptl_crystal.density_meas                ? 
_exptl_crystal.density_meas_esd            ? 
_exptl_crystal.density_meas_gt             ? 
_exptl_crystal.density_meas_lt             ? 
_exptl_crystal.density_meas_temp           ? 
_exptl_crystal.density_meas_temp_esd       ? 
_exptl_crystal.density_meas_temp_gt        ? 
_exptl_crystal.density_meas_temp_lt        ? 
_exptl_crystal.pdbx_crystal_image_url      ? 
_exptl_crystal.pdbx_crystal_image_format   ? 
_exptl_crystal.pdbx_mosaicity              ? 
_exptl_crystal.pdbx_mosaicity_esd          ? 
# 
_exptl_crystal_grow.apparatus       ? 
_exptl_crystal_grow.atmosphere      ? 
_exptl_crystal_grow.crystal_id      1 
_exptl_crystal_grow.details         ? 
_exptl_crystal_grow.method          'VAPOR DIFFUSION, SITTING DROP' 
_exptl_crystal_grow.method_ref      ? 
_exptl_crystal_grow.pH              6.0 
_exptl_crystal_grow.pressure        ? 
_exptl_crystal_grow.pressure_esd    ? 
_exptl_crystal_grow.seeding         ? 
_exptl_crystal_grow.seeding_ref     ? 
_exptl_crystal_grow.temp            293 
_exptl_crystal_grow.temp_details    ? 
_exptl_crystal_grow.temp_esd        ? 
_exptl_crystal_grow.time            ? 
_exptl_crystal_grow.pdbx_details    
;0.25 mM Oligonucleotides, 0.25 mM Echinomycin, 0.125 mM Actinomycin D, 2.5 mM Sodium cacodylate (pH 6.5), 0.5 mM Spermine tetrahydrochloride, 6 mM Zinc chloride, 3.5 mM Potassium chloride, PEG200 3% (v/v), Reservoir PEG 200 (30% v/v)
;
_exptl_crystal_grow.pdbx_pH_range   ? 
# 
_diffrn.ambient_environment              ? 
_diffrn.ambient_temp                     100 
_diffrn.ambient_temp_details             ? 
_diffrn.ambient_temp_esd                 ? 
_diffrn.crystal_id                       1 
_diffrn.crystal_support                  ? 
_diffrn.crystal_treatment                ? 
_diffrn.details                          ? 
_diffrn.id                               1 
_diffrn.ambient_pressure                 ? 
_diffrn.ambient_pressure_esd             ? 
_diffrn.ambient_pressure_gt              ? 
_diffrn.ambient_pressure_lt              ? 
_diffrn.ambient_temp_gt                  ? 
_diffrn.ambient_temp_lt                  ? 
_diffrn.pdbx_serial_crystal_experiment   N 
# 
_diffrn_detector.details                      ? 
_diffrn_detector.detector                     CCD 
_diffrn_detector.diffrn_id                    1 
_diffrn_detector.type                         'RAYONIX MX300-HS' 
_diffrn_detector.area_resol_mean              ? 
_diffrn_detector.dtime                        ? 
_diffrn_detector.pdbx_frames_total            ? 
_diffrn_detector.pdbx_collection_time_total   ? 
_diffrn_detector.pdbx_collection_date         2019-03-15 
_diffrn_detector.pdbx_frequency               ? 
# 
_diffrn_radiation.collimation                      ? 
_diffrn_radiation.diffrn_id                        1 
_diffrn_radiation.filter_edge                      ? 
_diffrn_radiation.inhomogeneity                    ? 
_diffrn_radiation.monochromator                    ? 
_diffrn_radiation.polarisn_norm                    ? 
_diffrn_radiation.polarisn_ratio                   ? 
_diffrn_radiation.probe                            ? 
_diffrn_radiation.type                             ? 
_diffrn_radiation.xray_symbol                      ? 
_diffrn_radiation.wavelength_id                    1 
_diffrn_radiation.pdbx_monochromatic_or_laue_m_l   M 
_diffrn_radiation.pdbx_wavelength_list             ? 
_diffrn_radiation.pdbx_wavelength                  ? 
_diffrn_radiation.pdbx_diffrn_protocol             'SINGLE WAVELENGTH' 
_diffrn_radiation.pdbx_analyzer                    ? 
_diffrn_radiation.pdbx_scattering_type             x-ray 
# 
_diffrn_radiation_wavelength.id           1 
_diffrn_radiation_wavelength.wavelength   0.99984 
_diffrn_radiation_wavelength.wt           1.0 
# 
_diffrn_source.current                     ? 
_diffrn_source.details                     ? 
_diffrn_source.diffrn_id                   1 
_diffrn_source.power                       ? 
_diffrn_source.size                        ? 
_diffrn_source.source                      SYNCHROTRON 
_diffrn_source.target                      ? 
_diffrn_source.type                        'NSRRC BEAMLINE TPS 05A' 
_diffrn_source.voltage                     ? 
_diffrn_source.take-off_angle              ? 
_diffrn_source.pdbx_wavelength_list        0.99984 
_diffrn_source.pdbx_wavelength             ? 
_diffrn_source.pdbx_synchrotron_beamline   'TPS 05A' 
_diffrn_source.pdbx_synchrotron_site       NSRRC 
# 
_reflns.B_iso_Wilson_estimate                          19.740 
_reflns.entry_id                                       7X97 
_reflns.data_reduction_details                         ? 
_reflns.data_reduction_method                          ? 
_reflns.d_resolution_high                              1.950 
_reflns.d_resolution_low                               30.000 
_reflns.details                                        ? 
_reflns.limit_h_max                                    ? 
_reflns.limit_h_min                                    ? 
_reflns.limit_k_max                                    ? 
_reflns.limit_k_min                                    ? 
_reflns.limit_l_max                                    ? 
_reflns.limit_l_min                                    ? 
_reflns.number_all                                     ? 
_reflns.number_obs                                     7161 
_reflns.observed_criterion                             ? 
_reflns.observed_criterion_F_max                       ? 
_reflns.observed_criterion_F_min                       ? 
_reflns.observed_criterion_I_max                       ? 
_reflns.observed_criterion_I_min                       ? 
_reflns.observed_criterion_sigma_F                     ? 
_reflns.observed_criterion_sigma_I                     ? 
_reflns.percent_possible_obs                           97.800 
_reflns.R_free_details                                 ? 
_reflns.Rmerge_F_all                                   ? 
_reflns.Rmerge_F_obs                                   ? 
_reflns.Friedel_coverage                               ? 
_reflns.number_gt                                      ? 
_reflns.threshold_expression                           ? 
_reflns.pdbx_redundancy                                12.300 
_reflns.pdbx_Rmerge_I_obs                              0.057 
_reflns.pdbx_Rmerge_I_all                              ? 
_reflns.pdbx_Rsym_value                                ? 
_reflns.pdbx_netI_over_av_sigmaI                       ? 
_reflns.pdbx_netI_over_sigmaI                          7.700 
_reflns.pdbx_res_netI_over_av_sigmaI_2                 ? 
_reflns.pdbx_res_netI_over_sigmaI_2                    ? 
_reflns.pdbx_chi_squared                               0.888 
_reflns.pdbx_scaling_rejects                           ? 
_reflns.pdbx_d_res_high_opt                            ? 
_reflns.pdbx_d_res_low_opt                             ? 
_reflns.pdbx_d_res_opt_method                          ? 
_reflns.phase_calculation_details                      ? 
_reflns.pdbx_Rrim_I_all                                0.060 
_reflns.pdbx_Rpim_I_all                                0.018 
_reflns.pdbx_d_opt                                     ? 
_reflns.pdbx_number_measured_all                       76141 
_reflns.pdbx_diffrn_id                                 1 
_reflns.pdbx_ordinal                                   1 
_reflns.pdbx_CC_half                                   ? 
_reflns.pdbx_CC_star                                   ? 
_reflns.pdbx_R_split                                   ? 
_reflns.pdbx_aniso_diffraction_limit_axis_1_ortho[1]   ? 
_reflns.pdbx_aniso_diffraction_limit_axis_1_ortho[2]   ? 
_reflns.pdbx_aniso_diffraction_limit_axis_1_ortho[3]   ? 
_reflns.pdbx_aniso_diffraction_limit_axis_2_ortho[1]   ? 
_reflns.pdbx_aniso_diffraction_limit_axis_2_ortho[2]   ? 
_reflns.pdbx_aniso_diffraction_limit_axis_2_ortho[3]   ? 
_reflns.pdbx_aniso_diffraction_limit_axis_3_ortho[1]   ? 
_reflns.pdbx_aniso_diffraction_limit_axis_3_ortho[2]   ? 
_reflns.pdbx_aniso_diffraction_limit_axis_3_ortho[3]   ? 
_reflns.pdbx_aniso_diffraction_limit_1                 ? 
_reflns.pdbx_aniso_diffraction_limit_2                 ? 
_reflns.pdbx_aniso_diffraction_limit_3                 ? 
_reflns.pdbx_aniso_B_tensor_eigenvector_1_ortho[1]     ? 
_reflns.pdbx_aniso_B_tensor_eigenvector_1_ortho[2]     ? 
_reflns.pdbx_aniso_B_tensor_eigenvector_1_ortho[3]     ? 
_reflns.pdbx_aniso_B_tensor_eigenvector_2_ortho[1]     ? 
_reflns.pdbx_aniso_B_tensor_eigenvector_2_ortho[2]     ? 
_reflns.pdbx_aniso_B_tensor_eigenvector_2_ortho[3]     ? 
_reflns.pdbx_aniso_B_tensor_eigenvector_3_ortho[1]     ? 
_reflns.pdbx_aniso_B_tensor_eigenvector_3_ortho[2]     ? 
_reflns.pdbx_aniso_B_tensor_eigenvector_3_ortho[3]     ? 
_reflns.pdbx_aniso_B_tensor_eigenvalue_1               ? 
_reflns.pdbx_aniso_B_tensor_eigenvalue_2               ? 
_reflns.pdbx_aniso_B_tensor_eigenvalue_3               ? 
_reflns.pdbx_orthogonalization_convention              ? 
_reflns.pdbx_percent_possible_ellipsoidal              ? 
_reflns.pdbx_percent_possible_spherical                ? 
_reflns.pdbx_percent_possible_ellipsoidal_anomalous    ? 
_reflns.pdbx_percent_possible_spherical_anomalous      ? 
_reflns.pdbx_redundancy_anomalous                      ? 
_reflns.pdbx_CC_half_anomalous                         ? 
_reflns.pdbx_absDiff_over_sigma_anomalous              ? 
_reflns.pdbx_percent_possible_anomalous                ? 
_reflns.pdbx_observed_signal_threshold                 ? 
_reflns.pdbx_signal_type                               ? 
_reflns.pdbx_signal_details                            ? 
_reflns.pdbx_signal_software_id                        ? 
# 
_reflns_shell.d_res_high                                    1.950 
_reflns_shell.d_res_low                                     2.020 
_reflns_shell.meanI_over_sigI_all                           ? 
_reflns_shell.meanI_over_sigI_obs                           ? 
_reflns_shell.number_measured_all                           ? 
_reflns_shell.number_measured_obs                           ? 
_reflns_shell.number_possible                               ? 
_reflns_shell.number_unique_all                             ? 
_reflns_shell.number_unique_obs                             702 
_reflns_shell.percent_possible_all                          93.100 
_reflns_shell.percent_possible_obs                          ? 
_reflns_shell.Rmerge_F_all                                  ? 
_reflns_shell.Rmerge_F_obs                                  ? 
_reflns_shell.Rmerge_I_all                                  ? 
_reflns_shell.Rmerge_I_obs                                  0.399 
_reflns_shell.meanI_over_sigI_gt                            ? 
_reflns_shell.meanI_over_uI_all                             ? 
_reflns_shell.meanI_over_uI_gt                              ? 
_reflns_shell.number_measured_gt                            ? 
_reflns_shell.number_unique_gt                              ? 
_reflns_shell.percent_possible_gt                           ? 
_reflns_shell.Rmerge_F_gt                                   ? 
_reflns_shell.Rmerge_I_gt                                   ? 
_reflns_shell.pdbx_redundancy                               7.800 
_reflns_shell.pdbx_Rsym_value                               ? 
_reflns_shell.pdbx_chi_squared                              0.859 
_reflns_shell.pdbx_netI_over_sigmaI_all                     ? 
_reflns_shell.pdbx_netI_over_sigmaI_obs                     ? 
_reflns_shell.pdbx_Rrim_I_all                               0.034 
_reflns_shell.pdbx_Rpim_I_all                               0.010 
_reflns_shell.pdbx_rejects                                  ? 
_reflns_shell.pdbx_ordinal                                  1 
_reflns_shell.pdbx_diffrn_id                                1 
_reflns_shell.pdbx_CC_half                                  0.999 
_reflns_shell.pdbx_CC_star                                  ? 
_reflns_shell.pdbx_R_split                                  ? 
_reflns_shell.pdbx_percent_possible_ellipsoidal             ? 
_reflns_shell.pdbx_percent_possible_spherical               ? 
_reflns_shell.pdbx_percent_possible_ellipsoidal_anomalous   ? 
_reflns_shell.pdbx_percent_possible_spherical_anomalous     ? 
_reflns_shell.pdbx_redundancy_anomalous                     ? 
_reflns_shell.pdbx_CC_half_anomalous                        ? 
_reflns_shell.pdbx_absDiff_over_sigma_anomalous             ? 
_reflns_shell.pdbx_percent_possible_anomalous               ? 
# 
_refine.aniso_B[1][1]                            ? 
_refine.aniso_B[1][2]                            ? 
_refine.aniso_B[1][3]                            ? 
_refine.aniso_B[2][2]                            ? 
_refine.aniso_B[2][3]                            ? 
_refine.aniso_B[3][3]                            ? 
_refine.B_iso_max                                116.560 
_refine.B_iso_mean                               25.4700 
_refine.B_iso_min                                7.010 
_refine.correlation_coeff_Fo_to_Fc               ? 
_refine.correlation_coeff_Fo_to_Fc_free          ? 
_refine.details                                  ? 
_refine.diff_density_max                         ? 
_refine.diff_density_max_esd                     ? 
_refine.diff_density_min                         ? 
_refine.diff_density_min_esd                     ? 
_refine.diff_density_rms                         ? 
_refine.diff_density_rms_esd                     ? 
_refine.entry_id                                 7X97 
_refine.pdbx_refine_id                           'X-RAY DIFFRACTION' 
_refine.ls_abs_structure_details                 ? 
_refine.ls_abs_structure_Flack                   ? 
_refine.ls_abs_structure_Flack_esd               ? 
_refine.ls_abs_structure_Rogers                  ? 
_refine.ls_abs_structure_Rogers_esd              ? 
_refine.ls_d_res_high                            1.9500 
_refine.ls_d_res_low                             25.5700 
_refine.ls_extinction_coef                       ? 
_refine.ls_extinction_coef_esd                   ? 
_refine.ls_extinction_expression                 ? 
_refine.ls_extinction_method                     ? 
_refine.ls_goodness_of_fit_all                   ? 
_refine.ls_goodness_of_fit_all_esd               ? 
_refine.ls_goodness_of_fit_obs                   ? 
_refine.ls_goodness_of_fit_obs_esd               ? 
_refine.ls_hydrogen_treatment                    ? 
_refine.ls_matrix_type                           ? 
_refine.ls_number_constraints                    ? 
_refine.ls_number_parameters                     ? 
_refine.ls_number_reflns_all                     ? 
_refine.ls_number_reflns_obs                     7161 
_refine.ls_number_reflns_R_free                  701 
_refine.ls_number_reflns_R_work                  6460 
_refine.ls_number_restraints                     ? 
_refine.ls_percent_reflns_obs                    66.6000 
_refine.ls_percent_reflns_R_free                 9.7900 
_refine.ls_R_factor_all                          ? 
_refine.ls_R_factor_obs                          0.2340 
_refine.ls_R_factor_R_free                       0.2820 
_refine.ls_R_factor_R_free_error                 ? 
_refine.ls_R_factor_R_free_error_details         ? 
_refine.ls_R_factor_R_work                       0.2290 
_refine.ls_R_Fsqd_factor_obs                     ? 
_refine.ls_R_I_factor_obs                        ? 
_refine.ls_redundancy_reflns_all                 ? 
_refine.ls_redundancy_reflns_obs                 ? 
_refine.ls_restrained_S_all                      ? 
_refine.ls_restrained_S_obs                      ? 
_refine.ls_shift_over_esd_max                    ? 
_refine.ls_shift_over_esd_mean                   ? 
_refine.ls_structure_factor_coef                 ? 
_refine.ls_weighting_details                     ? 
_refine.ls_weighting_scheme                      ? 
_refine.ls_wR_factor_all                         ? 
_refine.ls_wR_factor_obs                         ? 
_refine.ls_wR_factor_R_free                      ? 
_refine.ls_wR_factor_R_work                      ? 
_refine.occupancy_max                            ? 
_refine.occupancy_min                            ? 
_refine.solvent_model_details                    'FLAT BULK SOLVENT MODEL' 
_refine.solvent_model_param_bsol                 ? 
_refine.solvent_model_param_ksol                 ? 
_refine.pdbx_R_complete                          ? 
_refine.ls_R_factor_gt                           ? 
_refine.ls_goodness_of_fit_gt                    ? 
_refine.ls_goodness_of_fit_ref                   ? 
_refine.ls_shift_over_su_max                     ? 
_refine.ls_shift_over_su_max_lt                  ? 
_refine.ls_shift_over_su_mean                    ? 
_refine.ls_shift_over_su_mean_lt                 ? 
_refine.pdbx_ls_sigma_I                          ? 
_refine.pdbx_ls_sigma_F                          1.360 
_refine.pdbx_ls_sigma_Fsqd                       ? 
_refine.pdbx_data_cutoff_high_absF               ? 
_refine.pdbx_data_cutoff_high_rms_absF           ? 
_refine.pdbx_data_cutoff_low_absF                ? 
_refine.pdbx_isotropic_thermal_model             ? 
_refine.pdbx_ls_cross_valid_method               THROUGHOUT 
_refine.pdbx_method_to_determine_struct          'MOLECULAR REPLACEMENT' 
_refine.pdbx_starting_model                      7DQ0 
_refine.pdbx_stereochemistry_target_values       ML 
_refine.pdbx_R_Free_selection_details            ? 
_refine.pdbx_stereochem_target_val_spec_case     ? 
_refine.pdbx_overall_ESU_R                       ? 
_refine.pdbx_overall_ESU_R_Free                  ? 
_refine.pdbx_solvent_vdw_probe_radii             1.1100 
_refine.pdbx_solvent_ion_probe_radii             ? 
_refine.pdbx_solvent_shrinkage_radii             0.9000 
_refine.pdbx_real_space_R                        ? 
_refine.pdbx_density_correlation                 ? 
_refine.pdbx_pd_number_of_powder_patterns        ? 
_refine.pdbx_pd_number_of_points                 ? 
_refine.pdbx_pd_meas_number_of_points            ? 
_refine.pdbx_pd_proc_ls_prof_R_factor            ? 
_refine.pdbx_pd_proc_ls_prof_wR_factor           ? 
_refine.pdbx_pd_Marquardt_correlation_coeff      ? 
_refine.pdbx_pd_Fsqrd_R_factor                   ? 
_refine.pdbx_pd_ls_matrix_band_width             ? 
_refine.pdbx_overall_phase_error                 28.6100 
_refine.pdbx_overall_SU_R_free_Cruickshank_DPI   ? 
_refine.pdbx_overall_SU_R_free_Blow_DPI          ? 
_refine.pdbx_overall_SU_R_Blow_DPI               ? 
_refine.pdbx_TLS_residual_ADP_flag               ? 
_refine.pdbx_diffrn_id                           1 
_refine.overall_SU_B                             ? 
_refine.overall_SU_ML                            0.2600 
_refine.overall_SU_R_Cruickshank_DPI             ? 
_refine.overall_SU_R_free                        ? 
_refine.overall_FOM_free_R_set                   ? 
_refine.overall_FOM_work_R_set                   ? 
_refine.pdbx_average_fsc_overall                 ? 
_refine.pdbx_average_fsc_work                    ? 
_refine.pdbx_average_fsc_free                    ? 
# 
_refine_hist.pdbx_refine_id                   'X-RAY DIFFRACTION' 
_refine_hist.cycle_id                         final 
_refine_hist.details                          ? 
_refine_hist.d_res_high                       1.9500 
_refine_hist.d_res_low                        25.5700 
_refine_hist.number_atoms_solvent             26 
_refine_hist.number_atoms_total               488 
_refine_hist.number_reflns_all                ? 
_refine_hist.number_reflns_obs                ? 
_refine_hist.number_reflns_R_free             ? 
_refine_hist.number_reflns_R_work             ? 
_refine_hist.R_factor_all                     ? 
_refine_hist.R_factor_obs                     ? 
_refine_hist.R_factor_R_free                  ? 
_refine_hist.R_factor_R_work                  ? 
_refine_hist.pdbx_number_residues_total       33 
_refine_hist.pdbx_B_iso_mean_ligand           18.52 
_refine_hist.pdbx_B_iso_mean_solvent          22.18 
_refine_hist.pdbx_number_atoms_protein        143 
_refine_hist.pdbx_number_atoms_nucleic_acid   287 
_refine_hist.pdbx_number_atoms_ligand         32 
_refine_hist.pdbx_number_atoms_lipid          ? 
_refine_hist.pdbx_number_atoms_carb           ? 
_refine_hist.pdbx_pseudo_atom_details         ? 
# 
loop_
_refine_ls_shell.pdbx_refine_id 
_refine_ls_shell.d_res_high 
_refine_ls_shell.d_res_low 
_refine_ls_shell.number_reflns_all 
_refine_ls_shell.number_reflns_obs 
_refine_ls_shell.number_reflns_R_free 
_refine_ls_shell.number_reflns_R_work 
_refine_ls_shell.percent_reflns_obs 
_refine_ls_shell.percent_reflns_R_free 
_refine_ls_shell.R_factor_all 
_refine_ls_shell.R_factor_obs 
_refine_ls_shell.R_factor_R_free 
_refine_ls_shell.R_factor_R_free_error 
_refine_ls_shell.R_factor_R_work 
_refine_ls_shell.redundancy_reflns_all 
_refine_ls_shell.redundancy_reflns_obs 
_refine_ls_shell.wR_factor_all 
_refine_ls_shell.wR_factor_obs 
_refine_ls_shell.wR_factor_R_free 
_refine_ls_shell.wR_factor_R_work 
_refine_ls_shell.pdbx_R_complete 
_refine_ls_shell.pdbx_total_number_of_bins_used 
_refine_ls_shell.pdbx_phase_error 
_refine_ls_shell.pdbx_fsc_work 
_refine_ls_shell.pdbx_fsc_free 
'X-RAY DIFFRACTION' 1.9504 2.1009  630  . 61  569  29.0000 . . . 0.3545 0.0000 0.2699 . . . . . . . 5 . . . 
'X-RAY DIFFRACTION' 2.1009 2.3122  890  . 78  812  41.0000 . . . 0.3478 0.0000 0.2769 . . . . . . . 5 . . . 
'X-RAY DIFFRACTION' 2.3122 2.6465  1389 . 139 1250 65.0000 . . . 0.3158 0.0000 0.2847 . . . . . . . 5 . . . 
'X-RAY DIFFRACTION' 2.6465 3.3331  2143 . 214 1929 99.0000 . . . 0.3109 0.0000 0.2563 . . . . . . . 5 . . . 
'X-RAY DIFFRACTION' 3.3331 25.5000 2109 . 209 1900 98.0000 . . . 0.2366 0.0000 0.1833 . . . . . . . 5 . . . 
# 
_struct.entry_id                     7X97 
_struct.title                        'Crystal structure of actinomycin D-echinomycin-d(AGCCCGT/ACGGGCT) complex' 
_struct.pdbx_model_details           ? 
_struct.pdbx_formula_weight          ? 
_struct.pdbx_formula_weight_method   ? 
_struct.pdbx_model_type_details      ? 
_struct.pdbx_CASP_flag               N 
# 
_struct_keywords.entry_id        7X97 
_struct_keywords.text            
'C:G Watson-Crick base pair, Single-strand DNA twisting, Actinomycin D, Echinomycin, DNA-antibiotic complex, DNA' 
_struct_keywords.pdbx_keywords   DNA/ANTIBIOTIC 
# 
loop_
_struct_asym.id 
_struct_asym.pdbx_blank_PDB_chainid_flag 
_struct_asym.pdbx_modified 
_struct_asym.entity_id 
_struct_asym.details 
A N N 1 ? 
B N N 2 ? 
C N N 3 ? 
D N N 4 ? 
E N N 5 ? 
F N N 5 ? 
G N N 5 ? 
H N N 6 ? 
I N N 7 ? 
J N N 5 ? 
K N N 5 ? 
L N N 7 ? 
M N N 8 ? 
N N N 8 ? 
O N N 9 ? 
P N N 9 ? 
Q N N 9 ? 
R N N 9 ? 
# 
loop_
_struct_ref.id 
_struct_ref.db_name 
_struct_ref.db_code 
_struct_ref.pdbx_db_accession 
_struct_ref.pdbx_db_isoform 
_struct_ref.entity_id 
_struct_ref.pdbx_seq_one_letter_code 
_struct_ref.pdbx_align_begin 
1 PDB 7X97 7X97 ? 1 ? 1 
2 PDB 7X97 7X97 ? 2 ? 1 
3 PDB 7X97 7X97 ? 3 ? 1 
4 PDB 7X97 7X97 ? 4 ? 1 
# 
loop_
_struct_ref_seq.align_id 
_struct_ref_seq.ref_id 
_struct_ref_seq.pdbx_PDB_id_code 
_struct_ref_seq.pdbx_strand_id 
_struct_ref_seq.seq_align_beg 
_struct_ref_seq.pdbx_seq_align_beg_ins_code 
_struct_ref_seq.seq_align_end 
_struct_ref_seq.pdbx_seq_align_end_ins_code 
_struct_ref_seq.pdbx_db_accession 
_struct_ref_seq.db_align_beg 
_struct_ref_seq.pdbx_db_align_beg_ins_code 
_struct_ref_seq.db_align_end 
_struct_ref_seq.pdbx_db_align_end_ins_code 
_struct_ref_seq.pdbx_auth_seq_align_beg 
_struct_ref_seq.pdbx_auth_seq_align_end 
1 1 7X97 A 1 ? 7  ? 7X97 1 ? 7  ? 1 7  
2 2 7X97 B 1 ? 7  ? 7X97 1 ? 7  ? 1 7  
3 3 7X97 G 1 ? 8  ? 7X97 1 ? 8  ? 1 8  
4 4 7X97 C 1 ? 11 ? 7X97 1 ? 11 ? 1 11 
# 
_pdbx_struct_assembly.id                   1 
_pdbx_struct_assembly.details              author_defined_assembly 
_pdbx_struct_assembly.method_details       ? 
_pdbx_struct_assembly.oligomeric_details   tetrameric 
_pdbx_struct_assembly.oligomeric_count     4 
# 
loop_
_pdbx_struct_assembly_prop.biol_id 
_pdbx_struct_assembly_prop.type 
_pdbx_struct_assembly_prop.value 
_pdbx_struct_assembly_prop.details 
1 'ABSA (A^2)' 5280 ? 
1 MORE         -110 ? 
1 'SSA (A^2)'  2880 ? 
# 
_pdbx_struct_assembly_gen.assembly_id       1 
_pdbx_struct_assembly_gen.oper_expression   1 
_pdbx_struct_assembly_gen.asym_id_list      A,B,C,D,E,F,G,H,I,J,K,L,M,N,O,P,Q,R 
# 
_pdbx_struct_assembly_auth_evidence.id                     1 
_pdbx_struct_assembly_auth_evidence.assembly_id            1 
_pdbx_struct_assembly_auth_evidence.experimental_support   none 
_pdbx_struct_assembly_auth_evidence.details                ? 
# 
_pdbx_struct_oper_list.id                   1 
_pdbx_struct_oper_list.type                 'identity operation' 
_pdbx_struct_oper_list.name                 1_555 
_pdbx_struct_oper_list.symmetry_operation   x,y,z 
_pdbx_struct_oper_list.matrix[1][1]         1.0000000000 
_pdbx_struct_oper_list.matrix[1][2]         0.0000000000 
_pdbx_struct_oper_list.matrix[1][3]         0.0000000000 
_pdbx_struct_oper_list.vector[1]            0.0000000000 
_pdbx_struct_oper_list.matrix[2][1]         0.0000000000 
_pdbx_struct_oper_list.matrix[2][2]         1.0000000000 
_pdbx_struct_oper_list.matrix[2][3]         0.0000000000 
_pdbx_struct_oper_list.vector[2]            0.0000000000 
_pdbx_struct_oper_list.matrix[3][1]         0.0000000000 
_pdbx_struct_oper_list.matrix[3][2]         0.0000000000 
_pdbx_struct_oper_list.matrix[3][3]         1.0000000000 
_pdbx_struct_oper_list.vector[3]            0.0000000000 
# 
loop_
_struct_conn.id 
_struct_conn.conn_type_id 
_struct_conn.pdbx_leaving_atom_flag 
_struct_conn.pdbx_PDB_id 
_struct_conn.ptnr1_label_asym_id 
_struct_conn.ptnr1_label_comp_id 
_struct_conn.ptnr1_label_seq_id 
_struct_conn.ptnr1_label_atom_id 
_struct_conn.pdbx_ptnr1_label_alt_id 
_struct_conn.pdbx_ptnr1_PDB_ins_code 
_struct_conn.pdbx_ptnr1_standard_comp_id 
_struct_conn.ptnr1_symmetry 
_struct_conn.ptnr2_label_asym_id 
_struct_conn.ptnr2_label_comp_id 
_struct_conn.ptnr2_label_seq_id 
_struct_conn.ptnr2_label_atom_id 
_struct_conn.pdbx_ptnr2_label_alt_id 
_struct_conn.pdbx_ptnr2_PDB_ins_code 
_struct_conn.ptnr1_auth_asym_id 
_struct_conn.ptnr1_auth_comp_id 
_struct_conn.ptnr1_auth_seq_id 
_struct_conn.ptnr2_auth_asym_id 
_struct_conn.ptnr2_auth_comp_id 
_struct_conn.ptnr2_auth_seq_id 
_struct_conn.ptnr2_symmetry 
_struct_conn.pdbx_ptnr3_label_atom_id 
_struct_conn.pdbx_ptnr3_label_seq_id 
_struct_conn.pdbx_ptnr3_label_comp_id 
_struct_conn.pdbx_ptnr3_label_asym_id 
_struct_conn.pdbx_ptnr3_label_alt_id 
_struct_conn.pdbx_ptnr3_PDB_ins_code 
_struct_conn.details 
_struct_conn.pdbx_dist_value 
_struct_conn.pdbx_value_order 
_struct_conn.pdbx_role 
covale1  covale both ? C DSN 1  C     ? ? ? 1_555 C ALA 2  N  ? ? G DSN 1   G ALA 2   1_555 ? ? ? ? ? ? ?            1.322 ? ? 
covale2  covale one  ? C DSN 1  OG    ? ? ? 1_555 C MVA 8  C  ? ? G DSN 1   G MVA 8   1_555 ? ? ? ? ? ? ?            1.225 ? ? 
covale3  covale both ? C DSN 1  N     ? ? ? 1_555 N QUI .  C  ? ? G DSN 1   G QUI 102 1_555 ? ? ? ? ? ? ?            1.442 ? ? 
covale4  covale both ? C ALA 2  C     ? ? ? 1_555 C N2C 3  N  ? ? G ALA 2   G N2C 3   1_555 ? ? ? ? ? ? ?            1.340 ? ? 
covale5  covale both ? C N2C 3  C     ? ? ? 1_555 C MVA 4  N  ? ? G N2C 3   G MVA 4   1_555 ? ? ? ? ? ? ?            1.334 ? ? 
covale6  covale both ? C N2C 3  CB    ? ? ? 1_555 C NCY 7  SG ? ? G N2C 3   G NCY 7   1_555 ? ? ? ? ? ? ?            1.779 ? ? 
covale7  covale one  ? C MVA 4  C     ? ? ? 1_555 C DSN 5  OG ? ? G MVA 4   G DSN 5   1_555 ? ? ? ? ? ? ?            1.394 ? ? 
covale8  covale both ? C DSN 5  C     ? ? ? 1_555 C ALA 6  N  ? ? G DSN 5   G ALA 6   1_555 ? ? ? ? ? ? ?            1.320 ? ? 
covale9  covale both ? C DSN 5  N     ? ? ? 1_555 M QUI .  C  ? ? G DSN 5   G QUI 101 1_555 ? ? ? ? ? ? ?            1.428 ? ? 
covale10 covale both ? C ALA 6  C     ? ? ? 1_555 C NCY 7  N  ? ? G ALA 6   G NCY 7   1_555 ? ? ? ? ? ? ?            1.339 ? ? 
covale11 covale both ? C NCY 7  C     ? ? ? 1_555 C MVA 8  N  ? ? G NCY 7   G MVA 8   1_555 ? ? ? ? ? ? ?            1.338 ? ? 
covale12 covale both ? D THR 1  C     ? ? ? 1_555 D DVA 2  N  ? ? C THR 1   C DVA 2   1_555 ? ? ? ? ? ? ?            1.325 ? ? 
covale13 covale one  ? D THR 1  OG1   ? ? ? 1_555 D MVA 5  C  ? ? C THR 1   C MVA 5   1_555 ? ? ? ? ? ? ?            1.453 ? ? 
covale14 covale both ? D THR 1  N     ? ? ? 1_555 D PXZ 6  C0 ? ? C THR 1   C PXZ 6   1_555 ? ? ? ? ? ? ?            1.376 ? ? 
covale15 covale both ? D DVA 2  C     ? ? ? 1_555 D PRO 3  N  ? ? C DVA 2   C PRO 3   1_555 ? ? ? ? ? ? ?            1.347 ? ? 
covale16 covale both ? D PRO 3  C     ? ? ? 1_555 D SAR 4  N  ? ? C PRO 3   C SAR 4   1_555 ? ? ? ? ? ? ?            1.330 ? ? 
covale17 covale both ? D SAR 4  C     ? ? ? 1_555 D MVA 5  N  ? ? C SAR 4   C MVA 5   1_555 ? ? ? ? ? ? ?            1.330 ? ? 
covale18 covale both ? D PXZ 6  "C0'" ? ? ? 1_555 D THR 7  N  ? ? C PXZ 6   C THR 7   1_555 ? ? ? ? ? ? ?            1.541 ? ? 
covale19 covale both ? D THR 7  C     ? ? ? 1_555 D DVA 8  N  ? ? C THR 7   C DVA 8   1_555 ? ? ? ? ? ? ?            1.329 ? ? 
covale20 covale one  ? D THR 7  OG1   ? ? ? 1_555 D MVA 11 C  ? ? C THR 7   C MVA 11  1_555 ? ? ? ? ? ? ?            1.511 ? ? 
covale21 covale both ? D DVA 8  C     ? ? ? 1_555 D PRO 9  N  ? ? C DVA 8   C PRO 9   1_555 ? ? ? ? ? ? ?            1.352 ? ? 
covale22 covale both ? D PRO 9  C     ? ? ? 1_555 D SAR 10 N  ? ? C PRO 9   C SAR 10  1_555 ? ? ? ? ? ? ?            1.323 ? ? 
covale23 covale both ? D SAR 10 C     ? ? ? 1_555 D MVA 11 N  ? ? C SAR 10  C MVA 11  1_555 ? ? ? ? ? ? ?            1.332 ? ? 
metalc1  metalc ?    ? A DA  1  N7    ? ? ? 1_555 F ZN  .  ZN ? ? A DA  1   A ZN  102 1_555 ? ? ? ? ? ? ?            2.434 ? ? 
metalc2  metalc ?    ? A DA  1  OP1   ? ? ? 1_555 H K   .  K  ? ? A DA  1   A K   104 1_555 ? ? ? ? ? ? ?            2.924 ? ? 
metalc3  metalc ?    ? A DA  1  OP1   ? ? ? 1_555 H K   .  K  ? ? A DA  1   A K   104 2_545 ? ? ? ? ? ? ?            2.924 ? ? 
metalc4  metalc ?    ? A DC  5  OP2   ? ? ? 1_555 K ZN  .  ZN ? ? A DC  5   B ZN  102 2_545 ? ? ? ? ? ? ?            1.934 ? ? 
metalc5  metalc ?    ? A DG  6  N7    ? ? ? 1_555 G ZN  .  ZN ? ? A DG  6   A ZN  103 1_555 ? ? ? ? ? ? ?            2.531 ? ? 
metalc6  metalc ?    ? E ZN  .  ZN    ? ? ? 1_555 O HOH .  O  ? ? A ZN  101 A HOH 214 1_555 ? ? ? ? ? ? ?            2.649 ? ? 
metalc7  metalc ?    ? E ZN  .  ZN    ? ? ? 1_555 O HOH .  O  ? ? A ZN  101 A HOH 214 3_655 ? ? ? ? ? ? ?            2.648 ? ? 
metalc8  metalc ?    ? O HOH .  O     ? ? ? 3_655 J ZN  .  ZN ? ? A HOH 207 B ZN  101 1_555 ? ? ? ? ? ? ?            2.064 ? ? 
metalc9  metalc ?    ? O HOH .  O     ? ? ? 3_655 K ZN  .  ZN ? ? A HOH 209 B ZN  102 1_555 ? ? ? ? ? ? ?            1.979 ? ? 
metalc10 metalc ?    ? B DG  3  N7    ? ? ? 1_555 K ZN  .  ZN ? ? B DG  3   B ZN  102 1_555 ? ? ? ? ? ? ?            2.007 ? ? 
metalc11 metalc ?    ? B DG  4  N7    ? ? ? 1_555 J ZN  .  ZN ? ? B DG  4   B ZN  101 1_555 ? ? ? ? ? ? ?            2.208 ? ? 
metalc12 metalc ?    ? J ZN  .  ZN    ? ? ? 1_555 P HOH .  O  ? ? B ZN  101 B HOH 205 1_555 ? ? ? ? ? ? ?            2.088 ? ? 
metalc13 metalc ?    ? J ZN  .  ZN    ? ? ? 1_555 P HOH .  O  ? ? B ZN  101 B HOH 206 1_555 ? ? ? ? ? ? ?            2.124 ? ? 
hydrog1  hydrog ?    ? A DA  1  N1    ? ? ? 1_555 B DT  7  N3 ? ? A DA  1   B DT  7   1_555 ? ? ? ? ? ? WATSON-CRICK ?     ? ? 
hydrog2  hydrog ?    ? A DA  1  N6    ? ? ? 1_555 B DT  7  O4 ? ? A DA  1   B DT  7   1_555 ? ? ? ? ? ? WATSON-CRICK ?     ? ? 
hydrog3  hydrog ?    ? A DG  2  N1    ? ? ? 1_555 B DC  6  N3 ? ? A DG  2   B DC  6   1_555 ? ? ? ? ? ? WATSON-CRICK ?     ? ? 
hydrog4  hydrog ?    ? A DG  2  N2    ? ? ? 1_555 B DC  6  O2 ? ? A DG  2   B DC  6   1_555 ? ? ? ? ? ? WATSON-CRICK ?     ? ? 
hydrog5  hydrog ?    ? A DG  2  O6    ? ? ? 1_555 B DC  6  N4 ? ? A DG  2   B DC  6   1_555 ? ? ? ? ? ? WATSON-CRICK ?     ? ? 
hydrog6  hydrog ?    ? A DC  3  N3    ? ? ? 1_555 B DG  5  N1 ? ? A DC  3   B DG  5   1_555 ? ? ? ? ? ? WATSON-CRICK ?     ? ? 
hydrog7  hydrog ?    ? A DC  3  N4    ? ? ? 1_555 B DG  5  O6 ? ? A DC  3   B DG  5   1_555 ? ? ? ? ? ? WATSON-CRICK ?     ? ? 
hydrog8  hydrog ?    ? A DC  3  O2    ? ? ? 1_555 B DG  5  N2 ? ? A DC  3   B DG  5   1_555 ? ? ? ? ? ? WATSON-CRICK ?     ? ? 
hydrog9  hydrog ?    ? A DC  4  N3    ? ? ? 1_555 B DG  4  N1 ? ? A DC  4   B DG  4   1_555 ? ? ? ? ? ? WATSON-CRICK ?     ? ? 
hydrog10 hydrog ?    ? A DC  4  N4    ? ? ? 1_555 B DG  4  O6 ? ? A DC  4   B DG  4   1_555 ? ? ? ? ? ? WATSON-CRICK ?     ? ? 
hydrog11 hydrog ?    ? A DC  4  O2    ? ? ? 1_555 B DG  4  N2 ? ? A DC  4   B DG  4   1_555 ? ? ? ? ? ? WATSON-CRICK ?     ? ? 
hydrog12 hydrog ?    ? A DC  5  N3    ? ? ? 1_555 B DG  3  N1 ? ? A DC  5   B DG  3   1_555 ? ? ? ? ? ? WATSON-CRICK ?     ? ? 
hydrog13 hydrog ?    ? A DC  5  N4    ? ? ? 1_555 B DG  3  O6 ? ? A DC  5   B DG  3   1_555 ? ? ? ? ? ? WATSON-CRICK ?     ? ? 
hydrog14 hydrog ?    ? A DC  5  O2    ? ? ? 1_555 B DG  3  N2 ? ? A DC  5   B DG  3   1_555 ? ? ? ? ? ? WATSON-CRICK ?     ? ? 
hydrog15 hydrog ?    ? A DG  6  N1    ? ? ? 1_555 B DC  2  N3 ? ? A DG  6   B DC  2   1_555 ? ? ? ? ? ? WATSON-CRICK ?     ? ? 
hydrog16 hydrog ?    ? A DG  6  N2    ? ? ? 1_555 B DC  2  O2 ? ? A DG  6   B DC  2   1_555 ? ? ? ? ? ? WATSON-CRICK ?     ? ? 
hydrog17 hydrog ?    ? A DG  6  O6    ? ? ? 1_555 B DC  2  N4 ? ? A DG  6   B DC  2   1_555 ? ? ? ? ? ? WATSON-CRICK ?     ? ? 
hydrog18 hydrog ?    ? A DT  7  N3    ? ? ? 1_555 B DA  1  N1 ? ? A DT  7   B DA  1   1_555 ? ? ? ? ? ? WATSON-CRICK ?     ? ? 
hydrog19 hydrog ?    ? A DT  7  O4    ? ? ? 1_555 B DA  1  N6 ? ? A DT  7   B DA  1   1_555 ? ? ? ? ? ? WATSON-CRICK ?     ? ? 
# 
loop_
_struct_conn_type.id 
_struct_conn_type.criteria 
_struct_conn_type.reference 
covale ? ? 
metalc ? ? 
hydrog ? ? 
# 
loop_
_pdbx_struct_conn_angle.id 
_pdbx_struct_conn_angle.ptnr1_label_atom_id 
_pdbx_struct_conn_angle.ptnr1_label_alt_id 
_pdbx_struct_conn_angle.ptnr1_label_asym_id 
_pdbx_struct_conn_angle.ptnr1_label_comp_id 
_pdbx_struct_conn_angle.ptnr1_label_seq_id 
_pdbx_struct_conn_angle.ptnr1_auth_atom_id 
_pdbx_struct_conn_angle.ptnr1_auth_asym_id 
_pdbx_struct_conn_angle.ptnr1_auth_comp_id 
_pdbx_struct_conn_angle.ptnr1_auth_seq_id 
_pdbx_struct_conn_angle.ptnr1_PDB_ins_code 
_pdbx_struct_conn_angle.ptnr1_symmetry 
_pdbx_struct_conn_angle.ptnr2_label_atom_id 
_pdbx_struct_conn_angle.ptnr2_label_alt_id 
_pdbx_struct_conn_angle.ptnr2_label_asym_id 
_pdbx_struct_conn_angle.ptnr2_label_comp_id 
_pdbx_struct_conn_angle.ptnr2_label_seq_id 
_pdbx_struct_conn_angle.ptnr2_auth_atom_id 
_pdbx_struct_conn_angle.ptnr2_auth_asym_id 
_pdbx_struct_conn_angle.ptnr2_auth_comp_id 
_pdbx_struct_conn_angle.ptnr2_auth_seq_id 
_pdbx_struct_conn_angle.ptnr2_PDB_ins_code 
_pdbx_struct_conn_angle.ptnr2_symmetry 
_pdbx_struct_conn_angle.ptnr3_label_atom_id 
_pdbx_struct_conn_angle.ptnr3_label_alt_id 
_pdbx_struct_conn_angle.ptnr3_label_asym_id 
_pdbx_struct_conn_angle.ptnr3_label_comp_id 
_pdbx_struct_conn_angle.ptnr3_label_seq_id 
_pdbx_struct_conn_angle.ptnr3_auth_atom_id 
_pdbx_struct_conn_angle.ptnr3_auth_asym_id 
_pdbx_struct_conn_angle.ptnr3_auth_comp_id 
_pdbx_struct_conn_angle.ptnr3_auth_seq_id 
_pdbx_struct_conn_angle.ptnr3_PDB_ins_code 
_pdbx_struct_conn_angle.ptnr3_symmetry 
_pdbx_struct_conn_angle.value 
_pdbx_struct_conn_angle.value_esd 
1  OP1 ? A DA  1 ? A DA  1   ? 1_555 K  ? H K  . ? A K  104 ? 1_555 OP1 ? A DA  1 ? A DA  1   ? 1_555 0.0   ? 
2  OP2 ? A DC  5 ? A DC  5   ? 1_555 ZN ? K ZN . ? B ZN 102 ? 2_545 O   ? O HOH . ? A HOH 209 ? 3_655 121.7 ? 
3  OP2 ? A DC  5 ? A DC  5   ? 1_555 ZN ? K ZN . ? B ZN 102 ? 2_545 N7  ? B DG  3 ? B DG  3   ? 1_555 106.4 ? 
4  O   ? O HOH . ? A HOH 209 ? 3_655 ZN ? K ZN . ? B ZN 102 ? 2_545 N7  ? B DG  3 ? B DG  3   ? 1_555 15.6  ? 
5  O   ? O HOH . ? A HOH 214 ? 1_555 ZN ? E ZN . ? A ZN 101 ? 1_555 O   ? O HOH . ? A HOH 214 ? 3_655 118.9 ? 
6  O   ? O HOH . ? A HOH 207 ? 3_655 ZN ? J ZN . ? B ZN 101 ? 1_555 N7  ? B DG  4 ? B DG  4   ? 1_555 173.9 ? 
7  O   ? O HOH . ? A HOH 207 ? 3_655 ZN ? J ZN . ? B ZN 101 ? 1_555 O   ? P HOH . ? B HOH 205 ? 1_555 98.5  ? 
8  N7  ? B DG  4 ? B DG  4   ? 1_555 ZN ? J ZN . ? B ZN 101 ? 1_555 O   ? P HOH . ? B HOH 205 ? 1_555 87.3  ? 
9  O   ? O HOH . ? A HOH 207 ? 3_655 ZN ? J ZN . ? B ZN 101 ? 1_555 O   ? P HOH . ? B HOH 206 ? 1_555 79.1  ? 
10 N7  ? B DG  4 ? B DG  4   ? 1_555 ZN ? J ZN . ? B ZN 101 ? 1_555 O   ? P HOH . ? B HOH 206 ? 1_555 95.1  ? 
11 O   ? P HOH . ? B HOH 205 ? 1_555 ZN ? J ZN . ? B ZN 101 ? 1_555 O   ? P HOH . ? B HOH 206 ? 1_555 177.1 ? 
# 
loop_
_struct_mon_prot_cis.pdbx_id 
_struct_mon_prot_cis.label_comp_id 
_struct_mon_prot_cis.label_seq_id 
_struct_mon_prot_cis.label_asym_id 
_struct_mon_prot_cis.label_alt_id 
_struct_mon_prot_cis.pdbx_PDB_ins_code 
_struct_mon_prot_cis.auth_comp_id 
_struct_mon_prot_cis.auth_seq_id 
_struct_mon_prot_cis.auth_asym_id 
_struct_mon_prot_cis.pdbx_label_comp_id_2 
_struct_mon_prot_cis.pdbx_label_seq_id_2 
_struct_mon_prot_cis.pdbx_label_asym_id_2 
_struct_mon_prot_cis.pdbx_PDB_ins_code_2 
_struct_mon_prot_cis.pdbx_auth_comp_id_2 
_struct_mon_prot_cis.pdbx_auth_seq_id_2 
_struct_mon_prot_cis.pdbx_auth_asym_id_2 
_struct_mon_prot_cis.pdbx_PDB_model_num 
_struct_mon_prot_cis.pdbx_omega_angle 
1 DVA 2 D . ? DVA 2 C PRO 3  D ? PRO 3  C 1 13.26 
2 PRO 3 D . ? PRO 3 C SAR 4  D ? SAR 4  C 1 -0.21 
3 DVA 8 D . ? DVA 8 C PRO 9  D ? PRO 9  C 1 6.70  
4 PRO 9 D . ? PRO 9 C SAR 10 D ? SAR 10 C 1 -1.39 
# 
loop_
_pdbx_validate_close_contact.id 
_pdbx_validate_close_contact.PDB_model_num 
_pdbx_validate_close_contact.auth_atom_id_1 
_pdbx_validate_close_contact.auth_asym_id_1 
_pdbx_validate_close_contact.auth_comp_id_1 
_pdbx_validate_close_contact.auth_seq_id_1 
_pdbx_validate_close_contact.PDB_ins_code_1 
_pdbx_validate_close_contact.label_alt_id_1 
_pdbx_validate_close_contact.auth_atom_id_2 
_pdbx_validate_close_contact.auth_asym_id_2 
_pdbx_validate_close_contact.auth_comp_id_2 
_pdbx_validate_close_contact.auth_seq_id_2 
_pdbx_validate_close_contact.PDB_ins_code_2 
_pdbx_validate_close_contact.label_alt_id_2 
_pdbx_validate_close_contact.dist 
1 1 N C THR 1   ? ? O1 C PXZ 6   ? ? 2.01 
2 1 O A HOH 201 ? ? O  C HOH 102 ? ? 2.16 
# 
loop_
_pdbx_molecule_features.prd_id 
_pdbx_molecule_features.name 
_pdbx_molecule_features.type 
_pdbx_molecule_features.class 
_pdbx_molecule_features.details 
PRD_000001 'Actinomycin D' Polypeptide           Antibiotic 
;ACTINOMYCIN D CONSISTS OF TWO PENTAMER
RINGS LINKED BY THE CHROMOPHORE (PXZ)
;
PRD_000491 Echinomycin     'Cyclic depsipeptide' Antibiotic 
;ECHINOMYCIN IS A BICYCLIC OCTADEPSIPEPTIDE. BICYCLIZATION IS ACHIEVED BY LINKING THE N- AND THE C- TERMINI, AND A THIOACETAL BOND BETWEEN RESIDUES 3 AND 7. THE TWO QUINOXALINE CHROMOPHORES ARE LINKED TO THE D-SERINE RESIDUES, RESIDUES 1 AND 5
;
# 
loop_
_pdbx_molecule.instance_id 
_pdbx_molecule.prd_id 
_pdbx_molecule.asym_id 
1 PRD_000001 D 
2 PRD_000491 C 
# 
loop_
_pdbx_struct_special_symmetry.id 
_pdbx_struct_special_symmetry.PDB_model_num 
_pdbx_struct_special_symmetry.auth_asym_id 
_pdbx_struct_special_symmetry.auth_comp_id 
_pdbx_struct_special_symmetry.auth_seq_id 
_pdbx_struct_special_symmetry.PDB_ins_code 
_pdbx_struct_special_symmetry.label_asym_id 
_pdbx_struct_special_symmetry.label_comp_id 
_pdbx_struct_special_symmetry.label_seq_id 
1 1 A ZN  101 ? E ZN  . 
2 1 A K   104 ? H K   . 
3 1 A CL  105 ? I CL  . 
4 1 A HOH 205 ? O HOH . 
5 1 A HOH 215 ? O HOH . 
6 1 B HOH 203 ? P HOH . 
# 
loop_
_pdbx_refine_tls.id 
_pdbx_refine_tls.pdbx_refine_id 
_pdbx_refine_tls.details 
_pdbx_refine_tls.method 
_pdbx_refine_tls.origin_x 
_pdbx_refine_tls.origin_y 
_pdbx_refine_tls.origin_z 
_pdbx_refine_tls.T[1][1] 
_pdbx_refine_tls.T[1][1]_esd 
_pdbx_refine_tls.T[1][2] 
_pdbx_refine_tls.T[1][2]_esd 
_pdbx_refine_tls.T[1][3] 
_pdbx_refine_tls.T[1][3]_esd 
_pdbx_refine_tls.T[2][2] 
_pdbx_refine_tls.T[2][2]_esd 
_pdbx_refine_tls.T[2][3] 
_pdbx_refine_tls.T[2][3]_esd 
_pdbx_refine_tls.T[3][3] 
_pdbx_refine_tls.T[3][3]_esd 
_pdbx_refine_tls.L[1][1] 
_pdbx_refine_tls.L[1][1]_esd 
_pdbx_refine_tls.L[1][2] 
_pdbx_refine_tls.L[1][2]_esd 
_pdbx_refine_tls.L[1][3] 
_pdbx_refine_tls.L[1][3]_esd 
_pdbx_refine_tls.L[2][2] 
_pdbx_refine_tls.L[2][2]_esd 
_pdbx_refine_tls.L[2][3] 
_pdbx_refine_tls.L[2][3]_esd 
_pdbx_refine_tls.L[3][3] 
_pdbx_refine_tls.L[3][3]_esd 
_pdbx_refine_tls.S[1][1] 
_pdbx_refine_tls.S[1][1]_esd 
_pdbx_refine_tls.S[1][2] 
_pdbx_refine_tls.S[1][2]_esd 
_pdbx_refine_tls.S[1][3] 
_pdbx_refine_tls.S[1][3]_esd 
_pdbx_refine_tls.S[2][1] 
_pdbx_refine_tls.S[2][1]_esd 
_pdbx_refine_tls.S[2][2] 
_pdbx_refine_tls.S[2][2]_esd 
_pdbx_refine_tls.S[2][3] 
_pdbx_refine_tls.S[2][3]_esd 
_pdbx_refine_tls.S[3][1] 
_pdbx_refine_tls.S[3][1]_esd 
_pdbx_refine_tls.S[3][2] 
_pdbx_refine_tls.S[3][2]_esd 
_pdbx_refine_tls.S[3][3] 
_pdbx_refine_tls.S[3][3]_esd 
1 'X-RAY DIFFRACTION' ? refined -1.3280 -2.7768 -5.3595 0.1962 ? 0.0779  ? 0.0595  ? 0.1443 ? 0.0171  ? 0.0727 ? 2.7116 ? 1.7775  ? -0.1991 ? 1.2435 ? 0.3912  ? 3.4515 ? 0.0622  ? -0.0346 ? -0.1222 ? -0.0598 ? 0.0400  ? 0.0818  ? 0.2042  ? 0.0218  ? -0.0669 ? 
2 'X-RAY DIFFRACTION' ? refined 5.6514  1.4640  -2.1575 0.4612 ? -0.0093 ? -0.1310 ? 0.1468 ? 0.0048  ? 0.1804 ? 3.1534 ? -1.1660 ? 2.0440  ? 1.0067 ? -0.1021 ? 2.0651 ? -0.0009 ? 0.1080  ? 0.2677  ? 0.4393  ? -0.2846 ? -0.1795 ? -0.1899 ? 0.5401  ? 0.2827  ? 
3 'X-RAY DIFFRACTION' ? refined 0.2820  5.8743  -3.1616 0.4007 ? 0.0832  ? 0.0419  ? 0.1663 ? -0.0112 ? 0.0981 ? 3.5900 ? -0.5458 ? -0.3314 ? 0.0909 ? -0.0841 ? 2.2881 ? 0.1160  ? -0.0998 ? 0.2751  ? -0.0300 ? 0.0052  ? 0.0163  ? -0.6363 ? -0.0936 ? -0.1329 ? 
4 'X-RAY DIFFRACTION' ? refined 0.2650  -7.3155 3.1774  0.3241 ? 0.0827  ? 0.0865  ? 0.2022 ? 0.0220  ? 0.1338 ? 2.7691 ? -0.3437 ? -0.6684 ? 0.0526 ? -0.0519 ? 2.7638 ? -0.1529 ? -0.3666 ? 0.0061  ? 0.2399  ? 0.1181  ? 0.0370  ? -0.0035 ? -0.3828 ? 0.0118  ? 
# 
loop_
_pdbx_refine_tls_group.id 
_pdbx_refine_tls_group.pdbx_refine_id 
_pdbx_refine_tls_group.refine_tls_id 
_pdbx_refine_tls_group.beg_label_asym_id 
_pdbx_refine_tls_group.beg_label_seq_id 
_pdbx_refine_tls_group.beg_auth_asym_id 
_pdbx_refine_tls_group.beg_auth_seq_id 
_pdbx_refine_tls_group.beg_PDB_ins_code 
_pdbx_refine_tls_group.end_label_asym_id 
_pdbx_refine_tls_group.end_label_seq_id 
_pdbx_refine_tls_group.end_auth_asym_id 
_pdbx_refine_tls_group.end_auth_seq_id 
_pdbx_refine_tls_group.end_PDB_ins_code 
_pdbx_refine_tls_group.selection 
_pdbx_refine_tls_group.selection_details 
1 'X-RAY DIFFRACTION' 1 ? ? A 0 ? ? ? A 0 ? ? 
;CHAIN 'A' AND (RESID 1 THROUGH 7 )
;
2 'X-RAY DIFFRACTION' 2 ? ? B 0 ? ? ? B 0 ? ? 
;CHAIN 'B' AND (RESID 1 THROUGH 7 )
;
3 'X-RAY DIFFRACTION' 3 ? ? G 0 ? ? ? G 0 ? ? 
;CHAIN 'G' AND (RESID 2 THROUGH 6 )
;
4 'X-RAY DIFFRACTION' 4 ? ? C 0 ? ? ? C 0 ? ? 
;CHAIN 'C' AND (RESID 1 THROUGH 9 )
;
# 
_pdbx_entry_details.entry_id                 7X97 
_pdbx_entry_details.nonpolymer_details       ? 
_pdbx_entry_details.sequence_details         ? 
_pdbx_entry_details.compound_details         
;ACTINOMYCIN D IS A BICYCLIC PEPTIDE, A MEMBER OF THE
ACTINOMYCIN FAMILY.
HERE, ACTINOMYCIN D IS REPRESENTED BY THE SEQUENCE (SEQRES)
;
_pdbx_entry_details.source_details           ? 
_pdbx_entry_details.has_ligand_of_interest   N 
# 
loop_
_chem_comp_atom.comp_id 
_chem_comp_atom.atom_id 
_chem_comp_atom.type_symbol 
_chem_comp_atom.pdbx_aromatic_flag 
_chem_comp_atom.pdbx_stereo_config 
_chem_comp_atom.pdbx_ordinal 
ALA N      N  N N 1   
ALA CA     C  N S 2   
ALA C      C  N N 3   
ALA O      O  N N 4   
ALA CB     C  N N 5   
ALA OXT    O  N N 6   
ALA H      H  N N 7   
ALA H2     H  N N 8   
ALA HA     H  N N 9   
ALA HB1    H  N N 10  
ALA HB2    H  N N 11  
ALA HB3    H  N N 12  
ALA HXT    H  N N 13  
CL  CL     CL N N 14  
DA  OP3    O  N N 15  
DA  P      P  N N 16  
DA  OP1    O  N N 17  
DA  OP2    O  N N 18  
DA  "O5'"  O  N N 19  
DA  "C5'"  C  N N 20  
DA  "C4'"  C  N R 21  
DA  "O4'"  O  N N 22  
DA  "C3'"  C  N S 23  
DA  "O3'"  O  N N 24  
DA  "C2'"  C  N N 25  
DA  "C1'"  C  N R 26  
DA  N9     N  Y N 27  
DA  C8     C  Y N 28  
DA  N7     N  Y N 29  
DA  C5     C  Y N 30  
DA  C6     C  Y N 31  
DA  N6     N  N N 32  
DA  N1     N  Y N 33  
DA  C2     C  Y N 34  
DA  N3     N  Y N 35  
DA  C4     C  Y N 36  
DA  HOP3   H  N N 37  
DA  HOP2   H  N N 38  
DA  "H5'"  H  N N 39  
DA  "H5''" H  N N 40  
DA  "H4'"  H  N N 41  
DA  "H3'"  H  N N 42  
DA  "HO3'" H  N N 43  
DA  "H2'"  H  N N 44  
DA  "H2''" H  N N 45  
DA  "H1'"  H  N N 46  
DA  H8     H  N N 47  
DA  H61    H  N N 48  
DA  H62    H  N N 49  
DA  H2     H  N N 50  
DC  OP3    O  N N 51  
DC  P      P  N N 52  
DC  OP1    O  N N 53  
DC  OP2    O  N N 54  
DC  "O5'"  O  N N 55  
DC  "C5'"  C  N N 56  
DC  "C4'"  C  N R 57  
DC  "O4'"  O  N N 58  
DC  "C3'"  C  N S 59  
DC  "O3'"  O  N N 60  
DC  "C2'"  C  N N 61  
DC  "C1'"  C  N R 62  
DC  N1     N  N N 63  
DC  C2     C  N N 64  
DC  O2     O  N N 65  
DC  N3     N  N N 66  
DC  C4     C  N N 67  
DC  N4     N  N N 68  
DC  C5     C  N N 69  
DC  C6     C  N N 70  
DC  HOP3   H  N N 71  
DC  HOP2   H  N N 72  
DC  "H5'"  H  N N 73  
DC  "H5''" H  N N 74  
DC  "H4'"  H  N N 75  
DC  "H3'"  H  N N 76  
DC  "HO3'" H  N N 77  
DC  "H2'"  H  N N 78  
DC  "H2''" H  N N 79  
DC  "H1'"  H  N N 80  
DC  H41    H  N N 81  
DC  H42    H  N N 82  
DC  H5     H  N N 83  
DC  H6     H  N N 84  
DG  OP3    O  N N 85  
DG  P      P  N N 86  
DG  OP1    O  N N 87  
DG  OP2    O  N N 88  
DG  "O5'"  O  N N 89  
DG  "C5'"  C  N N 90  
DG  "C4'"  C  N R 91  
DG  "O4'"  O  N N 92  
DG  "C3'"  C  N S 93  
DG  "O3'"  O  N N 94  
DG  "C2'"  C  N N 95  
DG  "C1'"  C  N R 96  
DG  N9     N  Y N 97  
DG  C8     C  Y N 98  
DG  N7     N  Y N 99  
DG  C5     C  Y N 100 
DG  C6     C  N N 101 
DG  O6     O  N N 102 
DG  N1     N  N N 103 
DG  C2     C  N N 104 
DG  N2     N  N N 105 
DG  N3     N  N N 106 
DG  C4     C  Y N 107 
DG  HOP3   H  N N 108 
DG  HOP2   H  N N 109 
DG  "H5'"  H  N N 110 
DG  "H5''" H  N N 111 
DG  "H4'"  H  N N 112 
DG  "H3'"  H  N N 113 
DG  "HO3'" H  N N 114 
DG  "H2'"  H  N N 115 
DG  "H2''" H  N N 116 
DG  "H1'"  H  N N 117 
DG  H8     H  N N 118 
DG  H1     H  N N 119 
DG  H21    H  N N 120 
DG  H22    H  N N 121 
DSN N      N  N N 122 
DSN CA     C  N R 123 
DSN C      C  N N 124 
DSN O      O  N N 125 
DSN OXT    O  N N 126 
DSN CB     C  N N 127 
DSN OG     O  N N 128 
DSN H      H  N N 129 
DSN H2     H  N N 130 
DSN HA     H  N N 131 
DSN HXT    H  N N 132 
DSN HB2    H  N N 133 
DSN HB3    H  N N 134 
DSN HG     H  N N 135 
DT  OP3    O  N N 136 
DT  P      P  N N 137 
DT  OP1    O  N N 138 
DT  OP2    O  N N 139 
DT  "O5'"  O  N N 140 
DT  "C5'"  C  N N 141 
DT  "C4'"  C  N R 142 
DT  "O4'"  O  N N 143 
DT  "C3'"  C  N S 144 
DT  "O3'"  O  N N 145 
DT  "C2'"  C  N N 146 
DT  "C1'"  C  N R 147 
DT  N1     N  N N 148 
DT  C2     C  N N 149 
DT  O2     O  N N 150 
DT  N3     N  N N 151 
DT  C4     C  N N 152 
DT  O4     O  N N 153 
DT  C5     C  N N 154 
DT  C7     C  N N 155 
DT  C6     C  N N 156 
DT  HOP3   H  N N 157 
DT  HOP2   H  N N 158 
DT  "H5'"  H  N N 159 
DT  "H5''" H  N N 160 
DT  "H4'"  H  N N 161 
DT  "H3'"  H  N N 162 
DT  "HO3'" H  N N 163 
DT  "H2'"  H  N N 164 
DT  "H2''" H  N N 165 
DT  "H1'"  H  N N 166 
DT  H3     H  N N 167 
DT  H71    H  N N 168 
DT  H72    H  N N 169 
DT  H73    H  N N 170 
DT  H6     H  N N 171 
DVA N      N  N N 172 
DVA CA     C  N R 173 
DVA CB     C  N N 174 
DVA CG1    C  N N 175 
DVA CG2    C  N N 176 
DVA C      C  N N 177 
DVA O      O  N N 178 
DVA OXT    O  N N 179 
DVA H      H  N N 180 
DVA H2     H  N N 181 
DVA HA     H  N N 182 
DVA HB     H  N N 183 
DVA HG11   H  N N 184 
DVA HG12   H  N N 185 
DVA HG13   H  N N 186 
DVA HG21   H  N N 187 
DVA HG22   H  N N 188 
DVA HG23   H  N N 189 
DVA HXT    H  N N 190 
HOH O      O  N N 191 
HOH H1     H  N N 192 
HOH H2     H  N N 193 
K   K      K  N N 194 
MVA N      N  N N 195 
MVA CN     C  N N 196 
MVA CA     C  N S 197 
MVA CB     C  N N 198 
MVA CG1    C  N N 199 
MVA CG2    C  N N 200 
MVA C      C  N N 201 
MVA O      O  N N 202 
MVA OXT    O  N N 203 
MVA H      H  N N 204 
MVA HN1    H  N N 205 
MVA HN2    H  N N 206 
MVA HN3    H  N N 207 
MVA HA     H  N N 208 
MVA HB     H  N N 209 
MVA HG11   H  N N 210 
MVA HG12   H  N N 211 
MVA HG13   H  N N 212 
MVA HG21   H  N N 213 
MVA HG22   H  N N 214 
MVA HG23   H  N N 215 
MVA HXT    H  N N 216 
N2C N      N  N N 217 
N2C CA     C  N R 218 
N2C CB     C  N N 219 
N2C SG     S  N N 220 
N2C CD     C  N N 221 
N2C CN     C  N N 222 
N2C C      C  N N 223 
N2C O      O  N N 224 
N2C OXT    O  N N 225 
N2C H      H  N N 226 
N2C HA     H  N N 227 
N2C HB2    H  N N 228 
N2C HB3    H  N N 229 
N2C HD1    H  N N 230 
N2C HD2    H  N N 231 
N2C HD3    H  N N 232 
N2C HN1    H  N N 233 
N2C HN2    H  N N 234 
N2C HN3    H  N N 235 
N2C HXT    H  N N 236 
NCY N      N  N N 237 
NCY CA     C  N R 238 
NCY CB     C  N N 239 
NCY SG     S  N N 240 
NCY CN     C  N N 241 
NCY C      C  N N 242 
NCY O      O  N N 243 
NCY OXT    O  N N 244 
NCY H      H  N N 245 
NCY HA     H  N N 246 
NCY HB2    H  N N 247 
NCY HB3    H  N N 248 
NCY HG     H  N N 249 
NCY HCN1   H  N N 250 
NCY HCN2   H  N N 251 
NCY HCN3   H  N N 252 
NCY HXT    H  N N 253 
PRO N      N  N N 254 
PRO CA     C  N S 255 
PRO C      C  N N 256 
PRO O      O  N N 257 
PRO CB     C  N N 258 
PRO CG     C  N N 259 
PRO CD     C  N N 260 
PRO OXT    O  N N 261 
PRO H      H  N N 262 
PRO HA     H  N N 263 
PRO HB2    H  N N 264 
PRO HB3    H  N N 265 
PRO HG2    H  N N 266 
PRO HG3    H  N N 267 
PRO HD2    H  N N 268 
PRO HD3    H  N N 269 
PRO HXT    H  N N 270 
PXZ C1     C  N N 271 
PXZ C0     C  N N 272 
PXZ O1     O  N N 273 
PXZ C2     C  N N 274 
PXZ N2     N  N N 275 
PXZ C3     C  N N 276 
PXZ O3     O  N N 277 
PXZ C4     C  N N 278 
PXZ O5     O  N N 279 
PXZ C6     C  Y N 280 
PXZ C7     C  Y N 281 
PXZ C8     C  Y N 282 
PXZ C9     C  Y N 283 
PXZ "C0'"  C  N N 284 
PXZ "O1'"  O  N N 285 
PXZ N10    N  N N 286 
PXZ C11    C  N N 287 
PXZ C12    C  N N 288 
PXZ C13    C  Y N 289 
PXZ C14    C  Y N 290 
PXZ C15    C  N N 291 
PXZ C16    C  N N 292 
PXZ HN21   H  N N 293 
PXZ HN22   H  N N 294 
PXZ H7     H  N N 295 
PXZ H8     H  N N 296 
PXZ H151   H  N N 297 
PXZ H152   H  N N 298 
PXZ H153   H  N N 299 
PXZ H161   H  N N 300 
PXZ H162   H  N N 301 
PXZ H163   H  N N 302 
PXZ "OXT'" O  N N 303 
PXZ OXT    O  N N 304 
PXZ "HXT'" H  N N 305 
PXZ HXT    H  N N 306 
QUI N1     N  Y N 307 
QUI C2     C  Y N 308 
QUI C3     C  Y N 309 
QUI N4     N  Y N 310 
QUI C5     C  Y N 311 
QUI C6     C  Y N 312 
QUI C7     C  Y N 313 
QUI C8     C  Y N 314 
QUI C9     C  Y N 315 
QUI C10    C  Y N 316 
QUI C      C  N N 317 
QUI O1     O  N N 318 
QUI O2     O  N N 319 
QUI H3     H  N N 320 
QUI H5     H  N N 321 
QUI H6     H  N N 322 
QUI H7     H  N N 323 
QUI H8     H  N N 324 
QUI HO2    H  N N 325 
SAR N      N  N N 326 
SAR CA     C  N N 327 
SAR C      C  N N 328 
SAR O      O  N N 329 
SAR CN     C  N N 330 
SAR OXT    O  N N 331 
SAR H      H  N N 332 
SAR HA2    H  N N 333 
SAR HA3    H  N N 334 
SAR HN1    H  N N 335 
SAR HN2    H  N N 336 
SAR HN3    H  N N 337 
SAR HXT    H  N N 338 
THR N      N  N N 339 
THR CA     C  N S 340 
THR C      C  N N 341 
THR O      O  N N 342 
THR CB     C  N R 343 
THR OG1    O  N N 344 
THR CG2    C  N N 345 
THR OXT    O  N N 346 
THR H      H  N N 347 
THR H2     H  N N 348 
THR HA     H  N N 349 
THR HB     H  N N 350 
THR HG1    H  N N 351 
THR HG21   H  N N 352 
THR HG22   H  N N 353 
THR HG23   H  N N 354 
THR HXT    H  N N 355 
ZN  ZN     ZN N N 356 
# 
loop_
_chem_comp_bond.comp_id 
_chem_comp_bond.atom_id_1 
_chem_comp_bond.atom_id_2 
_chem_comp_bond.value_order 
_chem_comp_bond.pdbx_aromatic_flag 
_chem_comp_bond.pdbx_stereo_config 
_chem_comp_bond.pdbx_ordinal 
ALA N      CA     sing N N 1   
ALA N      H      sing N N 2   
ALA N      H2     sing N N 3   
ALA CA     C      sing N N 4   
ALA CA     CB     sing N N 5   
ALA CA     HA     sing N N 6   
ALA C      O      doub N N 7   
ALA C      OXT    sing N N 8   
ALA CB     HB1    sing N N 9   
ALA CB     HB2    sing N N 10  
ALA CB     HB3    sing N N 11  
ALA OXT    HXT    sing N N 12  
DA  OP3    P      sing N N 13  
DA  OP3    HOP3   sing N N 14  
DA  P      OP1    doub N N 15  
DA  P      OP2    sing N N 16  
DA  P      "O5'"  sing N N 17  
DA  OP2    HOP2   sing N N 18  
DA  "O5'"  "C5'"  sing N N 19  
DA  "C5'"  "C4'"  sing N N 20  
DA  "C5'"  "H5'"  sing N N 21  
DA  "C5'"  "H5''" sing N N 22  
DA  "C4'"  "O4'"  sing N N 23  
DA  "C4'"  "C3'"  sing N N 24  
DA  "C4'"  "H4'"  sing N N 25  
DA  "O4'"  "C1'"  sing N N 26  
DA  "C3'"  "O3'"  sing N N 27  
DA  "C3'"  "C2'"  sing N N 28  
DA  "C3'"  "H3'"  sing N N 29  
DA  "O3'"  "HO3'" sing N N 30  
DA  "C2'"  "C1'"  sing N N 31  
DA  "C2'"  "H2'"  sing N N 32  
DA  "C2'"  "H2''" sing N N 33  
DA  "C1'"  N9     sing N N 34  
DA  "C1'"  "H1'"  sing N N 35  
DA  N9     C8     sing Y N 36  
DA  N9     C4     sing Y N 37  
DA  C8     N7     doub Y N 38  
DA  C8     H8     sing N N 39  
DA  N7     C5     sing Y N 40  
DA  C5     C6     sing Y N 41  
DA  C5     C4     doub Y N 42  
DA  C6     N6     sing N N 43  
DA  C6     N1     doub Y N 44  
DA  N6     H61    sing N N 45  
DA  N6     H62    sing N N 46  
DA  N1     C2     sing Y N 47  
DA  C2     N3     doub Y N 48  
DA  C2     H2     sing N N 49  
DA  N3     C4     sing Y N 50  
DC  OP3    P      sing N N 51  
DC  OP3    HOP3   sing N N 52  
DC  P      OP1    doub N N 53  
DC  P      OP2    sing N N 54  
DC  P      "O5'"  sing N N 55  
DC  OP2    HOP2   sing N N 56  
DC  "O5'"  "C5'"  sing N N 57  
DC  "C5'"  "C4'"  sing N N 58  
DC  "C5'"  "H5'"  sing N N 59  
DC  "C5'"  "H5''" sing N N 60  
DC  "C4'"  "O4'"  sing N N 61  
DC  "C4'"  "C3'"  sing N N 62  
DC  "C4'"  "H4'"  sing N N 63  
DC  "O4'"  "C1'"  sing N N 64  
DC  "C3'"  "O3'"  sing N N 65  
DC  "C3'"  "C2'"  sing N N 66  
DC  "C3'"  "H3'"  sing N N 67  
DC  "O3'"  "HO3'" sing N N 68  
DC  "C2'"  "C1'"  sing N N 69  
DC  "C2'"  "H2'"  sing N N 70  
DC  "C2'"  "H2''" sing N N 71  
DC  "C1'"  N1     sing N N 72  
DC  "C1'"  "H1'"  sing N N 73  
DC  N1     C2     sing N N 74  
DC  N1     C6     sing N N 75  
DC  C2     O2     doub N N 76  
DC  C2     N3     sing N N 77  
DC  N3     C4     doub N N 78  
DC  C4     N4     sing N N 79  
DC  C4     C5     sing N N 80  
DC  N4     H41    sing N N 81  
DC  N4     H42    sing N N 82  
DC  C5     C6     doub N N 83  
DC  C5     H5     sing N N 84  
DC  C6     H6     sing N N 85  
DG  OP3    P      sing N N 86  
DG  OP3    HOP3   sing N N 87  
DG  P      OP1    doub N N 88  
DG  P      OP2    sing N N 89  
DG  P      "O5'"  sing N N 90  
DG  OP2    HOP2   sing N N 91  
DG  "O5'"  "C5'"  sing N N 92  
DG  "C5'"  "C4'"  sing N N 93  
DG  "C5'"  "H5'"  sing N N 94  
DG  "C5'"  "H5''" sing N N 95  
DG  "C4'"  "O4'"  sing N N 96  
DG  "C4'"  "C3'"  sing N N 97  
DG  "C4'"  "H4'"  sing N N 98  
DG  "O4'"  "C1'"  sing N N 99  
DG  "C3'"  "O3'"  sing N N 100 
DG  "C3'"  "C2'"  sing N N 101 
DG  "C3'"  "H3'"  sing N N 102 
DG  "O3'"  "HO3'" sing N N 103 
DG  "C2'"  "C1'"  sing N N 104 
DG  "C2'"  "H2'"  sing N N 105 
DG  "C2'"  "H2''" sing N N 106 
DG  "C1'"  N9     sing N N 107 
DG  "C1'"  "H1'"  sing N N 108 
DG  N9     C8     sing Y N 109 
DG  N9     C4     sing Y N 110 
DG  C8     N7     doub Y N 111 
DG  C8     H8     sing N N 112 
DG  N7     C5     sing Y N 113 
DG  C5     C6     sing N N 114 
DG  C5     C4     doub Y N 115 
DG  C6     O6     doub N N 116 
DG  C6     N1     sing N N 117 
DG  N1     C2     sing N N 118 
DG  N1     H1     sing N N 119 
DG  C2     N2     sing N N 120 
DG  C2     N3     doub N N 121 
DG  N2     H21    sing N N 122 
DG  N2     H22    sing N N 123 
DG  N3     C4     sing N N 124 
DSN N      CA     sing N N 125 
DSN N      H      sing N N 126 
DSN N      H2     sing N N 127 
DSN CA     C      sing N N 128 
DSN CA     CB     sing N N 129 
DSN CA     HA     sing N N 130 
DSN C      O      doub N N 131 
DSN C      OXT    sing N N 132 
DSN OXT    HXT    sing N N 133 
DSN CB     OG     sing N N 134 
DSN CB     HB2    sing N N 135 
DSN CB     HB3    sing N N 136 
DSN OG     HG     sing N N 137 
DT  OP3    P      sing N N 138 
DT  OP3    HOP3   sing N N 139 
DT  P      OP1    doub N N 140 
DT  P      OP2    sing N N 141 
DT  P      "O5'"  sing N N 142 
DT  OP2    HOP2   sing N N 143 
DT  "O5'"  "C5'"  sing N N 144 
DT  "C5'"  "C4'"  sing N N 145 
DT  "C5'"  "H5'"  sing N N 146 
DT  "C5'"  "H5''" sing N N 147 
DT  "C4'"  "O4'"  sing N N 148 
DT  "C4'"  "C3'"  sing N N 149 
DT  "C4'"  "H4'"  sing N N 150 
DT  "O4'"  "C1'"  sing N N 151 
DT  "C3'"  "O3'"  sing N N 152 
DT  "C3'"  "C2'"  sing N N 153 
DT  "C3'"  "H3'"  sing N N 154 
DT  "O3'"  "HO3'" sing N N 155 
DT  "C2'"  "C1'"  sing N N 156 
DT  "C2'"  "H2'"  sing N N 157 
DT  "C2'"  "H2''" sing N N 158 
DT  "C1'"  N1     sing N N 159 
DT  "C1'"  "H1'"  sing N N 160 
DT  N1     C2     sing N N 161 
DT  N1     C6     sing N N 162 
DT  C2     O2     doub N N 163 
DT  C2     N3     sing N N 164 
DT  N3     C4     sing N N 165 
DT  N3     H3     sing N N 166 
DT  C4     O4     doub N N 167 
DT  C4     C5     sing N N 168 
DT  C5     C7     sing N N 169 
DT  C5     C6     doub N N 170 
DT  C7     H71    sing N N 171 
DT  C7     H72    sing N N 172 
DT  C7     H73    sing N N 173 
DT  C6     H6     sing N N 174 
DVA N      CA     sing N N 175 
DVA N      H      sing N N 176 
DVA N      H2     sing N N 177 
DVA CA     CB     sing N N 178 
DVA CA     C      sing N N 179 
DVA CA     HA     sing N N 180 
DVA CB     CG1    sing N N 181 
DVA CB     CG2    sing N N 182 
DVA CB     HB     sing N N 183 
DVA CG1    HG11   sing N N 184 
DVA CG1    HG12   sing N N 185 
DVA CG1    HG13   sing N N 186 
DVA CG2    HG21   sing N N 187 
DVA CG2    HG22   sing N N 188 
DVA CG2    HG23   sing N N 189 
DVA C      O      doub N N 190 
DVA C      OXT    sing N N 191 
DVA OXT    HXT    sing N N 192 
HOH O      H1     sing N N 193 
HOH O      H2     sing N N 194 
MVA N      CN     sing N N 195 
MVA N      CA     sing N N 196 
MVA N      H      sing N N 197 
MVA CN     HN1    sing N N 198 
MVA CN     HN2    sing N N 199 
MVA CN     HN3    sing N N 200 
MVA CA     CB     sing N N 201 
MVA CA     C      sing N N 202 
MVA CA     HA     sing N N 203 
MVA CB     CG1    sing N N 204 
MVA CB     CG2    sing N N 205 
MVA CB     HB     sing N N 206 
MVA CG1    HG11   sing N N 207 
MVA CG1    HG12   sing N N 208 
MVA CG1    HG13   sing N N 209 
MVA CG2    HG21   sing N N 210 
MVA CG2    HG22   sing N N 211 
MVA CG2    HG23   sing N N 212 
MVA C      O      doub N N 213 
MVA C      OXT    sing N N 214 
MVA OXT    HXT    sing N N 215 
N2C N      CA     sing N N 216 
N2C N      CN     sing N N 217 
N2C N      H      sing N N 218 
N2C CA     CB     sing N N 219 
N2C CA     C      sing N N 220 
N2C CA     HA     sing N N 221 
N2C CB     SG     sing N N 222 
N2C CB     HB2    sing N N 223 
N2C CB     HB3    sing N N 224 
N2C SG     CD     sing N N 225 
N2C CD     HD1    sing N N 226 
N2C CD     HD2    sing N N 227 
N2C CD     HD3    sing N N 228 
N2C CN     HN1    sing N N 229 
N2C CN     HN2    sing N N 230 
N2C CN     HN3    sing N N 231 
N2C C      O      doub N N 232 
N2C C      OXT    sing N N 233 
N2C OXT    HXT    sing N N 234 
NCY N      CA     sing N N 235 
NCY N      CN     sing N N 236 
NCY N      H      sing N N 237 
NCY CA     CB     sing N N 238 
NCY CA     C      sing N N 239 
NCY CA     HA     sing N N 240 
NCY CB     SG     sing N N 241 
NCY CB     HB2    sing N N 242 
NCY CB     HB3    sing N N 243 
NCY SG     HG     sing N N 244 
NCY CN     HCN1   sing N N 245 
NCY CN     HCN2   sing N N 246 
NCY CN     HCN3   sing N N 247 
NCY C      O      doub N N 248 
NCY C      OXT    sing N N 249 
NCY OXT    HXT    sing N N 250 
PRO N      CA     sing N N 251 
PRO N      CD     sing N N 252 
PRO N      H      sing N N 253 
PRO CA     C      sing N N 254 
PRO CA     CB     sing N N 255 
PRO CA     HA     sing N N 256 
PRO C      O      doub N N 257 
PRO C      OXT    sing N N 258 
PRO CB     CG     sing N N 259 
PRO CB     HB2    sing N N 260 
PRO CB     HB3    sing N N 261 
PRO CG     CD     sing N N 262 
PRO CG     HG2    sing N N 263 
PRO CG     HG3    sing N N 264 
PRO CD     HD2    sing N N 265 
PRO CD     HD3    sing N N 266 
PRO OXT    HXT    sing N N 267 
PXZ C1     C0     sing N N 268 
PXZ C1     C2     doub N N 269 
PXZ C1     C11    sing N N 270 
PXZ C0     O1     doub N N 271 
PXZ C2     N2     sing N N 272 
PXZ C2     C3     sing N N 273 
PXZ N2     HN21   sing N N 274 
PXZ N2     HN22   sing N N 275 
PXZ C3     O3     doub N N 276 
PXZ C3     C4     sing N N 277 
PXZ C4     C12    doub N N 278 
PXZ C4     C15    sing N N 279 
PXZ O5     C12    sing N N 280 
PXZ O5     C13    sing N N 281 
PXZ C6     C7     doub Y N 282 
PXZ C6     C13    sing Y N 283 
PXZ C6     C16    sing N N 284 
PXZ C7     C8     sing Y N 285 
PXZ C7     H7     sing N N 286 
PXZ C8     C9     doub Y N 287 
PXZ C8     H8     sing N N 288 
PXZ C9     "C0'"  sing N N 289 
PXZ C9     C14    sing Y N 290 
PXZ "C0'"  "O1'"  doub N N 291 
PXZ N10    C11    doub N N 292 
PXZ N10    C14    sing N N 293 
PXZ C11    C12    sing N N 294 
PXZ C13    C14    doub Y N 295 
PXZ C15    H151   sing N N 296 
PXZ C15    H152   sing N N 297 
PXZ C15    H153   sing N N 298 
PXZ C16    H161   sing N N 299 
PXZ C16    H162   sing N N 300 
PXZ C16    H163   sing N N 301 
PXZ "C0'"  "OXT'" sing N N 302 
PXZ C0     OXT    sing N N 303 
PXZ "OXT'" "HXT'" sing N N 304 
PXZ OXT    HXT    sing N N 305 
QUI N1     C2     doub Y N 306 
QUI N1     C9     sing Y N 307 
QUI C2     C3     sing Y N 308 
QUI C2     C      sing N N 309 
QUI C3     N4     doub Y N 310 
QUI C3     H3     sing N N 311 
QUI N4     C10    sing Y N 312 
QUI C5     C6     doub Y N 313 
QUI C5     C10    sing Y N 314 
QUI C5     H5     sing N N 315 
QUI C6     C7     sing Y N 316 
QUI C6     H6     sing N N 317 
QUI C7     C8     doub Y N 318 
QUI C7     H7     sing N N 319 
QUI C8     C9     sing Y N 320 
QUI C8     H8     sing N N 321 
QUI C9     C10    doub Y N 322 
QUI C      O1     doub N N 323 
QUI C      O2     sing N N 324 
QUI O2     HO2    sing N N 325 
SAR N      CA     sing N N 326 
SAR N      CN     sing N N 327 
SAR N      H      sing N N 328 
SAR CA     C      sing N N 329 
SAR CA     HA2    sing N N 330 
SAR CA     HA3    sing N N 331 
SAR C      O      doub N N 332 
SAR C      OXT    sing N N 333 
SAR CN     HN1    sing N N 334 
SAR CN     HN2    sing N N 335 
SAR CN     HN3    sing N N 336 
SAR OXT    HXT    sing N N 337 
THR N      CA     sing N N 338 
THR N      H      sing N N 339 
THR N      H2     sing N N 340 
THR CA     C      sing N N 341 
THR CA     CB     sing N N 342 
THR CA     HA     sing N N 343 
THR C      O      doub N N 344 
THR C      OXT    sing N N 345 
THR CB     OG1    sing N N 346 
THR CB     CG2    sing N N 347 
THR CB     HB     sing N N 348 
THR OG1    HG1    sing N N 349 
THR CG2    HG21   sing N N 350 
THR CG2    HG22   sing N N 351 
THR CG2    HG23   sing N N 352 
THR OXT    HXT    sing N N 353 
# 
_ndb_struct_conf_na.entry_id   7X97 
_ndb_struct_conf_na.feature    'double helix' 
# 
loop_
_ndb_struct_na_base_pair.model_number 
_ndb_struct_na_base_pair.i_label_asym_id 
_ndb_struct_na_base_pair.i_label_comp_id 
_ndb_struct_na_base_pair.i_label_seq_id 
_ndb_struct_na_base_pair.i_symmetry 
_ndb_struct_na_base_pair.j_label_asym_id 
_ndb_struct_na_base_pair.j_label_comp_id 
_ndb_struct_na_base_pair.j_label_seq_id 
_ndb_struct_na_base_pair.j_symmetry 
_ndb_struct_na_base_pair.shear 
_ndb_struct_na_base_pair.stretch 
_ndb_struct_na_base_pair.stagger 
_ndb_struct_na_base_pair.buckle 
_ndb_struct_na_base_pair.propeller 
_ndb_struct_na_base_pair.opening 
_ndb_struct_na_base_pair.pair_number 
_ndb_struct_na_base_pair.pair_name 
_ndb_struct_na_base_pair.i_auth_asym_id 
_ndb_struct_na_base_pair.i_auth_seq_id 
_ndb_struct_na_base_pair.i_PDB_ins_code 
_ndb_struct_na_base_pair.j_auth_asym_id 
_ndb_struct_na_base_pair.j_auth_seq_id 
_ndb_struct_na_base_pair.j_PDB_ins_code 
_ndb_struct_na_base_pair.hbond_type_28 
_ndb_struct_na_base_pair.hbond_type_12 
1 A DA 1 1_555 B DT 7 1_555 0.920  -0.046 0.139 -0.860  -6.762 3.928  1 A_DA1:DT7_B A 1 ? B 7 ? 20 1 
1 A DG 2 1_555 B DC 6 1_555 0.012  -0.142 0.652 6.686   4.925  -2.237 2 A_DG2:DC6_B A 2 ? B 6 ? 19 1 
1 A DC 3 1_555 B DG 5 1_555 0.437  -0.047 0.914 -18.628 5.503  0.363  3 A_DC3:DG5_B A 3 ? B 5 ? 19 1 
1 A DC 4 1_555 B DG 4 1_555 0.197  -0.073 0.126 2.890   5.685  0.317  4 A_DC4:DG4_B A 4 ? B 4 ? 19 1 
1 A DC 5 1_555 B DG 3 1_555 0.245  -0.107 0.315 -21.374 6.969  -0.943 5 A_DC5:DG3_B A 5 ? B 3 ? 19 1 
1 A DG 6 1_555 B DC 2 1_555 -0.465 -0.194 0.493 23.363  3.840  0.130  6 A_DG6:DC2_B A 6 ? B 2 ? 19 1 
1 A DT 7 1_555 B DA 1 1_555 -0.246 -0.267 0.107 -3.394  8.961  0.665  7 A_DT7:DA1_B A 7 ? B 1 ? 20 1 
# 
loop_
_ndb_struct_na_base_pair_step.model_number 
_ndb_struct_na_base_pair_step.i_label_asym_id_1 
_ndb_struct_na_base_pair_step.i_label_comp_id_1 
_ndb_struct_na_base_pair_step.i_label_seq_id_1 
_ndb_struct_na_base_pair_step.i_symmetry_1 
_ndb_struct_na_base_pair_step.j_label_asym_id_1 
_ndb_struct_na_base_pair_step.j_label_comp_id_1 
_ndb_struct_na_base_pair_step.j_label_seq_id_1 
_ndb_struct_na_base_pair_step.j_symmetry_1 
_ndb_struct_na_base_pair_step.i_label_asym_id_2 
_ndb_struct_na_base_pair_step.i_label_comp_id_2 
_ndb_struct_na_base_pair_step.i_label_seq_id_2 
_ndb_struct_na_base_pair_step.i_symmetry_2 
_ndb_struct_na_base_pair_step.j_label_asym_id_2 
_ndb_struct_na_base_pair_step.j_label_comp_id_2 
_ndb_struct_na_base_pair_step.j_label_seq_id_2 
_ndb_struct_na_base_pair_step.j_symmetry_2 
_ndb_struct_na_base_pair_step.shift 
_ndb_struct_na_base_pair_step.slide 
_ndb_struct_na_base_pair_step.rise 
_ndb_struct_na_base_pair_step.tilt 
_ndb_struct_na_base_pair_step.roll 
_ndb_struct_na_base_pair_step.twist 
_ndb_struct_na_base_pair_step.x_displacement 
_ndb_struct_na_base_pair_step.y_displacement 
_ndb_struct_na_base_pair_step.helical_rise 
_ndb_struct_na_base_pair_step.inclination 
_ndb_struct_na_base_pair_step.tip 
_ndb_struct_na_base_pair_step.helical_twist 
_ndb_struct_na_base_pair_step.step_number 
_ndb_struct_na_base_pair_step.step_name 
_ndb_struct_na_base_pair_step.i_auth_asym_id_1 
_ndb_struct_na_base_pair_step.i_auth_seq_id_1 
_ndb_struct_na_base_pair_step.i_PDB_ins_code_1 
_ndb_struct_na_base_pair_step.j_auth_asym_id_1 
_ndb_struct_na_base_pair_step.j_auth_seq_id_1 
_ndb_struct_na_base_pair_step.j_PDB_ins_code_1 
_ndb_struct_na_base_pair_step.i_auth_asym_id_2 
_ndb_struct_na_base_pair_step.i_auth_seq_id_2 
_ndb_struct_na_base_pair_step.i_PDB_ins_code_2 
_ndb_struct_na_base_pair_step.j_auth_asym_id_2 
_ndb_struct_na_base_pair_step.j_auth_seq_id_2 
_ndb_struct_na_base_pair_step.j_PDB_ins_code_2 
1 A DA 1 1_555 B DT 7 1_555 A DG 2 1_555 B DC 6 1_555 -0.300 0.298 3.179 -3.678 7.180  25.843 -1.169 -0.285 3.157 15.577 7.980   
27.052 1 AA_DA1DG2:DC6DT7_BB A 1 ? B 7 ? A 2 ? B 6 ? 
1 A DC 3 1_555 B DG 5 1_555 A DC 4 1_555 B DG 4 1_555 0.338  1.131 2.979 6.133  12.690 15.494 -2.577 1.820  2.993 38.285 -18.503 
20.916 2 AA_DC3DC4:DG4DG5_BB A 3 ? B 5 ? A 4 ? B 4 ? 
1 A DC 5 1_555 B DG 3 1_555 A DG 6 1_555 B DC 2 1_555 -0.198 2.342 2.488 -2.840 -0.008 8.848  14.470 -3.520 2.428 -0.050 17.816  
9.292  3 AA_DC5DG6:DC2DG3_BB A 5 ? B 3 ? A 6 ? B 2 ? 
1 A DG 6 1_555 B DC 2 1_555 A DT 7 1_555 B DA 1 1_555 -0.754 0.578 6.971 -8.014 2.981  14.134 -2.506 -9.523 6.442 10.907 29.321  
16.508 4 AA_DG6DT7:DA1DC2_BB A 6 ? B 2 ? A 7 ? B 1 ? 
# 
loop_
_pdbx_audit_support.funding_organization 
_pdbx_audit_support.country 
_pdbx_audit_support.grant_number 
_pdbx_audit_support.ordinal 
'Ministry of Science and Technology (MoST, Taiwan)' Taiwan 109-2628-M-005-001-MY4 1 
'Ministry of Science and Technology (MoST, Taiwan)' Taiwan 109-2311-B-005-007-MY3 2 
# 
_pdbx_initial_refinement_model.id               1 
_pdbx_initial_refinement_model.entity_id_list   ? 
_pdbx_initial_refinement_model.type             'experimental model' 
_pdbx_initial_refinement_model.source_name      PDB 
_pdbx_initial_refinement_model.accession_code   7DQ0 
_pdbx_initial_refinement_model.details          ? 
# 
_atom_sites.entry_id                    7X97 
_atom_sites.Cartn_transf_matrix[1][1]   ? 
_atom_sites.Cartn_transf_matrix[1][2]   ? 
_atom_sites.Cartn_transf_matrix[1][3]   ? 
_atom_sites.Cartn_transf_matrix[2][1]   ? 
_atom_sites.Cartn_transf_matrix[2][2]   ? 
_atom_sites.Cartn_transf_matrix[2][3]   ? 
_atom_sites.Cartn_transf_matrix[3][1]   ? 
_atom_sites.Cartn_transf_matrix[3][2]   ? 
_atom_sites.Cartn_transf_matrix[3][3]   ? 
_atom_sites.Cartn_transf_vector[1]      ? 
_atom_sites.Cartn_transf_vector[2]      ? 
_atom_sites.Cartn_transf_vector[3]      ? 
_atom_sites.fract_transf_matrix[1][1]   0.02350240 
_atom_sites.fract_transf_matrix[1][2]   0.01018300 
_atom_sites.fract_transf_matrix[1][3]   0.00708042 
_atom_sites.fract_transf_matrix[2][1]   0.00237883 
_atom_sites.fract_transf_matrix[2][2]   0.01325489 
_atom_sites.fract_transf_matrix[2][3]   0.02290909 
_atom_sites.fract_transf_matrix[3][1]   0.00163583 
_atom_sites.fract_transf_matrix[3][2]   -0.00611913 
_atom_sites.fract_transf_matrix[3][3]   0.00337059 
_atom_sites.fract_transf_vector[1]      0.443066 
_atom_sites.fract_transf_vector[2]      0.013327 
_atom_sites.fract_transf_vector[3]      -0.116271 
_atom_sites.solution_primary            ? 
_atom_sites.solution_secondary          ? 
_atom_sites.solution_hydrogens          ? 
_atom_sites.special_details             ? 
# 
loop_
_atom_type.symbol 
C  
CL 
K  
N  
O  
P  
S  
ZN 
# 
loop_
_atom_site.group_PDB 
_atom_site.id 
_atom_site.type_symbol 
_atom_site.label_atom_id 
_atom_site.label_alt_id 
_atom_site.label_comp_id 
_atom_site.label_asym_id 
_atom_site.label_entity_id 
_atom_site.label_seq_id 
_atom_site.pdbx_PDB_ins_code 
_atom_site.Cartn_x 
_atom_site.Cartn_y 
_atom_site.Cartn_z 
_atom_site.occupancy 
_atom_site.B_iso_or_equiv 
_atom_site.pdbx_formal_charge 
_atom_site.auth_seq_id 
_atom_site.auth_comp_id 
_atom_site.auth_asym_id 
_atom_site.auth_atom_id 
_atom_site.pdbx_PDB_model_num 
ATOM   1   P  P     . DA  A 1 1  ? 7.312   -19.205 -2.193  1.00 87.79  ? 1   DA  A P     1 
ATOM   2   O  OP1   . DA  A 1 1  ? 6.467   -19.062 -3.417  1.00 86.08  ? 1   DA  A OP1   1 
ATOM   3   O  OP2   . DA  A 1 1  ? 8.594   -19.960 -2.261  1.00 90.76  ? 1   DA  A OP2   1 
ATOM   4   O  "O5'" . DA  A 1 1  ? 7.566   -17.746 -1.531  1.00 46.91  ? 1   DA  A "O5'" 1 
ATOM   5   C  "C5'" . DA  A 1 1  ? 7.087   -17.439 -0.224  1.00 45.86  ? 1   DA  A "C5'" 1 
ATOM   6   C  "C4'" . DA  A 1 1  ? 5.574   -17.351 -0.203  1.00 43.75  ? 1   DA  A "C4'" 1 
ATOM   7   O  "O4'" . DA  A 1 1  ? 5.172   -16.431 0.818   1.00 41.83  ? 1   DA  A "O4'" 1 
ATOM   8   C  "C3'" . DA  A 1 1  ? 4.931   -16.778 -1.444  1.00 41.34  ? 1   DA  A "C3'" 1 
ATOM   9   O  "O3'" . DA  A 1 1  ? 3.530   -17.114 -1.416  1.00 40.86  ? 1   DA  A "O3'" 1 
ATOM   10  C  "C2'" . DA  A 1 1  ? 5.182   -15.278 -1.256  1.00 38.60  ? 1   DA  A "C2'" 1 
ATOM   11  C  "C1'" . DA  A 1 1  ? 5.114   -15.128 0.274   1.00 38.65  ? 1   DA  A "C1'" 1 
ATOM   12  N  N9    . DA  A 1 1  ? 6.217   -14.397 0.868   1.00 37.79  ? 1   DA  A N9    1 
ATOM   13  C  C8    . DA  A 1 1  ? 7.484   -14.229 0.359   1.00 38.38  ? 1   DA  A C8    1 
ATOM   14  N  N7    . DA  A 1 1  ? 8.286   -13.562 1.156   1.00 38.25  ? 1   DA  A N7    1 
ATOM   15  C  C5    . DA  A 1 1  ? 7.488   -13.285 2.274   1.00 37.26  ? 1   DA  A C5    1 
ATOM   16  C  C6    . DA  A 1 1  ? 7.739   -12.610 3.487   1.00 36.92  ? 1   DA  A C6    1 
ATOM   17  N  N6    . DA  A 1 1  ? 8.916   -12.061 3.798   1.00 37.68  ? 1   DA  A N6    1 
ATOM   18  N  N1    . DA  A 1 1  ? 6.732   -12.525 4.376   1.00 36.08  ? 1   DA  A N1    1 
ATOM   19  C  C2    . DA  A 1 1  ? 5.555   -13.078 4.075   1.00 35.45  ? 1   DA  A C2    1 
ATOM   20  N  N3    . DA  A 1 1  ? 5.199   -13.736 2.981   1.00 35.69  ? 1   DA  A N3    1 
ATOM   21  C  C4    . DA  A 1 1  ? 6.221   -13.805 2.110   1.00 36.82  ? 1   DA  A C4    1 
ATOM   22  P  P     . DG  A 1 2  ? 2.496   -16.475 -2.466  1.00 41.16  ? 2   DG  A P     1 
ATOM   23  O  OP1   . DG  A 1 2  ? 1.340   -17.400 -2.582  1.00 41.20  ? 2   DG  A OP1   1 
ATOM   24  O  OP2   . DG  A 1 2  ? 3.241   -16.052 -3.667  1.00 41.51  ? 2   DG  A OP2   1 
ATOM   25  O  "O5'" . DG  A 1 2  ? 2.075   -15.080 -1.780  1.00 25.79  ? 2   DG  A "O5'" 1 
ATOM   26  C  "C5'" . DG  A 1 2  ? 1.232   -15.060 -0.614  1.00 24.93  ? 2   DG  A "C5'" 1 
ATOM   27  C  "C4'" . DG  A 1 2  ? 0.602   -13.696 -0.441  1.00 21.91  ? 2   DG  A "C4'" 1 
ATOM   28  O  "O4'" . DG  A 1 2  ? 1.490   -12.833 0.297   1.00 21.19  ? 2   DG  A "O4'" 1 
ATOM   29  C  "C3'" . DG  A 1 2  ? 0.263   -12.973 -1.735  1.00 20.20  ? 2   DG  A "C3'" 1 
ATOM   30  O  "O3'" . DG  A 1 2  ? -1.028  -12.463 -1.614  1.00 19.29  ? 2   DG  A "O3'" 1 
ATOM   31  C  "C2'" . DG  A 1 2  ? 1.320   -11.851 -1.852  1.00 19.01  ? 2   DG  A "C2'" 1 
ATOM   32  C  "C1'" . DG  A 1 2  ? 1.732   -11.613 -0.402  1.00 19.48  ? 2   DG  A "C1'" 1 
ATOM   33  N  N9    . DG  A 1 2  ? 3.155   -11.305 -0.190  1.00 19.95  ? 2   DG  A N9    1 
ATOM   34  C  C8    . DG  A 1 2  ? 4.247   -11.677 -0.973  1.00 20.58  ? 2   DG  A C8    1 
ATOM   35  N  N7    . DG  A 1 2  ? 5.402   -11.315 -0.471  1.00 21.02  ? 2   DG  A N7    1 
ATOM   36  C  C5    . DG  A 1 2  ? 5.065   -10.687 0.730   1.00 21.09  ? 2   DG  A C5    1 
ATOM   37  C  C6    . DG  A 1 2  ? 5.887   -10.088 1.729   1.00 21.61  ? 2   DG  A C6    1 
ATOM   38  O  O6    . DG  A 1 2  ? 7.130   -9.991  1.760   1.00 22.99  ? 2   DG  A O6    1 
ATOM   39  N  N1    . DG  A 1 2  ? 5.124   -9.592  2.794   1.00 20.66  ? 2   DG  A N1    1 
ATOM   40  C  C2    . DG  A 1 2  ? 3.750   -9.658  2.878   1.00 19.64  ? 2   DG  A C2    1 
ATOM   41  N  N2    . DG  A 1 2  ? 3.192   -9.108  3.967   1.00 19.15  ? 2   DG  A N2    1 
ATOM   42  N  N3    . DG  A 1 2  ? 2.974   -10.204 1.952   1.00 19.33  ? 2   DG  A N3    1 
ATOM   43  C  C4    . DG  A 1 2  ? 3.687   -10.691 0.919   1.00 20.02  ? 2   DG  A C4    1 
ATOM   44  P  P     . DC  A 1 3  ? -1.924  -12.161 -2.911  1.00 24.81  ? 3   DC  A P     1 
ATOM   45  O  OP1   . DC  A 1 3  ? -3.335  -12.124 -2.424  1.00 24.92  ? 3   DC  A OP1   1 
ATOM   46  O  OP2   . DC  A 1 3  ? -1.478  -12.972 -4.045  1.00 25.29  ? 3   DC  A OP2   1 
ATOM   47  O  "O5'" . DC  A 1 3  ? -1.529  -10.667 -3.254  1.00 17.00  ? 3   DC  A "O5'" 1 
ATOM   48  C  "C5'" . DC  A 1 3  ? -2.089  -10.026 -4.353  1.00 15.61  ? 3   DC  A "C5'" 1 
ATOM   49  C  "C4'" . DC  A 1 3  ? -2.075  -8.556  -4.106  1.00 14.26  ? 3   DC  A "C4'" 1 
ATOM   50  O  "O4'" . DC  A 1 3  ? -0.732  -8.107  -3.843  1.00 14.52  ? 3   DC  A "O4'" 1 
ATOM   51  C  "C3'" . DC  A 1 3  ? -2.596  -7.717  -5.251  1.00 13.52  ? 3   DC  A "C3'" 1 
ATOM   52  O  "O3'" . DC  A 1 3  ? -3.826  -7.173  -4.843  1.00 13.22  ? 3   DC  A "O3'" 1 
ATOM   53  C  "C2'" . DC  A 1 3  ? -1.506  -6.629  -5.487  1.00 12.98  ? 3   DC  A "C2'" 1 
ATOM   54  C  "C1'" . DC  A 1 3  ? -0.642  -6.765  -4.234  1.00 13.72  ? 3   DC  A "C1'" 1 
ATOM   55  N  N1    . DC  A 1 3  ? 0.805   -6.449  -4.393  1.00 14.10  ? 3   DC  A N1    1 
ATOM   56  C  C2    . DC  A 1 3  ? 1.377   -5.495  -3.546  1.00 13.59  ? 3   DC  A C2    1 
ATOM   57  O  O2    . DC  A 1 3  ? 0.656   -4.918  -2.748  1.00 12.11  ? 3   DC  A O2    1 
ATOM   58  N  N3    . DC  A 1 3  ? 2.708   -5.230  -3.646  1.00 13.40  ? 3   DC  A N3    1 
ATOM   59  C  C4    . DC  A 1 3  ? 3.445   -5.879  -4.539  1.00 13.92  ? 3   DC  A C4    1 
ATOM   60  N  N4    . DC  A 1 3  ? 4.746   -5.591  -4.597  1.00 13.68  ? 3   DC  A N4    1 
ATOM   61  C  C5    . DC  A 1 3  ? 2.878   -6.862  -5.411  1.00 14.59  ? 3   DC  A C5    1 
ATOM   62  C  C6    . DC  A 1 3  ? 1.568   -7.115  -5.305  1.00 14.47  ? 3   DC  A C6    1 
ATOM   63  P  P     . DC  A 1 4  ? -4.992  -6.891  -5.914  1.00 13.45  ? 4   DC  A P     1 
ATOM   64  O  OP1   . DC  A 1 4  ? -6.222  -6.936  -5.057  1.00 13.58  ? 4   DC  A OP1   1 
ATOM   65  O  OP2   . DC  A 1 4  ? -4.794  -7.748  -7.110  1.00 13.84  ? 4   DC  A OP2   1 
ATOM   66  O  "O5'" . DC  A 1 4  ? -4.795  -5.352  -6.287  1.00 14.50  ? 4   DC  A "O5'" 1 
ATOM   67  C  "C5'" . DC  A 1 4  ? -4.755  -4.350  -5.250  1.00 14.04  ? 4   DC  A "C5'" 1 
ATOM   68  C  "C4'" . DC  A 1 4  ? -4.068  -3.093  -5.758  1.00 13.81  ? 4   DC  A "C4'" 1 
ATOM   69  O  "O4'" . DC  A 1 4  ? -2.636  -3.209  -5.560  1.00 14.10  ? 4   DC  A "O4'" 1 
ATOM   70  C  "C3'" . DC  A 1 4  ? -4.256  -2.807  -7.262  1.00 14.02  ? 4   DC  A "C3'" 1 
ATOM   71  O  "O3'" . DC  A 1 4  ? -4.504  -1.433  -7.461  1.00 13.92  ? 4   DC  A "O3'" 1 
ATOM   72  C  "C2'" . DC  A 1 4  ? -2.905  -3.183  -7.860  1.00 14.18  ? 4   DC  A "C2'" 1 
ATOM   73  C  "C1'" . DC  A 1 4  ? -2.019  -2.688  -6.794  1.00 14.07  ? 4   DC  A "C1'" 1 
ATOM   74  N  N1    . DC  A 1 4  ? -0.588  -3.123  -6.819  1.00 13.94  ? 4   DC  A N1    1 
ATOM   75  C  C2    . DC  A 1 4  ? 0.334   -2.562  -5.931  1.00 13.46  ? 4   DC  A C2    1 
ATOM   76  O  O2    . DC  A 1 4  ? -0.071  -1.779  -5.067  1.00 13.49  ? 4   DC  A O2    1 
ATOM   77  N  N3    . DC  A 1 4  ? 1.643   -2.903  -6.038  1.00 13.16  ? 4   DC  A N3    1 
ATOM   78  C  C4    . DC  A 1 4  ? 2.039   -3.744  -6.987  1.00 13.55  ? 4   DC  A C4    1 
ATOM   79  N  N4    . DC  A 1 4  ? 3.340   -4.035  -7.055  1.00 12.15  ? 4   DC  A N4    1 
ATOM   80  C  C5    . DC  A 1 4  ? 1.116   -4.325  -7.908  1.00 14.09  ? 4   DC  A C5    1 
ATOM   81  C  C6    . DC  A 1 4  ? -0.175  -3.984  -7.795  1.00 14.19  ? 4   DC  A C6    1 
ATOM   82  P  P     . DC  A 1 5  ? -5.979  -0.935  -7.846  1.00 15.49  ? 5   DC  A P     1 
ATOM   83  O  OP1   . DC  A 1 5  ? -6.908  -1.476  -6.803  1.00 16.34  ? 5   DC  A OP1   1 
ATOM   84  O  OP2   . DC  A 1 5  ? -6.234  -1.319  -9.221  1.00 15.88  ? 5   DC  A OP2   1 
ATOM   85  O  "O5'" . DC  A 1 5  ? -5.884  0.654   -7.722  1.00 15.38  ? 5   DC  A "O5'" 1 
ATOM   86  C  "C5'" . DC  A 1 5  ? -5.849  1.276   -6.440  1.00 15.13  ? 5   DC  A "C5'" 1 
ATOM   87  C  "C4'" . DC  A 1 5  ? -5.510  2.742   -6.595  1.00 15.50  ? 5   DC  A "C4'" 1 
ATOM   88  O  "O4'" . DC  A 1 5  ? -4.089  2.881   -6.855  1.00 14.84  ? 5   DC  A "O4'" 1 
ATOM   89  C  "C3'" . DC  A 1 5  ? -6.217  3.430   -7.746  1.00 16.66  ? 5   DC  A "C3'" 1 
ATOM   90  O  "O3'" . DC  A 1 5  ? -7.442  4.002   -7.247  1.00 19.05  ? 5   DC  A "O3'" 1 
ATOM   91  C  "C2'" . DC  A 1 5  ? -5.214  4.516   -8.198  1.00 16.12  ? 5   DC  A "C2'" 1 
ATOM   92  C  "C1'" . DC  A 1 5  ? -3.845  4.015   -7.688  1.00 14.88  ? 5   DC  A "C1'" 1 
ATOM   93  N  N1    . DC  A 1 5  ? -2.885  3.574   -8.769  1.00 13.96  ? 5   DC  A N1    1 
ATOM   94  C  C2    . DC  A 1 5  ? -1.501  3.838   -8.646  1.00 13.78  ? 5   DC  A C2    1 
ATOM   95  O  O2    . DC  A 1 5  ? -1.078  4.477   -7.679  1.00 14.21  ? 5   DC  A O2    1 
ATOM   96  N  N3    . DC  A 1 5  ? -0.666  3.393   -9.598  1.00 13.28  ? 5   DC  A N3    1 
ATOM   97  C  C4    . DC  A 1 5  ? -1.137  2.692   -10.630 1.00 13.24  ? 5   DC  A C4    1 
ATOM   98  N  N4    . DC  A 1 5  ? -0.259  2.274   -11.562 1.00 11.99  ? 5   DC  A N4    1 
ATOM   99  C  C5    . DC  A 1 5  ? -2.526  2.405   -10.763 1.00 13.33  ? 5   DC  A C5    1 
ATOM   100 C  C6    . DC  A 1 5  ? -3.349  2.840   -9.812  1.00 13.58  ? 5   DC  A C6    1 
ATOM   101 P  P     . DG  A 1 6  ? -8.595  4.539   -8.234  1.00 27.80  ? 6   DG  A P     1 
ATOM   102 O  OP1   . DG  A 1 6  ? -9.873  4.394   -7.492  1.00 28.76  ? 6   DG  A OP1   1 
ATOM   103 O  OP2   . DG  A 1 6  ? -8.435  3.885   -9.549  1.00 27.98  ? 6   DG  A OP2   1 
ATOM   104 O  "O5'" . DG  A 1 6  ? -8.249  6.084   -8.365  1.00 19.64  ? 6   DG  A "O5'" 1 
ATOM   105 C  "C5'" . DG  A 1 6  ? -8.308  6.909   -7.202  1.00 19.90  ? 6   DG  A "C5'" 1 
ATOM   106 C  "C4'" . DG  A 1 6  ? -7.480  8.153   -7.392  1.00 20.19  ? 6   DG  A "C4'" 1 
ATOM   107 O  "O4'" . DG  A 1 6  ? -6.101  7.776   -7.549  1.00 18.46  ? 6   DG  A "O4'" 1 
ATOM   108 C  "C3'" . DG  A 1 6  ? -7.832  8.969   -8.627  1.00 21.75  ? 6   DG  A "C3'" 1 
ATOM   109 O  "O3'" . DG  A 1 6  ? -8.843  9.897   -8.273  1.00 24.24  ? 6   DG  A "O3'" 1 
ATOM   110 C  "C2'" . DG  A 1 6  ? -6.507  9.669   -8.960  1.00 21.18  ? 6   DG  A "C2'" 1 
ATOM   111 C  "C1'" . DG  A 1 6  ? -5.452  8.670   -8.439  1.00 19.14  ? 6   DG  A "C1'" 1 
ATOM   112 N  N9    . DG  A 1 6  ? -4.773  7.883   -9.489  1.00 18.11  ? 6   DG  A N9    1 
ATOM   113 C  C8    . DG  A 1 6  ? -5.334  7.343   -10.613 1.00 18.20  ? 6   DG  A C8    1 
ATOM   114 N  N7    . DG  A 1 6  ? -4.478  6.681   -11.348 1.00 17.46  ? 6   DG  A N7    1 
ATOM   115 C  C5    . DG  A 1 6  ? -3.279  6.787   -10.679 1.00 16.15  ? 6   DG  A C5    1 
ATOM   116 C  C6    . DG  A 1 6  ? -1.986  6.292   -11.013 1.00 15.43  ? 6   DG  A C6    1 
ATOM   117 O  O6    . DG  A 1 6  ? -1.643  5.627   -12.000 1.00 15.30  ? 6   DG  A O6    1 
ATOM   118 N  N1    . DG  A 1 6  ? -1.034  6.647   -10.050 1.00 15.04  ? 6   DG  A N1    1 
ATOM   119 C  C2    . DG  A 1 6  ? -1.311  7.383   -8.918  1.00 15.24  ? 6   DG  A C2    1 
ATOM   120 N  N2    . DG  A 1 6  ? -0.285  7.616   -8.097  1.00 15.19  ? 6   DG  A N2    1 
ATOM   121 N  N3    . DG  A 1 6  ? -2.510  7.844   -8.605  1.00 15.71  ? 6   DG  A N3    1 
ATOM   122 C  C4    . DG  A 1 6  ? -3.438  7.520   -9.524  1.00 16.50  ? 6   DG  A C4    1 
ATOM   123 P  P     . DT  A 1 7  ? -9.537  10.866  -9.372  1.00 36.07  ? 7   DT  A P     1 
ATOM   124 O  OP1   . DT  A 1 7  ? -10.893 11.192  -8.882  1.00 38.09  ? 7   DT  A OP1   1 
ATOM   125 O  OP2   . DT  A 1 7  ? -9.364  10.340  -10.746 1.00 35.38  ? 7   DT  A OP2   1 
ATOM   126 O  "O5'" . DT  A 1 7  ? -8.700  12.208  -9.259  1.00 31.80  ? 7   DT  A "O5'" 1 
ATOM   127 C  "C5'" . DT  A 1 7  ? -8.604  12.885  -8.015  1.00 31.55  ? 7   DT  A "C5'" 1 
ATOM   128 C  "C4'" . DT  A 1 7  ? -7.490  13.904  -8.085  1.00 31.15  ? 7   DT  A "C4'" 1 
ATOM   129 O  "O4'" . DT  A 1 7  ? -6.231  13.221  -8.352  1.00 28.45  ? 7   DT  A "O4'" 1 
ATOM   130 C  "C3'" . DT  A 1 7  ? -7.621  14.894  -9.221  1.00 33.08  ? 7   DT  A "C3'" 1 
ATOM   131 O  "O3'" . DT  A 1 7  ? -8.488  15.956  -8.845  1.00 35.83  ? 7   DT  A "O3'" 1 
ATOM   132 C  "C2'" . DT  A 1 7  ? -6.172  15.358  -9.393  1.00 32.17  ? 7   DT  A "C2'" 1 
ATOM   133 C  "C1'" . DT  A 1 7  ? -5.388  14.060  -9.129  1.00 29.12  ? 7   DT  A "C1'" 1 
ATOM   134 N  N1    . DT  A 1 7  ? -4.992  13.331  -10.399 1.00 28.23  ? 7   DT  A N1    1 
ATOM   135 C  C2    . DT  A 1 7  ? -3.683  13.378  -10.821 1.00 27.64  ? 7   DT  A C2    1 
ATOM   136 O  O2    . DT  A 1 7  ? -2.808  13.957  -10.215 1.00 27.93  ? 7   DT  A O2    1 
ATOM   137 N  N3    . DT  A 1 7  ? -3.433  12.715  -11.990 1.00 27.04  ? 7   DT  A N3    1 
ATOM   138 C  C4    . DT  A 1 7  ? -4.334  12.008  -12.766 1.00 27.09  ? 7   DT  A C4    1 
ATOM   139 O  O4    . DT  A 1 7  ? -4.003  11.445  -13.810 1.00 26.81  ? 7   DT  A O4    1 
ATOM   140 C  C5    . DT  A 1 7  ? -5.690  11.998  -12.275 1.00 27.72  ? 7   DT  A C5    1 
ATOM   141 C  C7    . DT  A 1 7  ? -6.761  11.281  -13.041 1.00 28.18  ? 7   DT  A C7    1 
ATOM   142 C  C6    . DT  A 1 7  ? -5.953  12.651  -11.132 1.00 28.22  ? 7   DT  A C6    1 
ATOM   143 P  P     . DA  B 2 1  ? 8.513   13.003  -16.307 1.00 85.68  ? 1   DA  B P     1 
ATOM   144 O  OP1   . DA  B 2 1  ? 9.463   13.949  -15.650 1.00 87.85  ? 1   DA  B OP1   1 
ATOM   145 O  OP2   . DA  B 2 1  ? 8.779   11.543  -16.258 1.00 83.97  ? 1   DA  B OP2   1 
ATOM   146 O  "O5'" . DA  B 2 1  ? 7.002   13.242  -15.776 1.00 44.08  ? 1   DA  B "O5'" 1 
ATOM   147 C  "C5'" . DA  B 2 1  ? 6.670   14.449  -15.054 1.00 44.37  ? 1   DA  B "C5'" 1 
ATOM   148 C  "C4'" . DA  B 2 1  ? 6.108   14.127  -13.680 1.00 41.51  ? 1   DA  B "C4'" 1 
ATOM   149 O  "O4'" . DA  B 2 1  ? 4.661   14.056  -13.757 1.00 39.15  ? 1   DA  B "O4'" 1 
ATOM   150 C  "C3'" . DA  B 2 1  ? 6.574   12.795  -13.096 1.00 39.50  ? 1   DA  B "C3'" 1 
ATOM   151 O  "O3'" . DA  B 2 1  ? 6.931   12.961  -11.732 1.00 39.53  ? 1   DA  B "O3'" 1 
ATOM   152 C  "C2'" . DA  B 2 1  ? 5.350   11.885  -13.256 1.00 36.46  ? 1   DA  B "C2'" 1 
ATOM   153 C  "C1'" . DA  B 2 1  ? 4.210   12.875  -13.131 1.00 35.90  ? 1   DA  B "C1'" 1 
ATOM   154 N  N9    . DA  B 2 1  ? 2.985   12.444  -13.802 1.00 32.68  ? 1   DA  B N9    1 
ATOM   155 C  C8    . DA  B 2 1  ? 2.880   11.864  -15.031 1.00 31.88  ? 1   DA  B C8    1 
ATOM   156 N  N7    . DA  B 2 1  ? 1.648   11.579  -15.383 1.00 29.98  ? 1   DA  B N7    1 
ATOM   157 C  C5    . DA  B 2 1  ? 0.892   12.008  -14.304 1.00 29.08  ? 1   DA  B C5    1 
ATOM   158 C  C6    . DA  B 2 1  ? -0.501  11.999  -14.050 1.00 27.11  ? 1   DA  B C6    1 
ATOM   159 N  N6    . DA  B 2 1  ? -1.410  11.510  -14.907 1.00 25.29  ? 1   DA  B N6    1 
ATOM   160 N  N1    . DA  B 2 1  ? -0.913  12.499  -12.863 1.00 26.99  ? 1   DA  B N1    1 
ATOM   161 C  C2    . DA  B 2 1  ? -0.002  12.985  -12.011 1.00 28.18  ? 1   DA  B C2    1 
ATOM   162 N  N3    . DA  B 2 1  ? 1.317   13.045  -12.140 1.00 29.70  ? 1   DA  B N3    1 
ATOM   163 C  C4    . DA  B 2 1  ? 1.703   12.540  -13.319 1.00 30.36  ? 1   DA  B C4    1 
ATOM   164 P  P     . DC  B 2 2  ? 7.915   11.908  -11.040 1.00 41.23  ? 2   DC  B P     1 
ATOM   165 O  OP1   . DC  B 2 2  ? 8.190   12.329  -9.646  1.00 41.62  ? 2   DC  B OP1   1 
ATOM   166 O  OP2   . DC  B 2 2  ? 8.993   11.633  -12.022 1.00 42.78  ? 2   DC  B OP2   1 
ATOM   167 O  "O5'" . DC  B 2 2  ? 7.047   10.574  -10.959 1.00 31.25  ? 2   DC  B "O5'" 1 
ATOM   168 C  "C5'" . DC  B 2 2  ? 7.654   9.361   -10.593 1.00 30.37  ? 2   DC  B "C5'" 1 
ATOM   169 C  "C4'" . DC  B 2 2  ? 6.726   8.537   -9.721  1.00 28.30  ? 2   DC  B "C4'" 1 
ATOM   170 O  "O4'" . DC  B 2 2  ? 5.470   8.282   -10.379 1.00 25.03  ? 2   DC  B "O4'" 1 
ATOM   171 C  "C3'" . DC  B 2 2  ? 7.253   7.165   -9.423  1.00 27.55  ? 2   DC  B "C3'" 1 
ATOM   172 O  "O3'" . DC  B 2 2  ? 7.987   7.230   -8.235  1.00 29.01  ? 2   DC  B "O3'" 1 
ATOM   173 C  "C2'" . DC  B 2 2  ? 5.997   6.275   -9.301  1.00 24.83  ? 2   DC  B "C2'" 1 
ATOM   174 C  "C1'" . DC  B 2 2  ? 4.862   7.216   -9.693  1.00 23.29  ? 2   DC  B "C1'" 1 
ATOM   175 N  N1    . DC  B 2 2  ? 3.822   6.594   -10.569 1.00 21.93  ? 2   DC  B N1    1 
ATOM   176 C  C2    . DC  B 2 2  ? 2.479   6.514   -10.123 1.00 21.72  ? 2   DC  B C2    1 
ATOM   177 O  O2    . DC  B 2 2  ? 2.176   6.941   -9.015  1.00 21.44  ? 2   DC  B O2    1 
ATOM   178 N  N3    . DC  B 2 2  ? 1.554   5.957   -10.928 1.00 21.22  ? 2   DC  B N3    1 
ATOM   179 C  C4    . DC  B 2 2  ? 1.907   5.495   -12.132 1.00 21.93  ? 2   DC  B C4    1 
ATOM   180 N  N4    . DC  B 2 2  ? 0.944   4.966   -12.897 1.00 18.72  ? 2   DC  B N4    1 
ATOM   181 C  C5    . DC  B 2 2  ? 3.259   5.570   -12.605 1.00 21.13  ? 2   DC  B C5    1 
ATOM   182 C  C6    . DC  B 2 2  ? 4.168   6.127   -11.807 1.00 22.19  ? 2   DC  B C6    1 
ATOM   183 P  P     . DG  B 2 3  ? 9.521   6.854   -8.261  1.00 33.94  ? 3   DG  B P     1 
ATOM   184 O  OP1   . DG  B 2 3  ? 10.063  7.379   -6.990  1.00 34.99  ? 3   DG  B OP1   1 
ATOM   185 O  OP2   . DG  B 2 3  ? 10.113  7.151   -9.585  1.00 35.48  ? 3   DG  B OP2   1 
ATOM   186 O  "O5'" . DG  B 2 3  ? 9.522   5.278   -8.188  1.00 30.02  ? 3   DG  B "O5'" 1 
ATOM   187 C  "C5'" . DG  B 2 3  ? 9.906   4.660   -7.000  1.00 29.25  ? 3   DG  B "C5'" 1 
ATOM   188 C  "C4'" . DG  B 2 3  ? 8.707   4.310   -6.149  1.00 27.29  ? 3   DG  B "C4'" 1 
ATOM   189 O  "O4'" . DG  B 2 3  ? 7.463   4.436   -6.932  1.00 25.99  ? 3   DG  B "O4'" 1 
ATOM   190 C  "C3'" . DG  B 2 3  ? 8.760   2.896   -5.583  1.00 26.51  ? 3   DG  B "C3'" 1 
ATOM   191 O  "O3'" . DG  B 2 3  ? 8.331   2.903   -4.262  1.00 26.26  ? 3   DG  B "O3'" 1 
ATOM   192 C  "C2'" . DG  B 2 3  ? 7.774   2.128   -6.475  1.00 25.20  ? 3   DG  B "C2'" 1 
ATOM   193 C  "C1'" . DG  B 2 3  ? 6.707   3.225   -6.676  1.00 24.82  ? 3   DG  B "C1'" 1 
ATOM   194 N  N9    . DG  B 2 3  ? 5.935   2.920   -7.933  1.00 21.04  ? 3   DG  B N9    1 
ATOM   195 C  C8    . DG  B 2 3  ? 6.359   2.298   -9.075  1.00 21.26  ? 3   DG  B C8    1 
ATOM   196 N  N7    . DG  B 2 3  ? 5.414   2.164   -9.968  1.00 20.49  ? 3   DG  B N7    1 
ATOM   197 C  C5    . DG  B 2 3  ? 4.298   2.729   -9.378  1.00 19.67  ? 3   DG  B C5    1 
ATOM   198 C  C6    . DG  B 2 3  ? 2.975   2.857   -9.864  1.00 20.65  ? 3   DG  B C6    1 
ATOM   199 O  O6    . DG  B 2 3  ? 2.516   2.500   -10.962 1.00 18.32  ? 3   DG  B O6    1 
ATOM   200 N  N1    . DG  B 2 3  ? 2.144   3.485   -8.937  1.00 20.27  ? 3   DG  B N1    1 
ATOM   201 C  C2    . DG  B 2 3  ? 2.536   3.931   -7.707  1.00 20.82  ? 3   DG  B C2    1 
ATOM   202 N  N2    . DG  B 2 3  ? 1.595   4.525   -6.966  1.00 18.56  ? 3   DG  B N2    1 
ATOM   203 N  N3    . DG  B 2 3  ? 3.765   3.800   -7.236  1.00 21.63  ? 3   DG  B N3    1 
ATOM   204 C  C4    . DG  B 2 3  ? 4.593   3.189   -8.124  1.00 20.04  ? 3   DG  B C4    1 
ATOM   205 P  P     . DG  B 2 4  ? 9.386   2.883   -3.062  1.00 27.89  ? 4   DG  B P     1 
ATOM   206 O  OP1   . DG  B 2 4  ? 9.981   4.237   -2.991  1.00 29.91  ? 4   DG  B OP1   1 
ATOM   207 O  OP2   . DG  B 2 4  ? 10.253  1.702   -3.189  1.00 27.58  ? 4   DG  B OP2   1 
ATOM   208 O  "O5'" . DG  B 2 4  ? 8.452   2.736   -1.786  1.00 26.34  ? 4   DG  B "O5'" 1 
ATOM   209 C  "C5'" . DG  B 2 4  ? 7.271   3.526   -1.698  1.00 23.12  ? 4   DG  B "C5'" 1 
ATOM   210 C  "C4'" . DG  B 2 4  ? 6.432   3.105   -0.513  1.00 22.66  ? 4   DG  B "C4'" 1 
ATOM   211 O  "O4'" . DG  B 2 4  ? 5.515   2.069   -0.891  1.00 21.37  ? 4   DG  B "O4'" 1 
ATOM   212 C  "C3'" . DG  B 2 4  ? 7.199   2.564   0.669   1.00 23.37  ? 4   DG  B "C3'" 1 
ATOM   213 O  "O3'" . DG  B 2 4  ? 6.529   2.961   1.864   1.00 26.26  ? 4   DG  B "O3'" 1 
ATOM   214 C  "C2'" . DG  B 2 4  ? 7.171   1.034   0.452   1.00 22.52  ? 4   DG  B "C2'" 1 
ATOM   215 C  "C1'" . DG  B 2 4  ? 5.903   0.817   -0.367  1.00 21.30  ? 4   DG  B "C1'" 1 
ATOM   216 N  N9    . DG  B 2 4  ? 6.050   -0.093  -1.511  1.00 22.93  ? 4   DG  B N9    1 
ATOM   217 C  C8    . DG  B 2 4  ? 7.219   -0.557  -2.079  1.00 23.63  ? 4   DG  B C8    1 
ATOM   218 N  N7    . DG  B 2 4  ? 7.030   -1.334  -3.111  1.00 20.57  ? 4   DG  B N7    1 
ATOM   219 C  C5    . DG  B 2 4  ? 5.648   -1.375  -3.249  1.00 19.60  ? 4   DG  B C5    1 
ATOM   220 C  C6    . DG  B 2 4  ? 4.843   -2.035  -4.213  1.00 19.71  ? 4   DG  B C6    1 
ATOM   221 O  O6    . DG  B 2 4  ? 5.202   -2.758  -5.136  1.00 20.11  ? 4   DG  B O6    1 
ATOM   222 N  N1    . DG  B 2 4  ? 3.488   -1.817  -4.001  1.00 19.06  ? 4   DG  B N1    1 
ATOM   223 C  C2    . DG  B 2 4  ? 2.964   -1.027  -2.995  1.00 19.38  ? 4   DG  B C2    1 
ATOM   224 N  N2    . DG  B 2 4  ? 1.628   -0.936  -2.949  1.00 17.58  ? 4   DG  B N2    1 
ATOM   225 N  N3    . DG  B 2 4  ? 3.706   -0.395  -2.085  1.00 20.18  ? 4   DG  B N3    1 
ATOM   226 C  C4    . DG  B 2 4  ? 5.034   -0.616  -2.270  1.00 19.65  ? 4   DG  B C4    1 
ATOM   227 P  P     . DG  B 2 5  ? 7.256   2.877   3.297   1.00 31.00  ? 5   DG  B P     1 
ATOM   228 O  OP1   . DG  B 2 5  ? 6.944   4.153   3.974   1.00 32.25  ? 5   DG  B OP1   1 
ATOM   229 O  OP2   . DG  B 2 5  ? 8.664   2.437   3.122   1.00 31.39  ? 5   DG  B OP2   1 
ATOM   230 O  "O5'" . DG  B 2 5  ? 6.495   1.679   4.034   1.00 25.33  ? 5   DG  B "O5'" 1 
ATOM   231 C  "C5'" . DG  B 2 5  ? 5.071   1.606   4.036   1.00 24.80  ? 5   DG  B "C5'" 1 
ATOM   232 C  "C4'" . DG  B 2 5  ? 4.619   0.185   4.363   1.00 24.82  ? 5   DG  B "C4'" 1 
ATOM   233 O  "O4'" . DG  B 2 5  ? 4.548   -0.611  3.149   1.00 23.95  ? 5   DG  B "O4'" 1 
ATOM   234 C  "C3'" . DG  B 2 5  ? 5.545   -0.584  5.325   1.00 25.79  ? 5   DG  B "C3'" 1 
ATOM   235 O  "O3'" . DG  B 2 5  ? 4.786   -1.119  6.365   1.00 25.83  ? 5   DG  B "O3'" 1 
ATOM   236 C  "C2'" . DG  B 2 5  ? 6.158   -1.692  4.445   1.00 25.58  ? 5   DG  B "C2'" 1 
ATOM   237 C  "C1'" . DG  B 2 5  ? 5.060   -1.901  3.408   1.00 24.19  ? 5   DG  B "C1'" 1 
ATOM   238 N  N9    . DG  B 2 5  ? 5.540   -2.465  2.140   1.00 23.27  ? 5   DG  B N9    1 
ATOM   239 C  C8    . DG  B 2 5  ? 6.840   -2.530  1.707   1.00 23.07  ? 5   DG  B C8    1 
ATOM   240 N  N7    . DG  B 2 5  ? 6.972   -3.065  0.533   1.00 22.11  ? 5   DG  B N7    1 
ATOM   241 C  C5    . DG  B 2 5  ? 5.668   -3.374  0.153   1.00 21.09  ? 5   DG  B C5    1 
ATOM   242 C  C6    . DG  B 2 5  ? 5.176   -3.975  -1.041  1.00 20.28  ? 5   DG  B C6    1 
ATOM   243 O  O6    . DG  B 2 5  ? 5.815   -4.353  -2.018  1.00 20.49  ? 5   DG  B O6    1 
ATOM   244 N  N1    . DG  B 2 5  ? 3.795   -4.106  -1.030  1.00 19.20  ? 5   DG  B N1    1 
ATOM   245 C  C2    . DG  B 2 5  ? 2.982   -3.708  0.006   1.00 21.24  ? 5   DG  B C2    1 
ATOM   246 N  N2    . DG  B 2 5  ? 1.680   -3.914  -0.166  1.00 18.84  ? 5   DG  B N2    1 
ATOM   247 N  N3    . DG  B 2 5  ? 3.429   -3.147  1.143   1.00 20.13  ? 5   DG  B N3    1 
ATOM   248 C  C4    . DG  B 2 5  ? 4.777   -3.012  1.139   1.00 20.66  ? 5   DG  B C4    1 
ATOM   249 P  P     . DC  B 2 6  ? 5.400   -1.289  7.850   1.00 30.48  ? 6   DC  B P     1 
ATOM   250 O  OP1   . DC  B 2 6  ? 4.164   -1.313  8.666   1.00 31.13  ? 6   DC  B OP1   1 
ATOM   251 O  OP2   . DC  B 2 6  ? 6.521   -0.363  8.128   1.00 30.99  ? 6   DC  B OP2   1 
ATOM   252 O  "O5'" . DC  B 2 6  ? 6.063   -2.743  7.828   1.00 30.11  ? 6   DC  B "O5'" 1 
ATOM   253 C  "C5'" . DC  B 2 6  ? 6.440   -3.390  9.018   1.00 31.06  ? 6   DC  B "C5'" 1 
ATOM   254 C  "C4'" . DC  B 2 6  ? 5.622   -4.655  9.199   1.00 31.00  ? 6   DC  B "C4'" 1 
ATOM   255 O  "O4'" . DC  B 2 6  ? 5.649   -5.456  7.985   1.00 30.17  ? 6   DC  B "O4'" 1 
ATOM   256 C  "C3'" . DC  B 2 6  ? 6.065   -5.570  10.337  1.00 32.03  ? 6   DC  B "C3'" 1 
ATOM   257 O  "O3'" . DC  B 2 6  ? 4.932   -5.881  11.111  1.00 32.40  ? 6   DC  B "O3'" 1 
ATOM   258 C  "C2'" . DC  B 2 6  ? 6.630   -6.821  9.624   1.00 32.03  ? 6   DC  B "C2'" 1 
ATOM   259 C  "C1'" . DC  B 2 6  ? 5.861   -6.819  8.307   1.00 30.67  ? 6   DC  B "C1'" 1 
ATOM   260 N  N1    . DC  B 2 6  ? 6.591   -7.414  7.179   1.00 29.94  ? 6   DC  B N1    1 
ATOM   261 C  C2    . DC  B 2 6  ? 5.891   -8.159  6.237   1.00 29.49  ? 6   DC  B C2    1 
ATOM   262 O  O2    . DC  B 2 6  ? 4.675   -8.338  6.399   1.00 29.64  ? 6   DC  B O2    1 
ATOM   263 N  N3    . DC  B 2 6  ? 6.564   -8.687  5.184   1.00 29.15  ? 6   DC  B N3    1 
ATOM   264 C  C4    . DC  B 2 6  ? 7.876   -8.464  5.052   1.00 29.52  ? 6   DC  B C4    1 
ATOM   265 N  N4    . DC  B 2 6  ? 8.500   -9.011  4.000   1.00 29.81  ? 6   DC  B N4    1 
ATOM   266 C  C5    . DC  B 2 6  ? 8.605   -7.701  6.002   1.00 29.65  ? 6   DC  B C5    1 
ATOM   267 C  C6    . DC  B 2 6  ? 7.927   -7.192  7.035   1.00 30.03  ? 6   DC  B C6    1 
ATOM   268 P  P     . DT  B 2 7  ? 5.096   -6.541  12.561  1.00 37.27  ? 7   DT  B P     1 
ATOM   269 O  OP1   . DT  B 2 7  ? 4.200   -5.788  13.463  1.00 38.60  ? 7   DT  B OP1   1 
ATOM   270 O  OP2   . DT  B 2 7  ? 6.545   -6.732  12.850  1.00 37.35  ? 7   DT  B OP2   1 
ATOM   271 O  "O5'" . DT  B 2 7  ? 4.458   -7.995  12.389  1.00 32.76  ? 7   DT  B "O5'" 1 
ATOM   272 C  "C5'" . DT  B 2 7  ? 3.086   -8.146  12.105  1.00 32.43  ? 7   DT  B "C5'" 1 
ATOM   273 C  "C4'" . DT  B 2 7  ? 2.855   -9.489  11.441  1.00 32.11  ? 7   DT  B "C4'" 1 
ATOM   274 O  "O4'" . DT  B 2 7  ? 3.492   -9.490  10.156  1.00 30.47  ? 7   DT  B "O4'" 1 
ATOM   275 C  "C3'" . DT  B 2 7  ? 3.503   -10.667 12.143  1.00 33.41  ? 7   DT  B "C3'" 1 
ATOM   276 O  "O3'" . DT  B 2 7  ? 2.667   -11.147 13.170  1.00 35.18  ? 7   DT  B "O3'" 1 
ATOM   277 C  "C2'" . DT  B 2 7  ? 3.660   -11.691 11.007  1.00 32.53  ? 7   DT  B "C2'" 1 
ATOM   278 C  "C1'" . DT  B 2 7  ? 3.649   -10.817 9.742   1.00 30.83  ? 7   DT  B "C1'" 1 
ATOM   279 N  N1    . DT  B 2 7  ? 4.883   -10.911 8.943   1.00 30.49  ? 7   DT  B N1    1 
ATOM   280 C  C2    . DT  B 2 7  ? 4.826   -11.501 7.712   1.00 29.67  ? 7   DT  B C2    1 
ATOM   281 O  O2    . DT  B 2 7  ? 3.801   -11.926 7.226   1.00 29.30  ? 7   DT  B O2    1 
ATOM   282 N  N3    . DT  B 2 7  ? 6.016   -11.559 7.049   1.00 29.66  ? 7   DT  B N3    1 
ATOM   283 C  C4    . DT  B 2 7  ? 7.243   -11.102 7.491   1.00 30.31  ? 7   DT  B C4    1 
ATOM   284 O  O4    . DT  B 2 7  ? 8.262   -11.204 6.817   1.00 30.20  ? 7   DT  B O4    1 
ATOM   285 C  C5    . DT  B 2 7  ? 7.240   -10.509 8.803   1.00 31.37  ? 7   DT  B C5    1 
ATOM   286 C  C7    . DT  B 2 7  ? 8.510   -9.991  9.390   1.00 32.26  ? 7   DT  B C7    1 
ATOM   287 C  C6    . DT  B 2 7  ? 6.069   -10.440 9.463   1.00 31.46  ? 7   DT  B C6    1 
HETATM 288 N  N     . DSN C 3 1  ? -1.236  10.845  -8.179  1.00 15.99  ? 1   DSN G N     1 
HETATM 289 C  CA    . DSN C 3 1  ? -1.718  11.508  -7.062  1.00 18.05  ? 1   DSN G CA    1 
HETATM 290 C  C     . DSN C 3 1  ? -2.311  10.723  -5.942  1.00 16.80  ? 1   DSN G C     1 
HETATM 291 O  O     . DSN C 3 1  ? -2.250  11.217  -4.794  1.00 17.68  ? 1   DSN G O     1 
HETATM 292 C  CB    . DSN C 3 1  ? -0.781  12.566  -6.632  1.00 20.58  ? 1   DSN G CB    1 
HETATM 293 O  OG    . DSN C 3 1  ? 0.460   12.021  -6.302  1.00 22.64  ? 1   DSN G OG    1 
ATOM   294 N  N     . ALA C 3 2  ? -2.711  9.481   -6.149  1.00 36.62  ? 2   ALA G N     1 
ATOM   295 C  CA    . ALA C 3 2  ? -2.921  8.558   -5.041  1.00 33.64  ? 2   ALA G CA    1 
ATOM   296 C  C     . ALA C 3 2  ? -1.595  8.228   -4.317  1.00 30.64  ? 2   ALA G C     1 
ATOM   297 O  O     . ALA C 3 2  ? -0.517  8.401   -4.886  1.00 30.63  ? 2   ALA G O     1 
ATOM   298 C  CB    . ALA C 3 2  ? -3.581  7.293   -5.559  1.00 33.05  ? 2   ALA G CB    1 
HETATM 299 N  N     . N2C C 3 3  ? -1.657  7.761   -3.063  1.00 27.29  ? 3   N2C G N     1 
HETATM 300 C  CA    . N2C C 3 3  ? -0.483  7.224   -2.424  1.00 25.33  ? 3   N2C G CA    1 
HETATM 301 C  CB    . N2C C 3 3  ? 0.206   8.053   -1.312  1.00 25.61  ? 3   N2C G CB    1 
HETATM 302 S  SG    . N2C C 3 3  ? 0.123   9.807   -1.691  1.00 37.83  ? 3   N2C G SG    1 
HETATM 303 C  CD    . N2C C 3 3  ? -1.336  10.421  -0.851  1.00 52.93  ? 3   N2C G CD    1 
HETATM 304 C  CN    . N2C C 3 3  ? -2.851  7.523   -2.306  1.00 26.84  ? 3   N2C G CN    1 
HETATM 305 C  C     . N2C C 3 3  ? -0.743  5.846   -1.855  1.00 23.82  ? 3   N2C G C     1 
HETATM 306 O  O     . N2C C 3 3  ? -0.681  5.696   -0.653  1.00 25.11  ? 3   N2C G O     1 
HETATM 307 N  N     . MVA C 3 4  ? -0.987  4.853   -2.710  1.00 21.19  ? 4   MVA G N     1 
HETATM 308 C  CN    . MVA C 3 4  ? -0.609  5.009   -4.115  1.00 19.79  ? 4   MVA G CN    1 
HETATM 309 C  CA    . MVA C 3 4  ? -1.306  3.531   -2.207  1.00 20.41  ? 4   MVA G CA    1 
HETATM 310 C  CB    . MVA C 3 4  ? -2.476  2.819   -2.893  1.00 20.36  ? 4   MVA G CB    1 
HETATM 311 C  CG1   . MVA C 3 4  ? -3.643  3.763   -3.175  1.00 21.25  ? 4   MVA G CG1   1 
HETATM 312 C  CG2   . MVA C 3 4  ? -2.104  2.003   -4.142  1.00 19.88  ? 4   MVA G CG2   1 
HETATM 313 C  C     . MVA C 3 4  ? 0.035   2.809   -2.146  1.00 19.90  ? 4   MVA G C     1 
HETATM 314 O  O     . MVA C 3 4  ? 0.120   1.520   -1.593  1.00 19.83  ? 4   MVA G O     1 
HETATM 315 N  N     . DSN C 3 5  ? 2.813   2.556   -4.365  1.00 22.95  ? 5   DSN G N     1 
HETATM 316 C  CA    . DSN C 3 5  ? 3.491   2.871   -3.174  1.00 23.26  ? 5   DSN G CA    1 
HETATM 317 C  C     . DSN C 3 5  ? 3.884   4.343   -3.205  1.00 25.90  ? 5   DSN G C     1 
HETATM 318 O  O     . DSN C 3 5  ? 4.027   4.975   -2.133  1.00 25.90  ? 5   DSN G O     1 
HETATM 319 C  CB    . DSN C 3 5  ? 2.474   2.621   -2.035  1.00 21.97  ? 5   DSN G CB    1 
HETATM 320 O  OG    . DSN C 3 5  ? 1.306   3.348   -2.341  1.00 21.73  ? 5   DSN G OG    1 
ATOM   321 N  N     . ALA C 3 6  ? 4.057   4.878   -4.400  1.00 28.83  ? 6   ALA G N     1 
ATOM   322 C  CA    . ALA C 3 6  ? 4.487   6.259   -4.582  1.00 33.14  ? 6   ALA G CA    1 
ATOM   323 C  C     . ALA C 3 6  ? 3.348   7.209   -4.287  1.00 36.75  ? 6   ALA G C     1 
ATOM   324 O  O     . ALA C 3 6  ? 2.186   6.810   -4.360  1.00 35.45  ? 6   ALA G O     1 
ATOM   325 C  CB    . ALA C 3 6  ? 4.995   6.468   -6.000  1.00 33.82  ? 6   ALA G CB    1 
HETATM 326 N  N     . NCY C 3 7  ? 3.658   8.469   -3.956  1.00 21.74  ? 7   NCY G N     1 
HETATM 327 C  CA    . NCY C 3 7  ? 2.604   9.411   -3.642  1.00 23.99  ? 7   NCY G CA    1 
HETATM 328 C  CB    . NCY C 3 7  ? 2.601   9.721   -2.142  1.00 23.74  ? 7   NCY G CB    1 
HETATM 329 S  SG    . NCY C 3 7  ? 1.927   8.444   -1.079  1.00 45.56  ? 7   NCY G SG    1 
HETATM 330 C  CN    . NCY C 3 7  ? 4.984   9.052   -3.850  1.00 22.22  ? 7   NCY G CN    1 
HETATM 331 C  C     . NCY C 3 7  ? 2.798   10.724  -4.419  1.00 26.64  ? 7   NCY G C     1 
HETATM 332 O  O     . NCY C 3 7  ? 3.114   11.771  -3.841  1.00 27.32  ? 7   NCY G O     1 
HETATM 333 N  N     . MVA C 3 8  ? 2.592   10.704  -5.740  1.00 28.08  ? 8   MVA G N     1 
HETATM 334 C  CN    . MVA C 3 8  ? 2.085   9.537   -6.460  1.00 27.58  ? 8   MVA G CN    1 
HETATM 335 C  CA    . MVA C 3 8  ? 2.764   11.986  -6.418  1.00 29.71  ? 8   MVA G CA    1 
HETATM 336 C  CB    . MVA C 3 8  ? 3.819   11.984  -7.543  1.00 31.90  ? 8   MVA G CB    1 
HETATM 337 C  CG1   . MVA C 3 8  ? 5.068   11.220  -7.121  1.00 32.88  ? 8   MVA G CG1   1 
HETATM 338 C  CG2   . MVA C 3 8  ? 3.312   11.535  -8.914  1.00 32.71  ? 8   MVA G CG2   1 
HETATM 339 C  C     . MVA C 3 8  ? 1.443   12.601  -6.747  1.00 30.12  ? 8   MVA G C     1 
HETATM 340 O  O     . MVA C 3 8  ? 1.455   13.673  -7.684  1.00 30.79  ? 8   MVA G O     1 
ATOM   341 N  N     . THR D 4 1  ? 0.292   -8.116  1.367   1.00 20.27  ? 1   THR C N     1 
ATOM   342 C  CA    . THR D 4 1  ? -0.988  -8.192  2.038   1.00 22.14  ? 1   THR C CA    1 
ATOM   343 C  C     . THR D 4 1  ? -0.798  -8.173  3.548   1.00 23.28  ? 1   THR C C     1 
ATOM   344 O  O     . THR D 4 1  ? 0.273   -8.515  4.048   1.00 22.99  ? 1   THR C O     1 
ATOM   345 C  CB    . THR D 4 1  ? -1.722  -9.475  1.675   1.00 23.18  ? 1   THR C CB    1 
ATOM   346 O  OG1   . THR D 4 1  ? -0.942  -10.581 2.152   1.00 23.92  ? 1   THR C OG1   1 
ATOM   347 C  CG2   . THR D 4 1  ? -1.911  -9.609  0.153   1.00 22.38  ? 1   THR C CG2   1 
HETATM 348 N  N     . DVA D 4 2  ? -1.836  -7.791  4.278   1.00 24.52  ? 2   DVA C N     1 
HETATM 349 C  CA    . DVA D 4 2  ? -1.830  -7.970  5.727   1.00 25.28  ? 2   DVA C CA    1 
HETATM 350 C  CB    . DVA D 4 2  ? -3.238  -8.285  6.263   1.00 25.47  ? 2   DVA C CB    1 
HETATM 351 C  CG1   . DVA D 4 2  ? -3.524  -7.535  7.570   1.00 26.32  ? 2   DVA C CG1   1 
HETATM 352 C  CG2   . DVA D 4 2  ? -4.267  -7.977  5.228   1.00 24.97  ? 2   DVA C CG2   1 
HETATM 353 C  C     . DVA D 4 2  ? -1.184  -6.800  6.467   1.00 26.16  ? 2   DVA C C     1 
HETATM 354 O  O     . DVA D 4 2  ? -1.569  -5.642  6.263   1.00 26.37  ? 2   DVA C O     1 
ATOM   355 N  N     . PRO D 4 3  ? -0.123  -7.078  7.249   1.00 26.63  ? 3   PRO C N     1 
ATOM   356 C  CA    . PRO D 4 3  ? 0.660   -8.319  7.278   1.00 26.87  ? 3   PRO C CA    1 
ATOM   357 C  C     . PRO D 4 3  ? 0.012   -9.450  8.057   1.00 28.27  ? 3   PRO C C     1 
ATOM   358 O  O     . PRO D 4 3  ? -0.535  -9.172  9.108   1.00 29.97  ? 3   PRO C O     1 
ATOM   359 C  CB    . PRO D 4 3  ? 1.956   -7.891  7.977   1.00 26.85  ? 3   PRO C CB    1 
ATOM   360 C  CG    . PRO D 4 3  ? 1.739   -6.473  8.438   1.00 27.09  ? 3   PRO C CG    1 
ATOM   361 C  CD    . PRO D 4 3  ? 0.317   -6.151  8.296   1.00 27.32  ? 3   PRO C CD    1 
HETATM 362 N  N     . SAR D 4 4  ? 0.113   -10.691 7.588   1.00 27.90  ? 4   SAR C N     1 
HETATM 363 C  CA    . SAR D 4 4  ? 0.804   -11.015 6.373   1.00 26.44  ? 4   SAR C CA    1 
HETATM 364 C  C     . SAR D 4 4  ? -0.179  -11.500 5.326   1.00 25.96  ? 4   SAR C C     1 
HETATM 365 O  O     . SAR D 4 4  ? -1.325  -11.243 5.445   1.00 26.53  ? 4   SAR C O     1 
HETATM 366 C  CN    . SAR D 4 4  ? -0.075  -11.829 8.373   1.00 29.01  ? 4   SAR C CN    1 
HETATM 367 N  N     . MVA D 4 5  ? 0.303   -12.213 4.313   1.00 25.30  ? 5   MVA C N     1 
HETATM 368 C  CN    . MVA D 4 5  ? 1.733   -12.320 4.062   1.00 24.60  ? 5   MVA C CN    1 
HETATM 369 C  CA    . MVA D 4 5  ? -0.561  -12.794 3.271   1.00 25.29  ? 5   MVA C CA    1 
HETATM 370 C  CB    . MVA D 4 5  ? -1.118  -14.200 3.616   1.00 28.96  ? 5   MVA C CB    1 
HETATM 371 C  CG1   . MVA D 4 5  ? -1.583  -14.402 5.049   1.00 30.38  ? 5   MVA C CG1   1 
HETATM 372 C  CG2   . MVA D 4 5  ? -2.161  -14.708 2.630   1.00 29.15  ? 5   MVA C CG2   1 
HETATM 373 C  C     . MVA D 4 5  ? -1.525  -11.823 2.631   1.00 24.97  ? 5   MVA C C     1 
HETATM 374 O  O     . MVA D 4 5  ? -2.909  -11.792 2.852   1.00 26.10  ? 5   MVA C O     1 
HETATM 375 C  C1    . PXZ D 4 6  ? 2.347   -7.484  -0.118  1.00 19.28  ? 6   PXZ C C1    1 
HETATM 376 C  C0    . PXZ D 4 6  ? 0.921   -7.387  0.384   1.00 19.70  ? 6   PXZ C C0    1 
HETATM 377 O  O1    . PXZ D 4 6  ? -0.025  -7.000  -0.278  1.00 19.66  ? 6   PXZ C O1    1 
HETATM 378 C  C2    . PXZ D 4 6  ? 2.469   -8.035  -1.382  1.00 19.36  ? 6   PXZ C C2    1 
HETATM 379 N  N2    . PXZ D 4 6  ? 1.357   -8.465  -2.149  1.00 19.88  ? 6   PXZ C N2    1 
HETATM 380 C  C3    . PXZ D 4 6  ? 3.733   -8.187  -1.939  1.00 18.99  ? 6   PXZ C C3    1 
HETATM 381 O  O3    . PXZ D 4 6  ? 3.829   -8.685  -3.043  1.00 19.32  ? 6   PXZ C O3    1 
HETATM 382 C  C4    . PXZ D 4 6  ? 4.866   -7.780  -1.234  1.00 18.42  ? 6   PXZ C C4    1 
HETATM 383 O  O5    . PXZ D 4 6  ? 5.887   -6.848  0.703   1.00 19.20  ? 6   PXZ C O5    1 
HETATM 384 C  C6    . PXZ D 4 6  ? 6.877   -5.883  2.693   1.00 20.54  ? 6   PXZ C C6    1 
HETATM 385 C  C7    . PXZ D 4 6  ? 6.756   -5.332  3.977   1.00 20.54  ? 6   PXZ C C7    1 
HETATM 386 C  C8    . PXZ D 4 6  ? 5.473   -5.187  4.535   1.00 20.93  ? 6   PXZ C C8    1 
HETATM 387 C  C9    . PXZ D 4 6  ? 4.355   -5.596  3.781   1.00 21.00  ? 6   PXZ C C9    1 
HETATM 388 C  "C0'" . PXZ D 4 6  ? 3.061   -5.373  4.517   1.00 22.87  ? 6   PXZ C "C0'" 1 
HETATM 389 O  "O1'" . PXZ D 4 6  ? 2.806   -6.096  5.455   1.00 24.36  ? 6   PXZ C "O1'" 1 
HETATM 390 N  N10   . PXZ D 4 6  ? 3.364   -6.525  1.843   1.00 19.00  ? 6   PXZ C N10   1 
HETATM 391 C  C11   . PXZ D 4 6  ? 3.492   -7.080  0.606   1.00 18.93  ? 6   PXZ C C11   1 
HETATM 392 C  C12   . PXZ D 4 6  ? 4.746   -7.236  0.040   1.00 18.65  ? 6   PXZ C C12   1 
HETATM 393 C  C13   . PXZ D 4 6  ? 5.744   -6.302  1.966   1.00 19.87  ? 6   PXZ C C13   1 
HETATM 394 C  C14   . PXZ D 4 6  ? 4.492   -6.153  2.514   1.00 19.66  ? 6   PXZ C C14   1 
HETATM 395 C  C15   . PXZ D 4 6  ? 6.156   -8.013  -1.999  1.00 17.76  ? 6   PXZ C C15   1 
HETATM 396 C  C16   . PXZ D 4 6  ? 8.359   -5.885  2.422   1.00 21.25  ? 6   PXZ C C16   1 
ATOM   397 N  N     . THR D 4 7  ? 1.901   -4.735  3.729   1.00 22.83  ? 7   THR C N     1 
ATOM   398 C  CA    . THR D 4 7  ? 0.668   -4.252  4.320   1.00 24.10  ? 7   THR C CA    1 
ATOM   399 C  C     . THR D 4 7  ? -0.406  -4.167  3.261   1.00 24.10  ? 7   THR C C     1 
ATOM   400 O  O     . THR D 4 7  ? -0.112  -3.930  2.094   1.00 22.04  ? 7   THR C O     1 
ATOM   401 C  CB    . THR D 4 7  ? 0.839   -2.856  4.972   1.00 47.42  ? 7   THR C CB    1 
ATOM   402 O  OG1   . THR D 4 7  ? 1.392   -1.944  4.019   1.00 45.67  ? 7   THR C OG1   1 
ATOM   403 C  CG2   . THR D 4 7  ? 1.751   -2.907  6.198   1.00 48.47  ? 7   THR C CG2   1 
HETATM 404 N  N     . DVA D 4 8  ? -1.663  -4.345  3.657   1.00 26.43  ? 8   DVA C N     1 
HETATM 405 C  CA    . DVA D 4 8  ? -2.748  -3.972  2.749   1.00 27.57  ? 8   DVA C CA    1 
HETATM 406 C  CB    . DVA D 4 8  ? -3.935  -3.180  3.460   1.00 25.65  ? 8   DVA C CB    1 
HETATM 407 C  CG1   . DVA D 4 8  ? -5.252  -3.950  3.429   1.00 26.41  ? 8   DVA C CG1   1 
HETATM 408 C  CG2   . DVA D 4 8  ? -3.549  -2.773  4.879   1.00 25.81  ? 8   DVA C CG2   1 
HETATM 409 C  C     . DVA D 4 8  ? -3.220  -5.126  1.883   1.00 27.50  ? 8   DVA C C     1 
HETATM 410 O  O     . DVA D 4 8  ? -3.547  -6.191  2.403   1.00 26.83  ? 8   DVA C O     1 
ATOM   411 N  N     . PRO D 4 9  ? -3.157  -4.945  0.545   1.00 28.41  ? 9   PRO C N     1 
ATOM   412 C  CA    . PRO D 4 9  ? -2.537  -3.774  -0.100  1.00 29.23  ? 9   PRO C CA    1 
ATOM   413 C  C     . PRO D 4 9  ? -3.392  -2.502  -0.059  1.00 31.57  ? 9   PRO C C     1 
ATOM   414 O  O     . PRO D 4 9  ? -4.629  -2.538  -0.045  1.00 30.92  ? 9   PRO C O     1 
ATOM   415 C  CB    . PRO D 4 9  ? -2.343  -4.243  -1.543  1.00 27.98  ? 9   PRO C CB    1 
ATOM   416 C  CG    . PRO D 4 9  ? -3.404  -5.220  -1.751  1.00 27.91  ? 9   PRO C CG    1 
ATOM   417 C  CD    . PRO D 4 9  ? -3.563  -5.953  -0.453  1.00 28.24  ? 9   PRO C CD    1 
HETATM 418 N  N     . SAR D 4 10 ? -2.726  -1.361  -0.003  1.00 16.09  ? 10  SAR C N     1 
HETATM 419 C  CA    . SAR D 4 10 ? -1.274  -1.273  0.049   1.00 17.43  ? 10  SAR C CA    1 
HETATM 420 C  C     . SAR D 4 10 ? -0.799  -0.844  1.444   1.00 18.86  ? 10  SAR C C     1 
HETATM 421 O  O     . SAR D 4 10 ? -1.543  -0.971  2.369   1.00 19.26  ? 10  SAR C O     1 
HETATM 422 C  CN    . SAR D 4 10 ? -3.373  -0.097  -0.027  1.00 17.00  ? 10  SAR C CN    1 
HETATM 423 N  N     . MVA D 4 11 ? 0.436   -0.363  1.578   1.00 20.18  ? 11  MVA C N     1 
HETATM 424 C  CN    . MVA D 4 11 ? 1.491   -0.532  0.593   1.00 20.26  ? 11  MVA C CN    1 
HETATM 425 C  CA    . MVA D 4 11 ? 0.889   0.210   2.843   1.00 22.06  ? 11  MVA C CA    1 
HETATM 426 C  CB    . MVA D 4 11 ? 0.410   1.662   3.012   1.00 21.85  ? 11  MVA C CB    1 
HETATM 427 C  CG1   . MVA D 4 11 ? -1.027  1.795   3.509   1.00 21.81  ? 11  MVA C CG1   1 
HETATM 428 C  CG2   . MVA D 4 11 ? 1.384   2.441   3.899   1.00 21.66  ? 11  MVA C CG2   1 
HETATM 429 C  C     . MVA D 4 11 ? 0.590   -0.663  4.042   1.00 25.40  ? 11  MVA C C     1 
HETATM 430 O  O     . MVA D 4 11 ? 0.557   -0.126  5.327   1.00 26.63  ? 11  MVA C O     1 
HETATM 431 ZN ZN    . ZN  E 5 .  ? 1.228   -5.021  -12.355 0.33 54.89  ? 101 ZN  A ZN    1 
HETATM 432 ZN ZN    . ZN  F 5 .  ? 10.353  -12.306 0.876   1.00 55.60  ? 102 ZN  A ZN    1 
HETATM 433 ZN ZN    . ZN  G 5 .  ? -4.729  5.836   -13.720 1.00 116.56 ? 103 ZN  A ZN    1 
HETATM 434 K  K     . K   H 6 .  ? 5.733   -21.871 -3.073  0.33 43.51  ? 104 K   A K     1 
HETATM 435 CL CL    . CL  I 7 .  ? 6.371   -24.259 -1.758  0.33 55.70  ? 105 CL  A CL    1 
HETATM 436 ZN ZN    . ZN  J 5 .  ? 8.723   -2.251  -4.193  1.00 16.11  ? 101 ZN  B ZN    1 
HETATM 437 ZN ZN    . ZN  K 5 .  ? 5.771   1.573   -11.853 1.00 16.57  ? 102 ZN  B ZN    1 
HETATM 438 CL CL    . CL  L 7 .  ? 4.491   -0.109  -12.246 1.00 28.19  ? 103 CL  B CL    1 
HETATM 439 N  N1    . QUI M 8 .  ? 1.665   1.103   -6.373  1.00 11.27  ? 101 QUI G N1    1 
HETATM 440 C  C2    . QUI M 8 .  ? 2.966   0.859   -6.284  1.00 11.03  ? 101 QUI G C2    1 
HETATM 441 C  C3    . QUI M 8 .  ? 3.603   0.033   -7.200  1.00 11.10  ? 101 QUI G C3    1 
HETATM 442 N  N4    . QUI M 8 .  ? 2.909   -0.556  -8.192  1.00 11.47  ? 101 QUI G N4    1 
HETATM 443 C  C5    . QUI M 8 .  ? 0.887   -0.946  -9.338  1.00 11.52  ? 101 QUI G C5    1 
HETATM 444 C  C6    . QUI M 8 .  ? -0.479  -0.700  -9.439  1.00 11.56  ? 101 QUI G C6    1 
HETATM 445 C  C7    . QUI M 8 .  ? -1.130  0.135   -8.531  1.00 11.48  ? 101 QUI G C7    1 
HETATM 446 C  C8    . QUI M 8 .  ? -0.426  0.747   -7.495  1.00 11.44  ? 101 QUI G C8    1 
HETATM 447 C  C9    . QUI M 8 .  ? 0.954   0.507   -7.380  1.00 11.48  ? 101 QUI G C9    1 
HETATM 448 C  C10   . QUI M 8 .  ? 1.597   -0.330  -8.301  1.00 11.51  ? 101 QUI G C10   1 
HETATM 449 C  C     . QUI M 8 .  ? 3.609   1.613   -5.084  1.00 8.50   ? 101 QUI G C     1 
HETATM 450 O  O1    . QUI M 8 .  ? 4.752   1.278   -4.719  1.00 9.09   ? 101 QUI G O1    1 
HETATM 451 N  N1    . QUI N 8 .  ? -0.214  10.053  -10.466 1.00 11.75  ? 102 QUI G N1    1 
HETATM 452 C  C2    . QUI N 8 .  ? -1.522  10.044  -10.543 1.00 11.45  ? 102 QUI G C2    1 
HETATM 453 C  C3    . QUI N 8 .  ? -2.166  9.543   -11.671 1.00 11.13  ? 102 QUI G C3    1 
HETATM 454 N  N4    . QUI N 8 .  ? -1.468  9.055   -12.674 1.00 11.40  ? 102 QUI G N4    1 
HETATM 455 C  C5    . QUI N 8 .  ? 0.631   8.571   -13.694 1.00 11.41  ? 102 QUI G C5    1 
HETATM 456 C  C6    . QUI N 8 .  ? 1.999   8.592   -13.605 1.00 11.46  ? 102 QUI G C6    1 
HETATM 457 C  C7    . QUI N 8 .  ? 2.620   9.110   -12.473 1.00 11.80  ? 102 QUI G C7    1 
HETATM 458 C  C8    . QUI N 8 .  ? 1.905   9.596   -11.409 1.00 11.78  ? 102 QUI G C8    1 
HETATM 459 C  C9    . QUI N 8 .  ? 0.521   9.569   -11.492 1.00 11.93  ? 102 QUI G C9    1 
HETATM 460 C  C10   . QUI N 8 .  ? -0.122  9.065   -12.613 1.00 11.81  ? 102 QUI G C10   1 
HETATM 461 C  C     . QUI N 8 .  ? -2.166  10.648  -9.263  1.00 14.05  ? 102 QUI G C     1 
HETATM 462 O  O1    . QUI N 8 .  ? -3.387  10.913  -9.343  1.00 13.16  ? 102 QUI G O1    1 
HETATM 463 O  O     . HOH O 9 .  ? 0.555   -12.472 -5.263  1.00 33.11  ? 201 HOH A O     1 
HETATM 464 O  O     . HOH O 9 .  ? 1.307   -18.941 -0.648  1.00 32.52  ? 202 HOH A O     1 
HETATM 465 O  O     . HOH O 9 .  ? -4.533  -10.224 -7.218  1.00 27.77  ? 203 HOH A O     1 
HETATM 466 O  O     . HOH O 9 .  ? -8.086  -3.565  -7.606  1.00 17.48  ? 204 HOH A O     1 
HETATM 467 O  O     . HOH O 9 .  ? 4.391   -16.850 -5.839  0.33 7.87   ? 205 HOH A O     1 
HETATM 468 O  O     . HOH O 9 .  ? -7.251  -1.668  -4.207  1.00 19.49  ? 206 HOH A O     1 
HETATM 469 O  O     . HOH O 9 .  ? -7.901  -8.694  -6.195  1.00 7.01   ? 207 HOH A O     1 
HETATM 470 O  O     . HOH O 9 .  ? -2.712  -6.432  -9.122  1.00 20.41  ? 208 HOH A O     1 
HETATM 471 O  O     . HOH O 9 .  ? -5.890  0.897   -11.482 1.00 10.20  ? 209 HOH A O     1 
HETATM 472 O  O     . HOH O 9 .  ? 3.987   -6.266  -9.358  1.00 21.87  ? 210 HOH A O     1 
HETATM 473 O  O     . HOH O 9 .  ? 4.363   -13.062 -4.394  1.00 30.38  ? 211 HOH A O     1 
HETATM 474 O  O     . HOH O 9 .  ? -6.776  -5.068  -9.294  1.00 8.51   ? 212 HOH A O     1 
HETATM 475 O  O     . HOH O 9 .  ? -0.149  -9.262  -7.982  1.00 24.03  ? 213 HOH A O     1 
HETATM 476 O  O     . HOH O 9 .  ? 3.330   -3.656  -11.497 1.00 19.59  ? 214 HOH A O     1 
HETATM 477 O  O     . HOH O 9 .  ? 3.529   -13.629 -7.614  0.33 38.55  ? 215 HOH A O     1 
HETATM 478 O  O     . HOH O 9 .  ? -8.734  1.141   -3.154  1.00 42.22  ? 216 HOH A O     1 
HETATM 479 O  O     . HOH P 9 .  ? 1.004   9.857   -17.281 1.00 25.34  ? 201 HOH B O     1 
HETATM 480 O  O     . HOH P 9 .  ? 9.962   4.261   -10.604 1.00 33.17  ? 202 HOH B O     1 
HETATM 481 O  O     . HOH P 9 .  ? 2.450   -14.262 7.415   0.50 19.14  ? 203 HOH B O     1 
HETATM 482 O  O     . HOH P 9 .  ? 9.440   -3.557  -0.526  1.00 16.40  ? 204 HOH B O     1 
HETATM 483 O  O     . HOH P 9 .  ? 9.237   -0.328  -4.822  1.00 13.54  ? 205 HOH B O     1 
HETATM 484 O  O     . HOH P 9 .  ? 8.305   -4.233  -3.554  1.00 7.21   ? 206 HOH B O     1 
HETATM 485 O  O     . HOH Q 9 .  ? 5.073   -1.750  -9.646  1.00 13.77  ? 201 HOH G O     1 
HETATM 486 O  O     . HOH R 9 .  ? -2.612  -3.878  8.118   1.00 32.95  ? 101 HOH C O     1 
HETATM 487 O  O     . HOH R 9 .  ? 2.015   -10.880 -5.310  1.00 25.75  ? 102 HOH C O     1 
HETATM 488 O  O     . HOH R 9 .  ? -7.758  -3.548  -2.368  1.00 28.24  ? 103 HOH C O     1 
# 
loop_
_atom_site_anisotrop.id 
_atom_site_anisotrop.type_symbol 
_atom_site_anisotrop.pdbx_label_atom_id 
_atom_site_anisotrop.pdbx_label_alt_id 
_atom_site_anisotrop.pdbx_label_comp_id 
_atom_site_anisotrop.pdbx_label_asym_id 
_atom_site_anisotrop.pdbx_label_seq_id 
_atom_site_anisotrop.pdbx_PDB_ins_code 
_atom_site_anisotrop.U[1][1] 
_atom_site_anisotrop.U[2][2] 
_atom_site_anisotrop.U[3][3] 
_atom_site_anisotrop.U[1][2] 
_atom_site_anisotrop.U[1][3] 
_atom_site_anisotrop.U[2][3] 
_atom_site_anisotrop.pdbx_auth_seq_id 
_atom_site_anisotrop.pdbx_auth_comp_id 
_atom_site_anisotrop.pdbx_auth_asym_id 
_atom_site_anisotrop.pdbx_auth_atom_id 
1   P P     . DA  A 1 ? 1.2186 0.9418 1.1750 0.2055  -0.0085 0.0606  1 DA  A P     
2   O OP1   . DA  A 1 ? 1.2058 0.9165 1.1484 0.1945  0.0042  0.0411  1 DA  A OP1   
3   O OP2   . DA  A 1 ? 1.2454 0.9701 1.2328 0.2281  -0.0131 0.0595  1 DA  A OP2   
4   O "O5'" . DA  A 1 ? 0.6867 0.4576 0.6379 0.2004  -0.0096 0.0671  1 DA  A "O5'" 
5   C "C5'" . DA  A 1 ? 0.6772 0.4518 0.6136 0.1886  -0.0183 0.0876  1 DA  A "C5'" 
6   C "C4'" . DA  A 1 ? 0.6669 0.4184 0.5767 0.1675  -0.0141 0.0888  1 DA  A "C4'" 
7   O "O4'" . DA  A 1 ? 0.6391 0.4141 0.5360 0.1536  -0.0169 0.1007  1 DA  A "O4'" 
8   C "C3'" . DA  A 1 ? 0.6389 0.3916 0.5400 0.1613  -0.0008 0.0687  1 DA  A "C3'" 
9   O "O3'" . DA  A 1 ? 0.6506 0.3731 0.5289 0.1435  0.0011  0.0712  1 DA  A "O3'" 
10  C "C2'" . DA  A 1 ? 0.5898 0.3862 0.4905 0.1588  0.0032  0.0669  1 DA  A "C2'" 
11  C "C1'" . DA  A 1 ? 0.5894 0.3949 0.4840 0.1512  -0.0064 0.0878  1 DA  A "C1'" 
12  N N9    . DA  A 1 ? 0.5616 0.4063 0.4677 0.1591  -0.0096 0.0928  1 DA  A N9    
13  C C8    . DA  A 1 ? 0.5547 0.4234 0.4802 0.1761  -0.0081 0.0843  1 DA  A C8    
14  N N7    . DA  A 1 ? 0.5395 0.4441 0.4699 0.1784  -0.0119 0.0925  1 DA  A N7    
15  C C5    . DA  A 1 ? 0.5330 0.4363 0.4463 0.1609  -0.0164 0.1071  1 DA  A C5    
16  C C6    . DA  A 1 ? 0.5204 0.4542 0.4281 0.1509  -0.0211 0.1200  1 DA  A C6    
17  N N6    . DA  A 1 ? 0.5129 0.4867 0.4319 0.1587  -0.0226 0.1217  1 DA  A N6    
18  N N1    . DA  A 1 ? 0.5189 0.4437 0.4083 0.1299  -0.0236 0.1300  1 DA  A N1    
19  C C2    . DA  A 1 ? 0.5265 0.4158 0.4046 0.1209  -0.0219 0.1285  1 DA  A C2    
20  N N3    . DA  A 1 ? 0.5387 0.3974 0.4198 0.1292  -0.0177 0.1181  1 DA  A N3    
21  C C4    . DA  A 1 ? 0.5444 0.4114 0.4433 0.1490  -0.0150 0.1073  1 DA  A C4    
22  P P     . DG  A 2 ? 0.6597 0.3815 0.5229 0.1316  0.0127  0.0559  2 DG  A P     
23  O OP1   . DG  A 2 ? 0.6804 0.3613 0.5238 0.1172  0.0132  0.0572  2 DG  A OP1   
24  O OP2   . DG  A 2 ? 0.6529 0.3940 0.5303 0.1425  0.0202  0.0380  2 DG  A OP2   
25  O "O5'" . DG  A 2 ? 0.4564 0.2110 0.3124 0.1218  0.0139  0.0624  2 DG  A "O5'" 
26  C "C5'" . DG  A 2 ? 0.4517 0.2024 0.2932 0.1057  0.0090  0.0774  2 DG  A "C5'" 
27  C "C4'" . DG  A 2 ? 0.4059 0.1852 0.2415 0.0953  0.0151  0.0756  2 DG  A "C4'" 
28  O "O4'" . DG  A 2 ? 0.3815 0.1958 0.2278 0.1009  0.0131  0.0807  2 DG  A "O4'" 
29  C "C3'" . DG  A 2 ? 0.3821 0.1674 0.2179 0.0977  0.0249  0.0602  2 DG  A "C3'" 
30  O "O3'" . DG  A 2 ? 0.3724 0.1629 0.1977 0.0799  0.0284  0.0603  2 DG  A "O3'" 
31  C "C2'" . DG  A 2 ? 0.3498 0.1717 0.2007 0.1093  0.0276  0.0554  2 DG  A "C2'" 
32  C "C1'" . DG  A 2 ? 0.3492 0.1894 0.2018 0.1061  0.0215  0.0695  2 DG  A "C1'" 
33  N N9    . DG  A 2 ? 0.3421 0.2071 0.2089 0.1199  0.0192  0.0701  2 DG  A N9    
34  C C8    . DG  A 2 ? 0.3446 0.2121 0.2253 0.1362  0.0192  0.0617  2 DG  A C8    
35  N N7    . DG  A 2 ? 0.3372 0.2329 0.2286 0.1450  0.0163  0.0657  2 DG  A N7    
36  C C5    . DG  A 2 ? 0.3358 0.2470 0.2184 0.1330  0.0141  0.0778  2 DG  A C5    
37  C C6    . DG  A 2 ? 0.3301 0.2749 0.2161 0.1321  0.0108  0.0866  2 DG  A C6    
38  O O6    . DG  A 2 ? 0.3353 0.3048 0.2335 0.1445  0.0084  0.0869  2 DG  A O6    
39  N N1    . DG  A 2 ? 0.3194 0.2719 0.1934 0.1121  0.0107  0.0944  2 DG  A N1    
40  C C2    . DG  A 2 ? 0.3171 0.2499 0.1794 0.0968  0.0135  0.0936  2 DG  A C2    
41  N N2    . DG  A 2 ? 0.3081 0.2567 0.1628 0.0766  0.0144  0.0978  2 DG  A N2    
42  N N3    . DG  A 2 ? 0.3242 0.2274 0.1830 0.0991  0.0161  0.0872  2 DG  A N3    
43  C C4    . DG  A 2 ? 0.3331 0.2260 0.2016 0.1169  0.0161  0.0797  2 DG  A C4    
44  P P     . DC  A 3 ? 0.4413 0.2348 0.2664 0.0719  0.0350  0.0458  3 DC  A P     
45  O OP1   . DC  A 3 ? 0.4444 0.2420 0.2604 0.0510  0.0354  0.0490  3 DC  A OP1   
46  O OP2   . DC  A 3 ? 0.4562 0.2248 0.2802 0.0810  0.0368  0.0361  3 DC  A OP2   
47  O "O5'" . DC  A 3 ? 0.3251 0.1563 0.1643 0.0775  0.0393  0.0392  3 DC  A "O5'" 
48  C "C5'" . DC  A 3 ? 0.3024 0.1457 0.1447 0.0731  0.0436  0.0292  3 DC  A "C5'" 
49  C "C4'" . DC  A 3 ? 0.2717 0.1464 0.1237 0.0729  0.0462  0.0290  3 DC  A "C4'" 
50  O "O4'" . DC  A 3 ? 0.2695 0.1551 0.1272 0.0849  0.0466  0.0294  3 DC  A "O4'" 
51  C "C3'" . DC  A 3 ? 0.2563 0.1446 0.1127 0.0700  0.0488  0.0214  3 DC  A "C3'" 
52  O "O3'" . DC  A 3 ? 0.2470 0.1484 0.1068 0.0599  0.0494  0.0240  3 DC  A "O3'" 
53  C "C2'" . DC  A 3 ? 0.2417 0.1468 0.1045 0.0791  0.0513  0.0185  3 DC  A "C2'" 
54  C "C1'" . DC  A 3 ? 0.2499 0.1576 0.1138 0.0845  0.0505  0.0247  3 DC  A "C1'" 
55  N N1    . DC  A 3 ? 0.2499 0.1683 0.1175 0.0951  0.0516  0.0217  3 DC  A N1    
56  C C2    . DC  A 3 ? 0.2340 0.1733 0.1094 0.0919  0.0508  0.0248  3 DC  A C2    
57  O O2    . DC  A 3 ? 0.2116 0.1575 0.0910 0.0825  0.0512  0.0273  3 DC  A O2    
58  N N3    . DC  A 3 ? 0.2244 0.1781 0.1066 0.0961  0.0487  0.0228  3 DC  A N3    
59  C C4    . DC  A 3 ? 0.2317 0.1825 0.1147 0.1034  0.0476  0.0176  3 DC  A C4    
60  N N4    . DC  A 3 ? 0.2197 0.1897 0.1103 0.1062  0.0462  0.0147  3 DC  A N4    
61  C C5    . DC  A 3 ? 0.2488 0.1783 0.1274 0.1056  0.0481  0.0131  3 DC  A C5    
62  C C6    . DC  A 3 ? 0.2561 0.1680 0.1258 0.1018  0.0501  0.0155  3 DC  A C6    
63  P P     . DC  A 4 ? 0.2461 0.1566 0.1085 0.0522  0.0487  0.0203  4 DC  A P     
64  O OP1   . DC  A 4 ? 0.2434 0.1637 0.1089 0.0417  0.0490  0.0235  4 DC  A OP1   
65  O OP2   . DC  A 4 ? 0.2593 0.1543 0.1124 0.0508  0.0475  0.0147  4 DC  A OP2   
66  O "O5'" . DC  A 4 ? 0.2491 0.1794 0.1225 0.0586  0.0502  0.0195  4 DC  A "O5'" 
67  C "C5'" . DC  A 4 ? 0.2362 0.1791 0.1183 0.0612  0.0536  0.0216  4 DC  A "C5'" 
68  C "C4'" . DC  A 4 ? 0.2282 0.1784 0.1181 0.0665  0.0532  0.0200  4 DC  A "C4'" 
69  O "O4'" . DC  A 4 ? 0.2328 0.1795 0.1233 0.0684  0.0509  0.0187  4 DC  A "O4'" 
70  C "C3'" . DC  A 4 ? 0.2324 0.1827 0.1175 0.0676  0.0511  0.0194  4 DC  A "C3'" 
71  O "O3'" . DC  A 4 ? 0.2258 0.1843 0.1187 0.0706  0.0515  0.0217  4 DC  A "O3'" 
72  C "C2'" . DC  A 4 ? 0.2379 0.1817 0.1193 0.0682  0.0486  0.0153  4 DC  A "C2'" 
73  C "C1'" . DC  A 4 ? 0.2318 0.1800 0.1228 0.0690  0.0482  0.0161  4 DC  A "C1'" 
74  N N1    . DC  A 4 ? 0.2303 0.1784 0.1208 0.0708  0.0467  0.0134  4 DC  A N1    
75  C C2    . DC  A 4 ? 0.2189 0.1762 0.1164 0.0698  0.0460  0.0140  4 DC  A C2    
76  O O2    . DC  A 4 ? 0.2159 0.1780 0.1189 0.0660  0.0470  0.0157  4 DC  A O2    
77  N N3    . DC  A 4 ? 0.2132 0.1758 0.1108 0.0726  0.0450  0.0116  4 DC  A N3    
78  C C4    . DC  A 4 ? 0.2213 0.1794 0.1142 0.0765  0.0451  0.0073  4 DC  A C4    
79  N N4    . DC  A 4 ? 0.1998 0.1667 0.0954 0.0804  0.0450  0.0036  4 DC  A N4    
80  C C5    . DC  A 4 ? 0.2344 0.1806 0.1201 0.0761  0.0461  0.0051  4 DC  A C5    
81  C C6    . DC  A 4 ? 0.2378 0.1800 0.1213 0.0730  0.0467  0.0088  4 DC  A C6    
82  P P     . DC  A 5 ? 0.2375 0.2080 0.1431 0.0698  0.0477  0.0259  5 DC  A P     
83  O OP1   . DC  A 5 ? 0.2428 0.2214 0.1567 0.0664  0.0502  0.0246  5 DC  A OP1   
84  O OP2   . DC  A 5 ? 0.2442 0.2162 0.1431 0.0650  0.0410  0.0280  5 DC  A OP2   
85  O "O5'" . DC  A 5 ? 0.2329 0.2040 0.1473 0.0769  0.0498  0.0283  5 DC  A "O5'" 
86  C "C5'" . DC  A 5 ? 0.2267 0.1988 0.1493 0.0799  0.0576  0.0247  5 DC  A "C5'" 
87  C "C4'" . DC  A 5 ? 0.2332 0.1974 0.1583 0.0853  0.0600  0.0260  5 DC  A "C4'" 
88  O "O4'" . DC  A 5 ? 0.2335 0.1877 0.1429 0.0804  0.0597  0.0248  5 DC  A "O4'" 
89  C "C3'" . DC  A 5 ? 0.2457 0.2095 0.1778 0.0900  0.0519  0.0340  5 DC  A "C3'" 
90  O "O3'" . DC  A 5 ? 0.2650 0.2385 0.2204 0.0976  0.0532  0.0340  5 DC  A "O3'" 
91  C "C2'" . DC  A 5 ? 0.2489 0.1951 0.1685 0.0901  0.0527  0.0363  5 DC  A "C2'" 
92  C "C1'" . DC  A 5 ? 0.2396 0.1831 0.1425 0.0835  0.0593  0.0291  5 DC  A "C1'" 
93  N N1    . DC  A 5 ? 0.2346 0.1765 0.1194 0.0773  0.0548  0.0300  5 DC  A N1    
94  C C2    . DC  A 5 ? 0.2333 0.1744 0.1158 0.0684  0.0541  0.0242  5 DC  A C2    
95  O O2    . DC  A 5 ? 0.2375 0.1771 0.1253 0.0655  0.0576  0.0209  5 DC  A O2    
96  N N3    . DC  A 5 ? 0.2271 0.1735 0.1039 0.0609  0.0491  0.0213  5 DC  A N3    
97  C C4    . DC  A 5 ? 0.2279 0.1771 0.0983 0.0606  0.0452  0.0236  5 DC  A C4    
98  N N4    . DC  A 5 ? 0.2115 0.1675 0.0766 0.0514  0.0424  0.0184  5 DC  A N4    
99  C C5    . DC  A 5 ? 0.2296 0.1781 0.0988 0.0675  0.0443  0.0310  5 DC  A C5    
100 C C6    . DC  A 5 ? 0.2285 0.1761 0.1114 0.0748  0.0470  0.0335  5 DC  A C6    
101 P P     . DG  A 6 ? 0.3673 0.3498 0.3392 0.1055  0.0428  0.0441  6 DG  A P     
102 O OP1   . DG  A 6 ? 0.3637 0.3686 0.3605 0.1103  0.0456  0.0397  6 DG  A OP1   
103 O OP2   . DG  A 6 ? 0.3736 0.3589 0.3306 0.0978  0.0323  0.0517  6 DG  A OP2   
104 O "O5'" . DG  A 6 ? 0.2703 0.2313 0.2445 0.1142  0.0441  0.0482  6 DG  A "O5'" 
105 C "C5'" . DG  A 6 ? 0.2719 0.2259 0.2582 0.1190  0.0552  0.0388  6 DG  A "C5'" 
106 C "C4'" . DG  A 6 ? 0.2886 0.2146 0.2636 0.1184  0.0572  0.0405  6 DG  A "C4'" 
107 O "O4'" . DG  A 6 ? 0.2801 0.1946 0.2266 0.1094  0.0606  0.0396  6 DG  A "O4'" 
108 C "C3'" . DG  A 6 ? 0.3115 0.2258 0.2890 0.1247  0.0447  0.0550  6 DG  A "C3'" 
109 O "O3'" . DG  A 6 ? 0.3337 0.2486 0.3386 0.1345  0.0438  0.0530  6 DG  A "O3'" 
110 C "C2'" . DG  A 6 ? 0.3236 0.2080 0.2733 0.1175  0.0475  0.0576  6 DG  A "C2'" 
111 C "C1'" . DG  A 6 ? 0.3017 0.1936 0.2321 0.1070  0.0559  0.0480  6 DG  A "C1'" 
112 N N9    . DG  A 6 ? 0.2931 0.1919 0.2030 0.0963  0.0478  0.0530  6 DG  A N9    
113 C C8    . DG  A 6 ? 0.2902 0.2008 0.2005 0.0952  0.0354  0.0627  6 DG  A C8    
114 N N7    . DG  A 6 ? 0.2865 0.2012 0.1757 0.0834  0.0329  0.0619  6 DG  A N7    
115 C C5    . DG  A 6 ? 0.2767 0.1840 0.1529 0.0780  0.0432  0.0521  6 DG  A C5    
116 C C6    . DG  A 6 ? 0.2732 0.1846 0.1287 0.0670  0.0459  0.0459  6 DG  A C6    
117 O O6    . DG  A 6 ? 0.2722 0.1927 0.1166 0.0593  0.0407  0.0462  6 DG  A O6    
118 N N1    . DG  A 6 ? 0.2716 0.1787 0.1211 0.0645  0.0564  0.0373  6 DG  A N1    
119 C C2    . DG  A 6 ? 0.2739 0.1716 0.1333 0.0696  0.0642  0.0341  6 DG  A C2    
120 N N2    . DG  A 6 ? 0.2734 0.1739 0.1300 0.0614  0.0704  0.0248  6 DG  A N2    
121 N N3    . DG  A 6 ? 0.2755 0.1673 0.1540 0.0798  0.0633  0.0378  6 DG  A N3    
122 C C4    . DG  A 6 ? 0.2808 0.1784 0.1679 0.0846  0.0522  0.0472  6 DG  A C4    
123 P P     . DT  A 7 ? 0.4826 0.3883 0.4997 0.1436  0.0286  0.0680  7 DT  A P     
124 O OP1   . DT  A 7 ? 0.4904 0.4136 0.5431 0.1566  0.0274  0.0628  7 DT  A OP1   
125 O OP2   . DT  A 7 ? 0.4776 0.3884 0.4781 0.1377  0.0147  0.0839  7 DT  A OP2   
126 O "O5'" . DT  A 7 ? 0.4457 0.3128 0.4497 0.1418  0.0333  0.0673  7 DT  A "O5'" 
127 C "C5'" . DT  A 7 ? 0.4433 0.2996 0.4558 0.1435  0.0476  0.0515  7 DT  A "C5'" 
128 C "C4'" . DT  A 7 ? 0.4592 0.2773 0.4473 0.1365  0.0529  0.0526  7 DT  A "C4'" 
129 O "O4'" . DT  A 7 ? 0.4371 0.2520 0.3917 0.1229  0.0569  0.0543  7 DT  A "O4'" 
130 C "C3'" . DT  A 7 ? 0.4929 0.2857 0.4785 0.1405  0.0386  0.0692  7 DT  A "C3'" 
131 O "O3'" . DT  A 7 ? 0.5230 0.3035 0.5351 0.1539  0.0373  0.0655  7 DT  A "O3'" 
132 C "C2'" . DT  A 7 ? 0.5043 0.2657 0.4523 0.1255  0.0454  0.0706  7 DT  A "C2'" 
133 C "C1'" . DT  A 7 ? 0.4650 0.2476 0.3940 0.1156  0.0533  0.0640  7 DT  A "C1'" 
134 N N1    . DT  A 7 ? 0.4573 0.2490 0.3661 0.1073  0.0408  0.0777  7 DT  A N1    
135 C C2    . DT  A 7 ? 0.4670 0.2433 0.3397 0.0915  0.0435  0.0795  7 DT  A C2    
136 O O2    . DT  A 7 ? 0.4844 0.2382 0.3387 0.0839  0.0561  0.0715  7 DT  A O2    
137 N N3    . DT  A 7 ? 0.4594 0.2508 0.3174 0.0819  0.0317  0.0891  7 DT  A N3    
138 C C4    . DT  A 7 ? 0.4465 0.2632 0.3196 0.0861  0.0181  0.0979  7 DT  A C4    
139 O O4    . DT  A 7 ? 0.4440 0.2737 0.3009 0.0738  0.0094  0.1042  7 DT  A O4    
140 C C5    . DT  A 7 ? 0.4383 0.2676 0.3472 0.1033  0.0157  0.0974  7 DT  A C5    
141 C C7    . DT  A 7 ? 0.4294 0.2870 0.3545 0.1072  0.0017  0.1068  7 DT  A C7    
142 C C6    . DT  A 7 ? 0.4428 0.2607 0.3687 0.1130  0.0268  0.0870  7 DT  A C6    
143 P P     . DA  B 1 ? 1.0615 1.1123 1.0817 -0.1006 -0.1544 0.2651  1 DA  B P     
144 O OP1   . DA  B 1 ? 1.0809 1.1291 1.1280 -0.1319 -0.1757 0.2844  1 DA  B OP1   
145 O OP2   . DA  B 1 ? 1.0362 1.1155 1.0390 -0.0764 -0.1383 0.2510  1 DA  B OP2   
146 O "O5'" . DA  B 1 ? 0.5691 0.5429 0.5626 -0.0943 -0.1593 0.2356  1 DA  B "O5'" 
147 C "C5'" . DA  B 1 ? 0.5888 0.5090 0.5882 -0.1156 -0.1810 0.2311  1 DA  B "C5'" 
148 C "C4'" . DA  B 1 ? 0.5808 0.4420 0.5544 -0.1126 -0.1874 0.1991  1 DA  B "C4'" 
149 O "O4'" . DA  B 1 ? 0.5721 0.3924 0.5229 -0.0965 -0.1806 0.1730  1 DA  B "O4'" 
150 C "C3'" . DA  B 1 ? 0.5563 0.4308 0.5137 -0.1008 -0.1767 0.1904  1 DA  B "C3'" 
151 O "O3'" . DA  B 1 ? 0.5702 0.4100 0.5218 -0.1138 -0.1922 0.1793  1 DA  B "O3'" 
152 C "C2'" . DA  B 1 ? 0.5345 0.3875 0.4634 -0.0750 -0.1607 0.1645  1 DA  B "C2'" 
153 C "C1'" . DA  B 1 ? 0.5458 0.3485 0.4699 -0.0793 -0.1690 0.1487  1 DA  B "C1'" 
154 N N9    . DA  B 1 ? 0.5136 0.3056 0.4223 -0.0581 -0.1550 0.1328  1 DA  B N9    
155 C C8    . DA  B 1 ? 0.4896 0.3218 0.4001 -0.0405 -0.1409 0.1435  1 DA  B C8    
156 N N7    . DA  B 1 ? 0.4782 0.2873 0.3735 -0.0229 -0.1329 0.1233  1 DA  B N7    
157 C C5    . DA  B 1 ? 0.4888 0.2433 0.3729 -0.0299 -0.1395 0.0968  1 DA  B C5    
158 C C6    . DA  B 1 ? 0.4799 0.2005 0.3497 -0.0188 -0.1331 0.0650  1 DA  B C6    
159 N N6    . DA  B 1 ? 0.4572 0.1820 0.3215 0.0007  -0.1206 0.0549  1 DA  B N6    
160 N N1    . DA  B 1 ? 0.4880 0.1852 0.3521 -0.0259 -0.1383 0.0440  1 DA  B N1    
161 C C2    . DA  B 1 ? 0.5029 0.1961 0.3717 -0.0423 -0.1527 0.0524  1 DA  B C2    
162 N N3    . DA  B 1 ? 0.5119 0.2228 0.3940 -0.0565 -0.1624 0.0795  1 DA  B N3    
163 C C4    . DA  B 1 ? 0.5058 0.2513 0.3966 -0.0500 -0.1534 0.1018  1 DA  B C4    
164 P P     . DC  B 2 ? 0.5866 0.4480 0.5319 -0.1113 -0.1887 0.1805  2 DC  B P     
165 O OP1   . DC  B 2 ? 0.6076 0.4273 0.5466 -0.1261 -0.2082 0.1693  2 DC  B OP1   
166 O OP2   . DC  B 2 ? 0.5740 0.5078 0.5435 -0.1112 -0.1800 0.2089  2 DC  B OP2   
167 O "O5'" . DC  B 2 ? 0.4747 0.3239 0.3886 -0.0843 -0.1704 0.1553  2 DC  B "O5'" 
168 C "C5'" . DC  B 2 ? 0.4590 0.3317 0.3631 -0.0729 -0.1628 0.1510  2 DC  B "C5'" 
169 C "C4'" . DC  B 2 ? 0.4591 0.2851 0.3310 -0.0593 -0.1580 0.1206  2 DC  B "C4'" 
170 O "O4'" . DC  B 2 ? 0.4264 0.2376 0.2871 -0.0424 -0.1464 0.1062  2 DC  B "O4'" 
171 C "C3'" . DC  B 2 ? 0.4449 0.2952 0.3066 -0.0448 -0.1499 0.1140  2 DC  B "C3'" 
172 O "O3'" . DC  B 2 ? 0.4702 0.3050 0.3273 -0.0576 -0.1612 0.1130  2 DC  B "O3'" 
173 C "C2'" . DC  B 2 ? 0.4279 0.2484 0.2672 -0.0247 -0.1365 0.0856  2 DC  B "C2'" 
174 C "C1'" . DC  B 2 ? 0.4194 0.2078 0.2580 -0.0278 -0.1366 0.0797  2 DC  B "C1'" 
175 N N1    . DC  B 2 ? 0.4020 0.1948 0.2365 -0.0064 -0.1214 0.0659  2 DC  B N1    
176 C C2    . DC  B 2 ? 0.4200 0.1671 0.2382 -0.0003 -0.1155 0.0402  2 DC  B C2    
177 O O2    . DC  B 2 ? 0.4335 0.1417 0.2394 -0.0110 -0.1215 0.0286  2 DC  B O2    
178 N N3    . DC  B 2 ? 0.4124 0.1642 0.2299 0.0184  -0.1033 0.0279  2 DC  B N3    
179 C C4    . DC  B 2 ? 0.4015 0.1998 0.2319 0.0329  -0.0977 0.0384  2 DC  B C4    
180 N N4    . DC  B 2 ? 0.3606 0.1603 0.1903 0.0526  -0.0877 0.0237  2 DC  B N4    
181 C C5    . DC  B 2 ? 0.3698 0.2182 0.2147 0.0289  -0.1027 0.0641  2 DC  B C5    
182 C C6    . DC  B 2 ? 0.3837 0.2280 0.2313 0.0082  -0.1140 0.0779  2 DC  B C6    
183 P P     . DG  B 3 ? 0.5084 0.3971 0.3841 -0.0616 -0.1635 0.1311  3 DG  B P     
184 O OP1   . DG  B 3 ? 0.5331 0.3912 0.4050 -0.0804 -0.1809 0.1304  3 DG  B OP1   
185 O OP2   . DG  B 3 ? 0.4987 0.4470 0.4024 -0.0610 -0.1577 0.1547  3 DG  B OP2   
186 O "O5'" . DG  B 3 ? 0.4584 0.3634 0.3189 -0.0376 -0.1508 0.1153  3 DG  B "O5'" 
187 C "C5'" . DG  B 3 ? 0.4598 0.3461 0.3055 -0.0381 -0.1550 0.1037  3 DG  B "C5'" 
188 C "C4'" . DG  B 3 ? 0.4641 0.2924 0.2805 -0.0329 -0.1523 0.0792  3 DG  B "C4'" 
189 O "O4'" . DG  B 3 ? 0.4532 0.2677 0.2664 -0.0232 -0.1424 0.0706  3 DG  B "O4'" 
190 C "C3'" . DG  B 3 ? 0.4588 0.2871 0.2613 -0.0175 -0.1448 0.0643  3 DG  B "C3'" 
191 O "O3'" . DG  B 3 ? 0.4789 0.2606 0.2584 -0.0238 -0.1489 0.0504  3 DG  B "O3'" 
192 C "C2'" . DG  B 3 ? 0.4420 0.2735 0.2420 0.0025  -0.1319 0.0536  3 DG  B "C2'" 
193 C "C1'" . DG  B 3 ? 0.4481 0.2492 0.2458 -0.0053 -0.1311 0.0509  3 DG  B "C1'" 
194 N N9    . DG  B 3 ? 0.3935 0.2080 0.1982 0.0109  -0.1201 0.0463  3 DG  B N9    
195 C C8    . DG  B 3 ? 0.3756 0.2384 0.1939 0.0278  -0.1156 0.0533  3 DG  B C8    
196 N N7    . DG  B 3 ? 0.3649 0.2279 0.1857 0.0417  -0.1069 0.0448  3 DG  B N7    
197 C C5    . DG  B 3 ? 0.3754 0.1875 0.1846 0.0324  -0.1048 0.0319  3 DG  B C5    
198 C C6    . DG  B 3 ? 0.3960 0.1859 0.2026 0.0405  -0.0968 0.0179  3 DG  B C6    
199 O O6    . DG  B 3 ? 0.3571 0.1671 0.1720 0.0578  -0.0902 0.0142  3 DG  B O6    
200 N N1    . DG  B 3 ? 0.4117 0.1536 0.2049 0.0282  -0.0975 0.0063  3 DG  B N1    
201 C C2    . DG  B 3 ? 0.4302 0.1484 0.2124 0.0119  -0.1058 0.0071  3 DG  B C2    
202 N N2    . DG  B 3 ? 0.4066 0.1120 0.1868 0.0052  -0.1010 -0.0056 3 DG  B N2    
203 N N3    . DG  B 3 ? 0.4339 0.1698 0.2180 0.0043  -0.1141 0.0197  3 DG  B N3    
204 C C4    . DG  B 3 ? 0.3934 0.1763 0.1918 0.0146  -0.1127 0.0320  3 DG  B C4    
205 P P     . DG  B 4 ? 0.5015 0.2813 0.2769 -0.0341 -0.1595 0.0526  4 DG  B P     
206 O OP1   . DG  B 4 ? 0.5233 0.3023 0.3110 -0.0540 -0.1754 0.0666  4 DG  B OP1   
207 O OP2   . DG  B 4 ? 0.4821 0.2995 0.2661 -0.0217 -0.1541 0.0550  4 DG  B OP2   
208 O "O5'" . DG  B 4 ? 0.5091 0.2375 0.2543 -0.0342 -0.1584 0.0335  4 DG  B "O5'" 
209 C "C5'" . DG  B 4 ? 0.4847 0.1765 0.2172 -0.0377 -0.1584 0.0235  4 DG  B "C5'" 
210 C "C4'" . DG  B 4 ? 0.4965 0.1575 0.2070 -0.0325 -0.1500 0.0071  4 DG  B "C4'" 
211 O "O4'" . DG  B 4 ? 0.4802 0.1432 0.1887 -0.0181 -0.1333 0.0007  4 DG  B "O4'" 
212 C "C3'" . DG  B 4 ? 0.5080 0.1696 0.2102 -0.0332 -0.1531 0.0075  4 DG  B "C3'" 
213 O "O3'" . DG  B 4 ? 0.5543 0.1981 0.2452 -0.0317 -0.1486 0.0001  4 DG  B "O3'" 
214 C "C2'" . DG  B 4 ? 0.4924 0.1687 0.1944 -0.0202 -0.1419 0.0064  4 DG  B "C2'" 
215 C "C1'" . DG  B 4 ? 0.4793 0.1478 0.1819 -0.0114 -0.1301 0.0002  4 DG  B "C1'" 
216 N N9    . DG  B 4 ? 0.4869 0.1809 0.2033 0.0006  -0.1258 0.0027  4 DG  B N9    
217 C C8    . DG  B 4 ? 0.4763 0.2096 0.2119 0.0052  -0.1291 0.0122  4 DG  B C8    
218 N N7    . DG  B 4 ? 0.4262 0.1807 0.1747 0.0202  -0.1232 0.0109  4 DG  B N7    
219 C C5    . DG  B 4 ? 0.4276 0.1523 0.1650 0.0244  -0.1163 0.0005  4 DG  B C5    
220 C C6    . DG  B 4 ? 0.4255 0.1534 0.1699 0.0399  -0.1099 -0.0066 4 DG  B C6    
221 O O6    . DG  B 4 ? 0.4142 0.1732 0.1765 0.0544  -0.1092 -0.0065 4 DG  B O6    
222 N N1    . DG  B 4 ? 0.4273 0.1316 0.1655 0.0376  -0.1009 -0.0147 4 DG  B N1    
223 C C2    . DG  B 4 ? 0.4340 0.1324 0.1697 0.0240  -0.0949 -0.0132 4 DG  B C2    
224 N N2    . DG  B 4 ? 0.4016 0.1134 0.1530 0.0238  -0.0802 -0.0170 4 DG  B N2    
225 N N3    . DG  B 4 ? 0.4545 0.1372 0.1751 0.0130  -0.1040 -0.0092 4 DG  B N3    
226 C C4    . DG  B 4 ? 0.4464 0.1357 0.1643 0.0122  -0.1167 -0.0042 4 DG  B C4    
227 P P     . DG  B 5 ? 0.6205 0.2580 0.2993 -0.0342 -0.1559 -0.0014 5 DG  B P     
228 O OP1   . DG  B 5 ? 0.6397 0.2674 0.3184 -0.0370 -0.1621 -0.0066 5 DG  B OP1   
229 O OP2   . DG  B 5 ? 0.6173 0.2720 0.3033 -0.0395 -0.1666 0.0070  5 DG  B OP2   
230 O "O5'" . DG  B 5 ? 0.5550 0.1888 0.2188 -0.0239 -0.1406 -0.0064 5 DG  B "O5'" 
231 C "C5'" . DG  B 5 ? 0.5492 0.1815 0.2115 -0.0172 -0.1256 -0.0117 5 DG  B "C5'" 
232 C "C4'" . DG  B 5 ? 0.5539 0.1834 0.2056 -0.0108 -0.1154 -0.0110 5 DG  B "C4'" 
233 O "O4'" . DG  B 5 ? 0.5369 0.1734 0.1996 -0.0059 -0.1119 -0.0076 5 DG  B "O4'" 
234 C "C3'" . DG  B 5 ? 0.5725 0.1972 0.2101 -0.0118 -0.1221 -0.0086 5 DG  B "C3'" 
235 O "O3'" . DG  B 5 ? 0.5821 0.1979 0.2015 -0.0091 -0.1143 -0.0110 5 DG  B "O3'" 
236 C "C2'" . DG  B 5 ? 0.5633 0.1974 0.2111 -0.0080 -0.1238 -0.0036 5 DG  B "C2'" 
237 C "C1'" . DG  B 5 ? 0.5433 0.1764 0.1992 -0.0023 -0.1141 -0.0050 5 DG  B "C1'" 
238 N N9    . DG  B 5 ? 0.5215 0.1688 0.1938 0.0036  -0.1172 -0.0038 5 DG  B N9    
239 C C8    . DG  B 5 ? 0.5060 0.1782 0.1922 0.0035  -0.1258 0.0004  5 DG  B C8    
240 N N7    . DG  B 5 ? 0.4813 0.1741 0.1845 0.0129  -0.1247 0.0012  5 DG  B N7    
241 C C5    . DG  B 5 ? 0.4767 0.1502 0.1745 0.0188  -0.1170 -0.0050 5 DG  B C5    
242 C C6    . DG  B 5 ? 0.4592 0.1417 0.1696 0.0316  -0.1141 -0.0091 5 DG  B C6    
243 O O6    . DG  B 5 ? 0.4450 0.1582 0.1751 0.0416  -0.1167 -0.0076 5 DG  B O6    
244 N N1    . DG  B 5 ? 0.4491 0.1249 0.1556 0.0330  -0.1054 -0.0107 5 DG  B N1    
245 C C2    . DG  B 5 ? 0.4794 0.1484 0.1794 0.0234  -0.0959 -0.0098 5 DG  B C2    
246 N N2    . DG  B 5 ? 0.4399 0.1207 0.1553 0.0243  -0.0828 -0.0133 5 DG  B N2    
247 N N3    . DG  B 5 ? 0.4771 0.1292 0.1584 0.0149  -0.0998 -0.0068 5 DG  B N3    
248 C C4    . DG  B 5 ? 0.4850 0.1342 0.1657 0.0127  -0.1114 -0.0054 5 DG  B C4    
249 P P     . DC  B 6 ? 0.6483 0.2614 0.2485 -0.0101 -0.1202 -0.0116 6 DC  B P     
250 O OP1   . DC  B 6 ? 0.6639 0.2718 0.2470 -0.0072 -0.1096 -0.0164 6 DC  B OP1   
251 O OP2   . DC  B 6 ? 0.6515 0.2692 0.2566 -0.0142 -0.1338 -0.0129 6 DC  B OP2   
252 O "O5'" . DC  B 6 ? 0.6430 0.2587 0.2421 -0.0081 -0.1221 -0.0038 6 DC  B "O5'" 
253 C "C5'" . DC  B 6 ? 0.6605 0.2761 0.2434 -0.0073 -0.1244 -0.0007 6 DC  B "C5'" 
254 C "C4'" . DC  B 6 ? 0.6658 0.2739 0.2382 -0.0050 -0.1166 0.0048  6 DC  B "C4'" 
255 O "O4'" . DC  B 6 ? 0.6489 0.2578 0.2394 -0.0020 -0.1173 0.0075  6 DC  B "O4'" 
256 C "C3'" . DC  B 6 ? 0.6829 0.2933 0.2409 -0.0041 -0.1196 0.0125  6 DC  B "C3'" 
257 O "O3'" . DC  B 6 ? 0.6963 0.3010 0.2338 -0.0048 -0.1100 0.0160  6 DC  B "O3'" 
258 C "C2'" . DC  B 6 ? 0.6763 0.2896 0.2509 -0.0011 -0.1249 0.0191  6 DC  B "C2'" 
259 C "C1'" . DC  B 6 ? 0.6561 0.2644 0.2448 0.0005  -0.1202 0.0154  6 DC  B "C1'" 
260 N N1    . DC  B 6 ? 0.6352 0.2545 0.2479 0.0064  -0.1272 0.0152  6 DC  B N1    
261 C C2    . DC  B 6 ? 0.6271 0.2422 0.2513 0.0115  -0.1256 0.0144  6 DC  B C2    
262 O O2    . DC  B 6 ? 0.6368 0.2380 0.2515 0.0089  -0.1180 0.0157  6 DC  B O2    
263 N N3    . DC  B 6 ? 0.6104 0.2401 0.2569 0.0201  -0.1325 0.0121  6 DC  B N3    
264 C C4    . DC  B 6 ? 0.6048 0.2547 0.2618 0.0227  -0.1391 0.0124  6 DC  B C4    
265 N N4    . DC  B 6 ? 0.5947 0.2642 0.2735 0.0332  -0.1446 0.0101  6 DC  B N4    
266 C C5    . DC  B 6 ? 0.6086 0.2627 0.2554 0.0155  -0.1407 0.0145  6 DC  B C5    
267 C C6    . DC  B 6 ? 0.6262 0.2635 0.2511 0.0081  -0.1353 0.0150  6 DC  B C6    
268 P P     . DT  B 7 ? 0.7628 0.3735 0.2797 -0.0042 -0.1103 0.0255  7 DT  B P     
269 O OP1   . DT  B 7 ? 0.7852 0.4012 0.2804 -0.0032 -0.1017 0.0208  7 DT  B OP1   
270 O OP2   . DT  B 7 ? 0.7597 0.3769 0.2824 -0.0026 -0.1224 0.0267  7 DT  B OP2   
271 O "O5'" . DT  B 7 ? 0.7069 0.3116 0.2262 -0.0059 -0.1064 0.0403  7 DT  B "O5'" 
272 C "C5'" . DT  B 7 ? 0.7057 0.3046 0.2219 -0.0085 -0.0952 0.0437  7 DT  B "C5'" 
273 C "C4'" . DT  B 7 ? 0.6979 0.2892 0.2331 -0.0098 -0.0980 0.0553  7 DT  B "C4'" 
274 O "O4'" . DT  B 7 ? 0.6703 0.2584 0.2289 -0.0055 -0.1063 0.0455  7 DT  B "O4'" 
275 C "C3'" . DT  B 7 ? 0.7126 0.3070 0.2498 -0.0101 -0.1061 0.0698  7 DT  B "C3'" 
276 O "O3'" . DT  B 7 ? 0.7381 0.3376 0.2610 -0.0150 -0.0978 0.0866  7 DT  B "O3'" 
277 C "C2'" . DT  B 7 ? 0.6939 0.2811 0.2610 -0.0075 -0.1150 0.0708  7 DT  B "C2'" 
278 C "C1'" . DT  B 7 ? 0.6691 0.2550 0.2474 -0.0035 -0.1138 0.0536  7 DT  B "C1'" 
279 N N1    . DT  B 7 ? 0.6569 0.2496 0.2522 0.0036  -0.1257 0.0450  7 DT  B N1    
280 C C2    . DT  B 7 ? 0.6376 0.2317 0.2579 0.0099  -0.1309 0.0401  7 DT  B C2    
281 O O2    . DT  B 7 ? 0.6306 0.2199 0.2628 0.0095  -0.1267 0.0418  7 DT  B O2    
282 N N3    . DT  B 7 ? 0.6293 0.2349 0.2627 0.0179  -0.1410 0.0330  7 DT  B N3    
283 C C4    . DT  B 7 ? 0.6360 0.2520 0.2637 0.0184  -0.1457 0.0316  7 DT  B C4    
284 O O4    . DT  B 7 ? 0.6243 0.2553 0.2677 0.0258  -0.1532 0.0267  7 DT  B O4    
285 C C5    . DT  B 7 ? 0.6583 0.2707 0.2627 0.0108  -0.1409 0.0362  7 DT  B C5    
286 C C7    . DT  B 7 ? 0.6669 0.2915 0.2673 0.0109  -0.1466 0.0345  7 DT  B C7    
287 C C6    . DT  B 7 ? 0.6687 0.2699 0.2567 0.0046  -0.1314 0.0419  7 DT  B C6    
294 N N     . ALA C 2 ? 0.6763 0.3776 0.3375 0.1324  0.0553  0.0191  2 ALA G N     
295 C CA    . ALA C 2 ? 0.6222 0.3511 0.3050 0.1262  0.0476  0.0123  2 ALA G CA    
296 C C     . ALA C 2 ? 0.5814 0.3110 0.2719 0.1068  0.0465  0.0038  2 ALA G C     
297 O O     . ALA C 2 ? 0.5886 0.3037 0.2716 0.0972  0.0495  0.0037  2 ALA G O     
298 C CB    . ALA C 2 ? 0.5956 0.3602 0.3000 0.1304  0.0405  0.0143  2 ALA G CB    
299 N N     . N2C C 3 ? 0.5277 0.2772 0.2319 0.1017  0.0428  -0.0026 3 N2C G N     
300 C CA    . N2C C 3 ? 0.4961 0.2566 0.2098 0.0855  0.0411  -0.0090 3 N2C G CA    
301 C CB    . N2C C 3 ? 0.5050 0.2549 0.2130 0.0764  0.0445  -0.0194 3 N2C G CB    
302 S SG    . N2C C 3 ? 0.6824 0.3866 0.3683 0.0808  0.0527  -0.0214 3 N2C G SG    
303 C CD    . N2C C 3 ? 0.8728 0.5799 0.5586 0.0971  0.0528  -0.0242 3 N2C G CD    
304 C CN    . N2C C 3 ? 0.5130 0.2816 0.2250 0.1120  0.0400  -0.0025 3 N2C G CN    
305 C C     . N2C C 3 ? 0.4581 0.2543 0.1928 0.0843  0.0352  -0.0084 3 N2C G C     
306 O O     . N2C C 3 ? 0.4677 0.2783 0.2079 0.0812  0.0346  -0.0130 3 N2C G O     
307 N N     . MVA C 4 ? 0.4164 0.2268 0.1618 0.0863  0.0315  -0.0032 4 MVA G N     
308 C CN    . MVA C 4 ? 0.4046 0.2033 0.1442 0.0861  0.0323  -0.0001 4 MVA G CN    
309 C CA    . MVA C 4 ? 0.3913 0.2299 0.1542 0.0858  0.0274  -0.0021 4 MVA G CA    
310 C CB    . MVA C 4 ? 0.3833 0.2358 0.1543 0.0957  0.0244  0.0022  4 MVA G CB    
311 C CG1   . MVA C 4 ? 0.4007 0.2448 0.1622 0.1093  0.0261  0.0046  4 MVA G CG1   
312 C CG2   . MVA C 4 ? 0.3733 0.2310 0.1508 0.0927  0.0215  0.0024  4 MVA G CG2   
313 C C     . MVA C 4 ? 0.3796 0.2263 0.1505 0.0740  0.0258  -0.0033 4 MVA G C     
314 O O     . MVA C 4 ? 0.3677 0.2354 0.1505 0.0708  0.0237  -0.0019 4 MVA G O     
315 N N     . DSN C 5 ? 0.4224 0.2589 0.1908 0.0527  0.0257  -0.0061 5 DSN G N     
316 C CA    . DSN C 5 ? 0.4265 0.2642 0.1931 0.0446  0.0278  -0.0096 5 DSN G CA    
317 C C     . DSN C 5 ? 0.4747 0.2866 0.2229 0.0404  0.0329  -0.0124 5 DSN G C     
318 O O     . DSN C 5 ? 0.4777 0.2857 0.2207 0.0368  0.0353  -0.0178 5 DSN G O     
319 C CB    . DSN C 5 ? 0.4047 0.2535 0.1764 0.0508  0.0270  -0.0092 5 DSN G CB    
320 O OG    . DSN C 5 ? 0.4103 0.2434 0.1721 0.0597  0.0290  -0.0088 5 DSN G OG    
321 N N     . ALA C 6 ? 0.5211 0.3158 0.2584 0.0412  0.0351  -0.0093 6 ALA G N     
322 C CA    . ALA C 6 ? 0.5943 0.3564 0.3086 0.0368  0.0421  -0.0105 6 ALA G CA    
323 C C     . ALA C 6 ? 0.6525 0.3907 0.3533 0.0485  0.0460  -0.0102 6 ALA G C     
324 O O     . ALA C 6 ? 0.6299 0.3788 0.3382 0.0613  0.0429  -0.0064 6 ALA G O     
325 C CB    . ALA C 6 ? 0.6089 0.3624 0.3138 0.0354  0.0443  -0.0045 6 ALA G CB    
341 N N     . THR D 1 ? 0.3582 0.2297 0.1825 0.0683  0.0878  0.0262  1 THR C N     
342 C CA    . THR D 1 ? 0.3756 0.2683 0.1971 0.0697  0.0931  0.0291  1 THR C CA    
343 C C     . THR D 1 ? 0.3923 0.2883 0.2040 0.0770  0.0918  0.0294  1 THR C C     
344 O O     . THR D 1 ? 0.3955 0.2778 0.2001 0.0786  0.0897  0.0303  1 THR C O     
345 C CB    . THR D 1 ? 0.3836 0.2856 0.2115 0.0555  0.0987  0.0358  1 THR C CB    
346 O OG1   . THR D 1 ? 0.4003 0.2853 0.2232 0.0508  0.1004  0.0412  1 THR C OG1   
347 C CG2   . THR D 1 ? 0.3694 0.2732 0.2076 0.0469  0.1000  0.0340  1 THR C CG2   
348 N N     . DVA D 2 ? 0.4006 0.3185 0.2124 0.0816  0.0927  0.0289  2 DVA C N     
349 C CA    . DVA D 2 ? 0.4094 0.3378 0.2135 0.0868  0.0924  0.0306  2 DVA C CA    
350 C CB    . DVA D 2 ? 0.4014 0.3578 0.2086 0.0840  0.0964  0.0354  2 DVA C CB    
351 C CG1   . DVA D 2 ? 0.4085 0.3820 0.2096 0.0958  0.0938  0.0305  2 DVA C CG1   
352 C CG2   . DVA D 2 ? 0.3876 0.3563 0.2046 0.0799  0.0982  0.0342  2 DVA C CG2   
353 C C     . DVA D 2 ? 0.4240 0.3488 0.2211 0.0994  0.0864  0.0201  2 DVA C C     
354 O O     . DVA D 2 ? 0.4252 0.3518 0.2250 0.1063  0.0842  0.0120  2 DVA C O     
355 N N     . PRO D 3 ? 0.4346 0.3533 0.2240 0.1017  0.0839  0.0198  3 PRO C N     
356 C CA    . PRO D 3 ? 0.4419 0.3509 0.2284 0.0958  0.0858  0.0296  3 PRO C CA    
357 C C     . PRO D 3 ? 0.4546 0.3787 0.2411 0.0917  0.0911  0.0417  3 PRO C C     
358 O O     . PRO D 3 ? 0.4698 0.4155 0.2535 0.0973  0.0908  0.0409  3 PRO C O     
359 C CB    . PRO D 3 ? 0.4457 0.3505 0.2241 0.1031  0.0798  0.0229  3 PRO C CB    
360 C CG    . PRO D 3 ? 0.4461 0.3592 0.2241 0.1107  0.0750  0.0086  3 PRO C CG    
361 C CD    . PRO D 3 ? 0.4430 0.3684 0.2264 0.1114  0.0785  0.0092  3 PRO C CD    
362 N N     . SAR D 4 ? 0.4525 0.3650 0.2427 0.0819  0.0957  0.0522  4 SAR C N     
363 C CA    . SAR D 4 ? 0.4407 0.3292 0.2348 0.0758  0.0954  0.0516  4 SAR C CA    
364 C C     . SAR D 4 ? 0.4314 0.3197 0.2355 0.0632  0.1004  0.0537  4 SAR C C     
365 O O     . SAR D 4 ? 0.4310 0.3388 0.2382 0.0613  0.1025  0.0533  4 SAR C O     
366 C CN    . SAR D 4 ? 0.4645 0.3836 0.2542 0.0783  0.1001  0.0642  4 SAR C CN    
367 N N     . MVA D 5 ? 0.4277 0.2965 0.2370 0.0547  0.1019  0.0551  5 MVA C N     
368 C CN    . MVA D 5 ? 0.4265 0.2751 0.2329 0.0589  0.0978  0.0537  5 MVA C CN    
369 C CA    . MVA D 5 ? 0.4240 0.2942 0.2428 0.0409  0.1069  0.0555  5 MVA C CA    
370 C CB    . MVA D 5 ? 0.4697 0.3391 0.2915 0.0292  0.1140  0.0646  5 MVA C CB    
371 C CG1   . MVA D 5 ? 0.4843 0.3694 0.3005 0.0333  0.1160  0.0727  5 MVA C CG1   
372 C CG2   . MVA D 5 ? 0.4666 0.3432 0.2976 0.0130  0.1197  0.0628  5 MVA C CG2   
373 C C     . MVA D 5 ? 0.4117 0.3015 0.2357 0.0408  0.1062  0.0490  5 MVA C C     
374 O O     . MVA D 5 ? 0.4157 0.3323 0.2437 0.0365  0.1096  0.0504  5 MVA C O     
375 C C1    . PXZ D 6 ? 0.3514 0.1952 0.1859 0.0665  0.0769  0.0197  6 PXZ C C1    
376 C C0    . PXZ D 6 ? 0.3515 0.2135 0.1834 0.0691  0.0827  0.0216  6 PXZ C C0    
377 O O1    . PXZ D 6 ? 0.3443 0.2203 0.1826 0.0691  0.0852  0.0219  6 PXZ C O1    
378 C C2    . PXZ D 6 ? 0.3494 0.1925 0.1936 0.0580  0.0773  0.0215  6 PXZ C C2    
379 N N2    . PXZ D 6 ? 0.3484 0.2074 0.1997 0.0511  0.0825  0.0237  6 PXZ C N2    
380 C C3    . PXZ D 6 ? 0.3480 0.1783 0.1952 0.0558  0.0723  0.0202  6 PXZ C C3    
381 O O3    . PXZ D 6 ? 0.3490 0.1809 0.2043 0.0489  0.0728  0.0208  6 PXZ C O3    
382 C C4    . PXZ D 6 ? 0.3463 0.1661 0.1873 0.0612  0.0670  0.0174  6 PXZ C C4    
383 O O5    . PXZ D 6 ? 0.3628 0.1782 0.1886 0.0724  0.0612  0.0101  6 PXZ C O5    
384 C C6    . PXZ D 6 ? 0.3837 0.2029 0.1940 0.0822  0.0553  -0.0011 6 PXZ C C6    
385 C C7    . PXZ D 6 ? 0.3840 0.2117 0.1846 0.0890  0.0548  -0.0081 6 PXZ C C7    
386 C C8    . PXZ D 6 ? 0.3872 0.2240 0.1842 0.0940  0.0597  -0.0076 6 PXZ C C8    
387 C C9    . PXZ D 6 ? 0.3857 0.2236 0.1886 0.0913  0.0652  0.0001  6 PXZ C C9    
388 C "C0'" . PXZ D 6 ? 0.4057 0.2588 0.2045 0.0971  0.0698  0.0002  6 PXZ C "C0'" 
389 O "O1'" . PXZ D 6 ? 0.4230 0.2885 0.2140 0.0991  0.0728  0.0053  6 PXZ C "O1'" 
390 N N10   . PXZ D 6 ? 0.3555 0.1923 0.1740 0.0798  0.0711  0.0117  6 PXZ C N10   
391 C C11   . PXZ D 6 ? 0.3529 0.1855 0.1809 0.0717  0.0715  0.0156  6 PXZ C C11   
392 C C12   . PXZ D 6 ? 0.3519 0.1733 0.1833 0.0685  0.0665  0.0147  6 PXZ C C12   
393 C C13   . PXZ D 6 ? 0.3728 0.1931 0.1891 0.0793  0.0608  0.0054  6 PXZ C C13   
394 C C14   . PXZ D 6 ? 0.3679 0.1982 0.1807 0.0834  0.0657  0.0061  6 PXZ C C14   
395 C C15   . PXZ D 6 ? 0.3377 0.1525 0.1847 0.0569  0.0615  0.0166  6 PXZ C C15   
396 C C16   . PXZ D 6 ? 0.3934 0.2087 0.2054 0.0792  0.0490  -0.0036 6 PXZ C C16   
397 N N     . THR D 7 ? 0.4010 0.2579 0.2086 0.0980  0.0723  0.0003  7 THR C N     
398 C CA    . THR D 7 ? 0.4115 0.2858 0.2186 0.1045  0.0748  -0.0008 7 THR C CA    
399 C C     . THR D 7 ? 0.4062 0.2881 0.2215 0.1037  0.0792  0.0042  7 THR C C     
400 O O     . THR D 7 ? 0.3811 0.2525 0.2037 0.1007  0.0786  0.0050  7 THR C O     
401 C CB    . THR D 7 ? 0.7075 0.5791 0.5150 0.1118  0.0695  -0.0125 7 THR C CB    
402 O OG1   . THR D 7 ? 0.6883 0.5422 0.5049 0.1094  0.0657  -0.0163 7 THR C OG1   
403 C CG2   . THR D 7 ? 0.7228 0.5967 0.5220 0.1130  0.0655  -0.0194 7 THR C CG2   
404 N N     . DVA D 8 ? 0.4279 0.3328 0.2435 0.1060  0.0832  0.0078  8 DVA C N     
405 C CA    . DVA D 8 ? 0.4349 0.3535 0.2592 0.1075  0.0861  0.0108  8 DVA C CA    
406 C CB    . DVA D 8 ? 0.4038 0.3433 0.2277 0.1183  0.0866  0.0084  8 DVA C CB    
407 C CG1   . DVA D 8 ? 0.4011 0.3721 0.2301 0.1126  0.0909  0.0156  8 DVA C CG1   
408 C CG2   . DVA D 8 ? 0.4098 0.3461 0.2248 0.1249  0.0833  0.0009  8 DVA C CG2   
409 C C     . DVA D 8 ? 0.4277 0.3585 0.2586 0.0949  0.0904  0.0189  8 DVA C C     
410 O O     . DVA D 8 ? 0.4161 0.3575 0.2457 0.0864  0.0930  0.0236  8 DVA C O     
411 N N     . PRO D 9 ? 0.4373 0.3656 0.2764 0.0922  0.0908  0.0203  9 PRO C N     
412 C CA    . PRO D 9 ? 0.4530 0.3637 0.2941 0.1008  0.0880  0.0166  9 PRO C CA    
413 C C     . PRO D 9 ? 0.4786 0.3987 0.3224 0.1144  0.0879  0.0154  9 PRO C C     
414 O O     . PRO D 9 ? 0.4602 0.4074 0.3074 0.1168  0.0905  0.0189  9 PRO C O     
415 C CB    . PRO D 9 ? 0.4332 0.3463 0.2837 0.0921  0.0893  0.0209  9 PRO C CB    
416 C CG    . PRO D 9 ? 0.4212 0.3622 0.2769 0.0820  0.0929  0.0252  9 PRO C CG    
417 C CD    . PRO D 9 ? 0.4277 0.3696 0.2757 0.0785  0.0939  0.0252  9 PRO C CD    
# 
